data_7SGT
#
_entry.id   7SGT
#
_entity_poly.entity_id   1
_entity_poly.type   'polypeptide(L)'
_entity_poly.pdbx_seq_one_letter_code
;SNTYSMCDKTKFKWKRVPVDSGHDTVVMEVSYTGSDKPCRIPVRAVAHGVPTINVAMLITPNPTIETSGGGFIEMQLPPG
DNIIYVGDLSQQWFQKGSTIGR
;
_entity_poly.pdbx_strand_id   A
#
# COMPACT_ATOMS: atom_id res chain seq x y z
N SER A 1 -16.95 10.92 -15.76
CA SER A 1 -15.87 10.02 -15.33
C SER A 1 -16.27 8.56 -15.50
N ASN A 2 -15.30 7.67 -15.56
CA ASN A 2 -15.59 6.25 -15.71
C ASN A 2 -15.70 5.59 -14.34
N THR A 3 -16.03 4.31 -14.32
CA THR A 3 -16.19 3.57 -13.08
C THR A 3 -14.89 3.54 -12.28
N TYR A 4 -13.80 3.19 -12.93
CA TYR A 4 -12.53 3.14 -12.23
C TYR A 4 -11.83 4.47 -12.29
N SER A 5 -12.10 5.24 -11.33
CA SER A 5 -11.49 6.53 -11.17
C SER A 5 -10.62 6.47 -9.94
N MET A 6 -10.06 7.57 -9.53
CA MET A 6 -9.23 7.57 -8.36
C MET A 6 -10.10 7.68 -7.12
N CYS A 7 -9.82 6.85 -6.15
CA CYS A 7 -10.57 6.84 -4.92
C CYS A 7 -10.12 8.01 -4.06
N ASP A 8 -11.03 8.58 -3.27
CA ASP A 8 -10.67 9.67 -2.38
C ASP A 8 -9.67 9.18 -1.36
N LYS A 9 -8.59 9.89 -1.24
CA LYS A 9 -7.50 9.52 -0.35
C LYS A 9 -7.96 9.47 1.10
N THR A 10 -8.84 10.37 1.45
CA THR A 10 -9.31 10.50 2.82
C THR A 10 -10.45 9.54 3.17
N LYS A 11 -10.87 8.70 2.24
CA LYS A 11 -11.97 7.78 2.49
C LYS A 11 -11.50 6.33 2.60
N PHE A 12 -10.24 6.14 2.95
CA PHE A 12 -9.68 4.81 3.11
C PHE A 12 -9.65 4.40 4.57
N LYS A 13 -9.79 3.11 4.82
CA LYS A 13 -9.77 2.55 6.15
C LYS A 13 -9.04 1.22 6.13
N TRP A 14 -8.37 0.88 7.21
CA TRP A 14 -7.56 -0.32 7.23
C TRP A 14 -8.39 -1.58 7.43
N LYS A 15 -8.16 -2.53 6.54
CA LYS A 15 -8.81 -3.83 6.61
C LYS A 15 -7.82 -4.85 7.13
N ARG A 16 -6.68 -4.90 6.47
CA ARG A 16 -5.60 -5.79 6.84
C ARG A 16 -4.30 -5.00 6.81
N VAL A 17 -3.56 -5.01 7.90
CA VAL A 17 -2.32 -4.27 7.98
C VAL A 17 -1.23 -4.96 7.16
N PRO A 18 -0.28 -4.16 6.63
CA PRO A 18 0.85 -4.67 5.85
C PRO A 18 1.61 -5.77 6.59
N VAL A 19 1.82 -6.88 5.91
CA VAL A 19 2.55 -8.02 6.45
C VAL A 19 3.02 -8.93 5.31
N ASP A 20 4.12 -9.63 5.51
CA ASP A 20 4.61 -10.57 4.51
C ASP A 20 4.00 -11.93 4.78
N SER A 21 3.23 -12.41 3.82
CA SER A 21 2.61 -13.72 3.90
C SER A 21 3.68 -14.80 4.01
N GLY A 22 4.81 -14.54 3.37
CA GLY A 22 5.89 -15.51 3.34
C GLY A 22 6.55 -15.54 1.99
N HIS A 23 6.44 -14.45 1.24
CA HIS A 23 7.02 -14.38 -0.08
C HIS A 23 7.82 -13.10 -0.27
N ASP A 24 8.26 -12.52 0.84
CA ASP A 24 9.10 -11.33 0.85
C ASP A 24 8.38 -10.14 0.23
N THR A 25 7.08 -10.10 0.42
CA THR A 25 6.28 -9.01 -0.08
C THR A 25 5.36 -8.53 1.00
N VAL A 26 5.03 -7.28 0.95
CA VAL A 26 4.20 -6.69 1.95
C VAL A 26 2.78 -6.61 1.43
N VAL A 27 1.88 -7.31 2.09
CA VAL A 27 0.49 -7.35 1.67
C VAL A 27 -0.41 -6.65 2.69
N MET A 28 -1.30 -5.83 2.20
CA MET A 28 -2.25 -5.14 3.03
C MET A 28 -3.58 -5.06 2.31
N GLU A 29 -4.63 -4.88 3.05
CA GLU A 29 -5.94 -4.71 2.46
C GLU A 29 -6.55 -3.45 2.99
N VAL A 30 -7.14 -2.69 2.12
CA VAL A 30 -7.75 -1.47 2.51
C VAL A 30 -9.19 -1.38 2.02
N SER A 31 -10.01 -0.80 2.83
CA SER A 31 -11.41 -0.62 2.52
C SER A 31 -11.70 0.83 2.15
N TYR A 32 -12.79 1.06 1.44
CA TYR A 32 -13.13 2.40 0.98
C TYR A 32 -14.63 2.67 1.12
N THR A 33 -14.96 3.75 1.81
CA THR A 33 -16.34 4.06 2.12
C THR A 33 -16.94 5.12 1.18
N GLY A 34 -16.15 5.59 0.24
CA GLY A 34 -16.63 6.61 -0.68
C GLY A 34 -17.40 6.03 -1.85
N SER A 35 -17.86 6.90 -2.73
CA SER A 35 -18.59 6.48 -3.91
C SER A 35 -17.62 6.24 -5.07
N ASP A 36 -18.17 5.97 -6.26
CA ASP A 36 -17.37 5.73 -7.48
C ASP A 36 -16.57 4.43 -7.37
N LYS A 37 -17.21 3.43 -6.79
CA LYS A 37 -16.61 2.11 -6.62
C LYS A 37 -17.18 1.14 -7.65
N PRO A 38 -16.36 0.18 -8.14
CA PRO A 38 -14.93 0.04 -7.81
C PRO A 38 -14.07 1.17 -8.39
N CYS A 39 -12.98 1.47 -7.71
CA CYS A 39 -12.09 2.55 -8.11
C CYS A 39 -10.60 2.20 -7.87
N ARG A 40 -9.70 3.02 -8.42
CA ARG A 40 -8.24 2.82 -8.28
C ARG A 40 -7.70 3.45 -6.98
N ILE A 41 -6.84 2.70 -6.30
CA ILE A 41 -6.26 3.12 -5.01
C ILE A 41 -4.96 3.91 -5.21
N PRO A 42 -4.86 5.09 -4.56
CA PRO A 42 -3.62 5.85 -4.52
C PRO A 42 -2.67 5.26 -3.47
N VAL A 43 -1.58 4.66 -3.93
CA VAL A 43 -0.65 4.03 -3.01
C VAL A 43 0.80 4.50 -3.26
N ARG A 44 1.53 4.75 -2.16
CA ARG A 44 2.92 5.20 -2.23
C ARG A 44 3.66 4.82 -0.93
N ALA A 45 4.99 4.79 -0.96
CA ALA A 45 5.77 4.46 0.23
C ALA A 45 7.14 5.12 0.18
N VAL A 46 7.69 5.43 1.35
CA VAL A 46 9.00 6.08 1.44
C VAL A 46 9.84 5.40 2.52
N ALA A 47 11.12 5.66 2.49
CA ALA A 47 12.03 5.12 3.49
C ALA A 47 12.42 6.23 4.46
N HIS A 48 12.98 5.88 5.60
CA HIS A 48 13.40 6.89 6.57
C HIS A 48 14.58 7.66 6.01
N GLY A 49 14.39 8.95 5.83
CA GLY A 49 15.44 9.78 5.28
C GLY A 49 15.26 10.00 3.78
N VAL A 50 14.35 9.24 3.18
CA VAL A 50 14.06 9.37 1.75
C VAL A 50 12.60 9.75 1.55
N PRO A 51 12.29 11.05 1.54
CA PRO A 51 10.93 11.55 1.41
C PRO A 51 10.49 11.80 -0.04
N THR A 52 11.43 12.03 -0.90
CA THR A 52 11.11 12.46 -2.25
C THR A 52 11.11 11.32 -3.27
N ILE A 53 11.53 10.16 -2.84
CA ILE A 53 11.55 9.00 -3.72
C ILE A 53 10.55 7.95 -3.27
N ASN A 54 9.67 7.55 -4.17
CA ASN A 54 8.70 6.51 -3.90
C ASN A 54 9.40 5.16 -3.91
N VAL A 55 9.56 4.59 -2.74
CA VAL A 55 10.29 3.35 -2.61
C VAL A 55 9.38 2.13 -2.84
N ALA A 56 8.08 2.37 -2.88
CA ALA A 56 7.10 1.29 -3.04
C ALA A 56 7.28 0.52 -4.33
N MET A 57 7.89 -0.66 -4.26
CA MET A 57 7.98 -1.52 -5.41
C MET A 57 6.69 -2.29 -5.50
N LEU A 58 5.77 -1.75 -6.25
CA LEU A 58 4.42 -2.26 -6.31
C LEU A 58 4.33 -3.46 -7.23
N ILE A 59 3.89 -4.59 -6.67
CA ILE A 59 3.71 -5.82 -7.43
C ILE A 59 2.54 -5.64 -8.38
N THR A 60 1.48 -5.07 -7.84
CA THR A 60 0.25 -4.83 -8.57
C THR A 60 0.22 -3.39 -9.07
N PRO A 61 0.46 -3.17 -10.37
CA PRO A 61 0.59 -1.82 -10.95
C PRO A 61 -0.71 -1.02 -10.94
N ASN A 62 -1.77 -1.65 -10.53
CA ASN A 62 -3.07 -0.99 -10.47
C ASN A 62 -3.94 -1.53 -9.32
N PRO A 63 -3.69 -1.06 -8.09
CA PRO A 63 -4.50 -1.44 -6.94
C PRO A 63 -5.92 -0.89 -7.06
N THR A 64 -6.91 -1.69 -6.70
CA THR A 64 -8.30 -1.28 -6.85
C THR A 64 -9.15 -1.62 -5.63
N ILE A 65 -10.23 -0.88 -5.50
CA ILE A 65 -11.22 -1.07 -4.44
C ILE A 65 -12.48 -1.65 -5.04
N GLU A 66 -12.92 -2.78 -4.52
CA GLU A 66 -14.16 -3.37 -4.98
C GLU A 66 -15.35 -2.67 -4.33
N THR A 67 -16.51 -3.28 -4.40
CA THR A 67 -17.73 -2.73 -3.82
C THR A 67 -17.54 -2.29 -2.34
N SER A 68 -16.90 -3.12 -1.52
CA SER A 68 -16.65 -2.74 -0.13
C SER A 68 -15.17 -2.53 0.16
N GLY A 69 -14.34 -2.79 -0.81
CA GLY A 69 -12.93 -2.64 -0.61
C GLY A 69 -12.20 -3.91 -0.93
N GLY A 70 -11.50 -4.45 0.04
CA GLY A 70 -10.75 -5.66 -0.18
C GLY A 70 -9.58 -5.41 -1.09
N GLY A 71 -9.03 -4.20 -1.00
CA GLY A 71 -7.93 -3.82 -1.84
C GLY A 71 -6.65 -4.44 -1.36
N PHE A 72 -6.33 -5.57 -1.95
CA PHE A 72 -5.14 -6.31 -1.61
C PHE A 72 -3.96 -5.74 -2.38
N ILE A 73 -3.00 -5.22 -1.67
CA ILE A 73 -1.84 -4.58 -2.29
C ILE A 73 -0.55 -5.26 -1.85
N GLU A 74 0.30 -5.63 -2.82
CA GLU A 74 1.61 -6.19 -2.51
C GLU A 74 2.69 -5.25 -2.95
N MET A 75 3.62 -4.98 -2.08
CA MET A 75 4.75 -4.16 -2.40
C MET A 75 5.98 -4.69 -1.74
N GLN A 76 7.09 -4.48 -2.37
CA GLN A 76 8.35 -4.88 -1.82
C GLN A 76 9.15 -3.66 -1.45
N LEU A 77 9.67 -3.65 -0.24
CA LEU A 77 10.39 -2.52 0.28
C LEU A 77 11.78 -2.89 0.76
N PRO A 78 12.72 -1.95 0.64
CA PRO A 78 14.09 -2.07 1.13
C PRO A 78 14.12 -2.35 2.64
N PRO A 79 15.07 -3.18 3.11
CA PRO A 79 15.18 -3.48 4.53
C PRO A 79 15.45 -2.23 5.35
N GLY A 80 14.83 -2.17 6.50
CA GLY A 80 14.90 -1.01 7.34
C GLY A 80 13.51 -0.54 7.69
N ASP A 81 13.37 0.68 8.13
CA ASP A 81 12.07 1.20 8.49
C ASP A 81 11.53 2.07 7.37
N ASN A 82 10.38 1.70 6.85
CA ASN A 82 9.76 2.41 5.75
C ASN A 82 8.39 2.93 6.13
N ILE A 83 7.92 3.93 5.43
CA ILE A 83 6.62 4.51 5.68
C ILE A 83 5.71 4.26 4.47
N ILE A 84 4.62 3.56 4.68
CA ILE A 84 3.68 3.27 3.60
C ILE A 84 2.45 4.17 3.73
N TYR A 85 2.06 4.80 2.64
CA TYR A 85 0.88 5.66 2.66
C TYR A 85 -0.17 5.14 1.67
N VAL A 86 -1.38 5.04 2.15
CA VAL A 86 -2.51 4.67 1.32
C VAL A 86 -3.55 5.76 1.44
N GLY A 87 -3.78 6.50 0.38
CA GLY A 87 -4.64 7.65 0.49
C GLY A 87 -4.02 8.66 1.44
N ASP A 88 -4.75 9.01 2.49
CA ASP A 88 -4.22 9.92 3.51
C ASP A 88 -3.70 9.12 4.70
N LEU A 89 -3.76 7.79 4.59
CA LEU A 89 -3.34 6.91 5.68
C LEU A 89 -1.85 6.72 5.71
N SER A 90 -1.32 6.50 6.89
CA SER A 90 0.10 6.27 7.07
C SER A 90 0.32 5.04 7.95
N GLN A 91 1.23 4.18 7.53
CA GLN A 91 1.56 2.97 8.26
C GLN A 91 3.01 2.56 7.98
N GLN A 92 3.82 2.49 9.01
CA GLN A 92 5.22 2.17 8.86
C GLN A 92 5.48 0.66 8.83
N TRP A 93 6.45 0.26 8.03
CA TRP A 93 6.82 -1.12 7.90
C TRP A 93 8.31 -1.30 8.14
N PHE A 94 8.65 -2.25 8.98
CA PHE A 94 10.04 -2.57 9.22
C PHE A 94 10.38 -3.83 8.44
N GLN A 95 11.24 -3.69 7.47
CA GLN A 95 11.64 -4.81 6.63
C GLN A 95 12.98 -5.37 7.06
N LYS A 96 13.06 -6.67 7.11
CA LYS A 96 14.28 -7.35 7.49
C LYS A 96 15.10 -7.73 6.27
N GLY A 97 16.39 -7.90 6.46
CA GLY A 97 17.26 -8.24 5.36
C GLY A 97 18.60 -7.56 5.49
N SER A 98 19.24 -7.34 4.36
CA SER A 98 20.52 -6.69 4.35
C SER A 98 20.39 -5.30 3.74
N THR A 99 20.95 -4.31 4.42
CA THR A 99 20.89 -2.94 3.98
C THR A 99 22.09 -2.20 4.53
N ILE A 100 22.45 -1.11 3.91
CA ILE A 100 23.56 -0.30 4.37
C ILE A 100 23.11 0.58 5.52
N GLY A 101 23.75 0.44 6.65
CA GLY A 101 23.40 1.22 7.81
C GLY A 101 24.14 2.54 7.85
N ARG A 102 25.43 2.50 7.68
CA ARG A 102 26.26 3.69 7.70
C ARG A 102 27.60 3.45 6.99
N SER A 1 -14.90 2.34 -21.56
CA SER A 1 -15.27 3.36 -20.56
C SER A 1 -14.50 3.13 -19.27
N ASN A 2 -14.14 4.21 -18.59
CA ASN A 2 -13.38 4.11 -17.36
C ASN A 2 -14.27 3.78 -16.17
N THR A 3 -14.38 2.50 -15.87
CA THR A 3 -15.14 2.05 -14.73
C THR A 3 -14.48 2.51 -13.44
N TYR A 4 -13.16 2.42 -13.42
CA TYR A 4 -12.39 2.77 -12.25
C TYR A 4 -11.82 4.15 -12.35
N SER A 5 -12.04 4.91 -11.33
CA SER A 5 -11.51 6.22 -11.22
C SER A 5 -10.48 6.24 -10.09
N MET A 6 -9.95 7.40 -9.75
CA MET A 6 -8.99 7.49 -8.71
C MET A 6 -9.65 7.85 -7.40
N CYS A 7 -9.39 7.02 -6.40
CA CYS A 7 -9.99 7.17 -5.09
C CYS A 7 -9.42 8.34 -4.32
N ASP A 8 -10.27 9.00 -3.55
CA ASP A 8 -9.85 10.09 -2.70
C ASP A 8 -9.12 9.54 -1.49
N LYS A 9 -8.06 10.20 -1.09
CA LYS A 9 -7.22 9.75 0.00
C LYS A 9 -7.96 9.66 1.34
N THR A 10 -8.96 10.50 1.51
CA THR A 10 -9.66 10.60 2.78
C THR A 10 -10.74 9.51 2.96
N LYS A 11 -10.88 8.61 2.00
CA LYS A 11 -11.92 7.59 2.10
C LYS A 11 -11.34 6.19 2.34
N PHE A 12 -10.05 6.11 2.71
CA PHE A 12 -9.39 4.83 2.93
C PHE A 12 -9.32 4.47 4.40
N LYS A 13 -9.50 3.19 4.69
CA LYS A 13 -9.44 2.69 6.06
C LYS A 13 -8.69 1.39 6.14
N TRP A 14 -8.15 1.11 7.31
CA TRP A 14 -7.31 -0.06 7.47
C TRP A 14 -8.10 -1.31 7.77
N LYS A 15 -8.34 -2.11 6.74
CA LYS A 15 -8.97 -3.41 6.95
C LYS A 15 -7.97 -4.35 7.59
N ARG A 16 -6.82 -4.46 6.95
CA ARG A 16 -5.72 -5.28 7.44
C ARG A 16 -4.42 -4.53 7.22
N VAL A 17 -3.60 -4.45 8.25
CA VAL A 17 -2.35 -3.74 8.15
C VAL A 17 -1.31 -4.56 7.37
N PRO A 18 -0.31 -3.86 6.79
CA PRO A 18 0.78 -4.47 6.03
C PRO A 18 1.41 -5.68 6.72
N VAL A 19 1.61 -6.74 5.95
CA VAL A 19 2.25 -7.95 6.43
C VAL A 19 2.87 -8.72 5.25
N ASP A 20 3.90 -9.50 5.50
CA ASP A 20 4.50 -10.33 4.45
C ASP A 20 3.71 -11.60 4.27
N SER A 21 3.30 -11.84 3.04
CA SER A 21 2.57 -13.03 2.70
C SER A 21 3.46 -14.27 2.84
N GLY A 22 4.77 -14.04 2.93
CA GLY A 22 5.71 -15.13 3.08
C GLY A 22 6.72 -15.15 1.95
N HIS A 23 6.93 -14.00 1.34
CA HIS A 23 7.85 -13.90 0.21
C HIS A 23 8.49 -12.51 0.11
N ASP A 24 8.65 -11.86 1.26
CA ASP A 24 9.31 -10.55 1.38
C ASP A 24 8.58 -9.43 0.65
N THR A 25 7.29 -9.53 0.56
CA THR A 25 6.50 -8.46 -0.01
C THR A 25 5.45 -8.05 0.98
N VAL A 26 5.09 -6.79 0.96
CA VAL A 26 4.14 -6.28 1.90
C VAL A 26 2.74 -6.28 1.32
N VAL A 27 1.86 -7.03 1.95
CA VAL A 27 0.47 -7.13 1.52
C VAL A 27 -0.46 -6.60 2.61
N MET A 28 -1.45 -5.84 2.22
CA MET A 28 -2.41 -5.27 3.15
C MET A 28 -3.77 -5.17 2.48
N GLU A 29 -4.81 -4.98 3.28
CA GLU A 29 -6.15 -4.77 2.74
C GLU A 29 -6.70 -3.45 3.20
N VAL A 30 -7.21 -2.69 2.29
CA VAL A 30 -7.75 -1.41 2.61
C VAL A 30 -9.21 -1.33 2.20
N SER A 31 -9.97 -0.74 3.07
CA SER A 31 -11.40 -0.57 2.87
C SER A 31 -11.68 0.83 2.35
N TYR A 32 -12.74 0.99 1.57
CA TYR A 32 -13.04 2.30 1.00
C TYR A 32 -14.48 2.67 1.28
N THR A 33 -14.67 3.77 1.99
CA THR A 33 -16.00 4.19 2.40
C THR A 33 -16.61 5.19 1.42
N GLY A 34 -15.79 5.71 0.53
CA GLY A 34 -16.27 6.65 -0.47
C GLY A 34 -17.12 5.98 -1.52
N SER A 35 -17.99 6.74 -2.14
CA SER A 35 -18.87 6.20 -3.16
C SER A 35 -18.15 6.08 -4.51
N ASP A 36 -18.90 5.64 -5.53
CA ASP A 36 -18.41 5.47 -6.90
C ASP A 36 -17.48 4.26 -7.05
N LYS A 37 -17.63 3.31 -6.14
CA LYS A 37 -16.87 2.06 -6.21
C LYS A 37 -17.47 1.17 -7.30
N PRO A 38 -16.68 0.29 -7.96
CA PRO A 38 -15.22 0.11 -7.73
C PRO A 38 -14.36 1.30 -8.17
N CYS A 39 -13.13 1.36 -7.67
CA CYS A 39 -12.22 2.50 -7.89
C CYS A 39 -10.73 2.05 -7.77
N ARG A 40 -9.77 2.92 -8.10
CA ARG A 40 -8.32 2.60 -8.01
C ARG A 40 -7.65 3.27 -6.80
N ILE A 41 -6.77 2.52 -6.16
CA ILE A 41 -6.09 2.96 -4.94
C ILE A 41 -4.78 3.72 -5.22
N PRO A 42 -4.62 4.92 -4.63
CA PRO A 42 -3.36 5.66 -4.68
C PRO A 42 -2.37 5.11 -3.63
N VAL A 43 -1.32 4.44 -4.09
CA VAL A 43 -0.35 3.87 -3.15
C VAL A 43 1.07 4.39 -3.38
N ARG A 44 1.80 4.58 -2.29
CA ARG A 44 3.20 5.02 -2.35
C ARG A 44 3.91 4.63 -1.07
N ALA A 45 5.22 4.64 -1.08
CA ALA A 45 6.00 4.31 0.09
C ALA A 45 7.33 5.02 0.05
N VAL A 46 7.89 5.30 1.21
CA VAL A 46 9.18 5.97 1.31
C VAL A 46 10.00 5.33 2.42
N ALA A 47 11.27 5.67 2.47
CA ALA A 47 12.14 5.14 3.50
C ALA A 47 12.37 6.18 4.59
N HIS A 48 12.75 5.72 5.78
CA HIS A 48 13.02 6.63 6.89
C HIS A 48 14.19 7.55 6.55
N GLY A 49 13.90 8.82 6.36
CA GLY A 49 14.92 9.77 6.01
C GLY A 49 14.85 10.18 4.55
N VAL A 50 14.02 9.49 3.77
CA VAL A 50 13.86 9.79 2.35
C VAL A 50 12.37 9.98 2.02
N PRO A 51 11.82 11.16 2.32
CA PRO A 51 10.39 11.46 2.13
C PRO A 51 10.00 11.72 0.68
N THR A 52 10.96 12.07 -0.13
CA THR A 52 10.68 12.55 -1.47
C THR A 52 10.85 11.48 -2.55
N ILE A 53 11.41 10.35 -2.21
CA ILE A 53 11.59 9.27 -3.17
C ILE A 53 10.63 8.13 -2.88
N ASN A 54 9.84 7.78 -3.89
CA ASN A 54 8.87 6.70 -3.77
C ASN A 54 9.59 5.36 -3.91
N VAL A 55 9.65 4.62 -2.84
CA VAL A 55 10.36 3.35 -2.81
C VAL A 55 9.39 2.17 -3.01
N ALA A 56 8.11 2.47 -3.22
CA ALA A 56 7.11 1.43 -3.34
C ALA A 56 7.23 0.66 -4.65
N MET A 57 7.85 -0.50 -4.59
CA MET A 57 7.91 -1.37 -5.74
C MET A 57 6.59 -2.11 -5.80
N LEU A 58 5.64 -1.53 -6.51
CA LEU A 58 4.30 -2.05 -6.55
C LEU A 58 4.22 -3.32 -7.36
N ILE A 59 4.08 -4.44 -6.65
CA ILE A 59 3.95 -5.74 -7.28
C ILE A 59 2.64 -5.79 -8.05
N THR A 60 1.60 -5.26 -7.43
CA THR A 60 0.29 -5.17 -8.06
C THR A 60 0.10 -3.77 -8.65
N PRO A 61 0.42 -3.58 -9.95
CA PRO A 61 0.43 -2.27 -10.61
C PRO A 61 -0.92 -1.61 -10.66
N ASN A 62 -1.92 -2.39 -10.41
CA ASN A 62 -3.28 -1.91 -10.44
C ASN A 62 -4.05 -2.30 -9.17
N PRO A 63 -3.80 -1.61 -8.05
CA PRO A 63 -4.52 -1.85 -6.81
C PRO A 63 -5.92 -1.25 -6.92
N THR A 64 -6.93 -2.08 -6.80
CA THR A 64 -8.30 -1.63 -6.99
C THR A 64 -9.18 -1.85 -5.77
N ILE A 65 -10.16 -0.99 -5.67
CA ILE A 65 -11.18 -1.03 -4.65
C ILE A 65 -12.45 -1.61 -5.25
N GLU A 66 -12.95 -2.66 -4.65
CA GLU A 66 -14.17 -3.29 -5.11
C GLU A 66 -15.38 -2.57 -4.49
N THR A 67 -16.53 -3.19 -4.59
CA THR A 67 -17.76 -2.63 -4.06
C THR A 67 -17.70 -2.35 -2.54
N SER A 68 -16.86 -3.10 -1.83
CA SER A 68 -16.68 -2.87 -0.38
C SER A 68 -15.23 -2.58 -0.02
N GLY A 69 -14.38 -2.48 -1.01
CA GLY A 69 -12.98 -2.29 -0.75
C GLY A 69 -12.20 -3.52 -1.11
N GLY A 70 -11.71 -4.22 -0.10
CA GLY A 70 -10.96 -5.44 -0.34
C GLY A 70 -9.72 -5.16 -1.14
N GLY A 71 -9.10 -4.03 -0.88
CA GLY A 71 -7.94 -3.62 -1.62
C GLY A 71 -6.72 -4.35 -1.16
N PHE A 72 -6.44 -5.46 -1.78
CA PHE A 72 -5.27 -6.23 -1.46
C PHE A 72 -4.08 -5.67 -2.22
N ILE A 73 -3.24 -4.96 -1.51
CA ILE A 73 -2.11 -4.28 -2.10
C ILE A 73 -0.83 -5.02 -1.79
N GLU A 74 -0.07 -5.32 -2.82
CA GLU A 74 1.21 -5.98 -2.63
C GLU A 74 2.33 -5.14 -3.22
N MET A 75 3.27 -4.75 -2.36
CA MET A 75 4.41 -3.98 -2.78
C MET A 75 5.66 -4.50 -2.11
N GLN A 76 6.77 -4.27 -2.75
CA GLN A 76 8.06 -4.69 -2.24
C GLN A 76 8.87 -3.47 -1.83
N LEU A 77 9.46 -3.53 -0.66
CA LEU A 77 10.20 -2.41 -0.13
C LEU A 77 11.61 -2.82 0.31
N PRO A 78 12.49 -1.84 0.65
CA PRO A 78 13.85 -2.11 1.06
C PRO A 78 13.92 -2.43 2.54
N PRO A 79 14.79 -3.35 2.94
CA PRO A 79 14.91 -3.75 4.35
C PRO A 79 15.30 -2.59 5.25
N GLY A 80 14.70 -2.54 6.42
CA GLY A 80 14.96 -1.47 7.34
C GLY A 80 13.68 -0.75 7.71
N ASP A 81 13.81 0.53 8.02
CA ASP A 81 12.69 1.35 8.40
C ASP A 81 12.12 2.10 7.21
N ASN A 82 10.84 1.87 6.93
CA ASN A 82 10.17 2.54 5.82
C ASN A 82 8.75 2.97 6.18
N ILE A 83 8.15 3.79 5.32
CA ILE A 83 6.81 4.32 5.54
C ILE A 83 5.92 3.96 4.36
N ILE A 84 4.75 3.41 4.64
CA ILE A 84 3.81 3.05 3.60
C ILE A 84 2.59 3.98 3.63
N TYR A 85 2.22 4.52 2.47
CA TYR A 85 1.04 5.39 2.39
C TYR A 85 0.00 4.79 1.47
N VAL A 86 -1.22 4.78 1.95
CA VAL A 86 -2.36 4.35 1.18
C VAL A 86 -3.41 5.45 1.23
N GLY A 87 -3.46 6.26 0.20
CA GLY A 87 -4.33 7.41 0.23
C GLY A 87 -3.91 8.40 1.30
N ASP A 88 -4.66 8.45 2.38
CA ASP A 88 -4.36 9.32 3.52
C ASP A 88 -3.84 8.50 4.71
N LEU A 89 -3.59 7.22 4.47
CA LEU A 89 -3.15 6.33 5.51
C LEU A 89 -1.65 6.21 5.53
N SER A 90 -1.08 6.27 6.71
CA SER A 90 0.35 6.15 6.86
C SER A 90 0.67 5.14 7.95
N GLN A 91 1.52 4.20 7.64
CA GLN A 91 1.88 3.18 8.58
C GLN A 91 3.37 2.84 8.45
N GLN A 92 4.04 2.69 9.59
CA GLN A 92 5.46 2.39 9.61
C GLN A 92 5.70 0.89 9.49
N TRP A 93 6.58 0.52 8.59
CA TRP A 93 6.89 -0.89 8.37
C TRP A 93 8.37 -1.15 8.59
N PHE A 94 8.69 -2.36 9.02
CA PHE A 94 10.06 -2.79 9.15
C PHE A 94 10.29 -3.94 8.19
N GLN A 95 10.94 -3.65 7.09
CA GLN A 95 11.18 -4.65 6.08
C GLN A 95 12.40 -5.49 6.41
N LYS A 96 12.31 -6.77 6.15
CA LYS A 96 13.38 -7.71 6.44
C LYS A 96 14.17 -8.05 5.18
N GLY A 97 15.48 -8.21 5.34
CA GLY A 97 16.32 -8.52 4.22
C GLY A 97 17.65 -9.12 4.65
N SER A 98 17.59 -10.30 5.21
CA SER A 98 18.78 -10.99 5.66
C SER A 98 18.58 -12.49 5.52
N THR A 99 19.68 -13.20 5.33
CA THR A 99 19.64 -14.63 5.18
C THR A 99 19.92 -15.32 6.49
N ILE A 100 18.86 -15.64 7.22
CA ILE A 100 18.99 -16.30 8.51
C ILE A 100 18.60 -17.76 8.37
N GLY A 101 19.55 -18.64 8.60
CA GLY A 101 19.30 -20.05 8.46
C GLY A 101 19.82 -20.85 9.62
N ARG A 102 21.12 -21.07 9.65
CA ARG A 102 21.73 -21.83 10.71
C ARG A 102 22.36 -20.91 11.73
N SER A 1 -14.80 -4.92 -13.99
CA SER A 1 -14.13 -4.39 -15.19
C SER A 1 -14.60 -2.97 -15.54
N ASN A 2 -15.75 -2.58 -15.00
CA ASN A 2 -16.31 -1.26 -15.26
C ASN A 2 -16.20 -0.37 -14.03
N THR A 3 -15.98 0.92 -14.27
CA THR A 3 -15.90 1.91 -13.20
C THR A 3 -14.66 1.78 -12.33
N TYR A 4 -13.64 2.56 -12.64
CA TYR A 4 -12.46 2.66 -11.81
C TYR A 4 -11.92 4.06 -11.90
N SER A 5 -12.30 4.85 -10.96
CA SER A 5 -11.88 6.24 -10.90
C SER A 5 -10.78 6.36 -9.86
N MET A 6 -10.34 7.56 -9.57
CA MET A 6 -9.34 7.75 -8.55
C MET A 6 -9.99 8.01 -7.22
N CYS A 7 -9.65 7.19 -6.26
CA CYS A 7 -10.25 7.26 -4.94
C CYS A 7 -9.77 8.45 -4.16
N ASP A 8 -10.63 8.98 -3.32
CA ASP A 8 -10.24 10.06 -2.45
C ASP A 8 -9.42 9.51 -1.32
N LYS A 9 -8.29 10.12 -1.08
CA LYS A 9 -7.36 9.65 -0.08
C LYS A 9 -7.95 9.70 1.34
N THR A 10 -8.92 10.57 1.53
CA THR A 10 -9.51 10.78 2.83
C THR A 10 -10.60 9.75 3.15
N LYS A 11 -10.88 8.86 2.22
CA LYS A 11 -11.95 7.87 2.40
C LYS A 11 -11.36 6.46 2.52
N PHE A 12 -10.07 6.38 2.85
CA PHE A 12 -9.40 5.10 3.00
C PHE A 12 -9.30 4.70 4.47
N LYS A 13 -9.41 3.41 4.70
CA LYS A 13 -9.30 2.84 6.01
C LYS A 13 -8.55 1.52 5.92
N TRP A 14 -8.01 1.06 7.02
CA TRP A 14 -7.28 -0.18 7.04
C TRP A 14 -8.18 -1.38 7.32
N LYS A 15 -7.98 -2.42 6.53
CA LYS A 15 -8.70 -3.66 6.67
C LYS A 15 -7.75 -4.73 7.17
N ARG A 16 -6.62 -4.83 6.49
CA ARG A 16 -5.55 -5.75 6.85
C ARG A 16 -4.24 -5.00 6.74
N VAL A 17 -3.45 -5.01 7.80
CA VAL A 17 -2.19 -4.29 7.80
C VAL A 17 -1.11 -5.04 7.02
N PRO A 18 -0.13 -4.31 6.46
CA PRO A 18 0.99 -4.89 5.72
C PRO A 18 1.66 -6.04 6.46
N VAL A 19 1.82 -7.14 5.76
CA VAL A 19 2.49 -8.32 6.31
C VAL A 19 2.93 -9.25 5.19
N ASP A 20 4.08 -9.88 5.37
CA ASP A 20 4.57 -10.86 4.40
C ASP A 20 4.01 -12.23 4.71
N SER A 21 3.31 -12.80 3.76
CA SER A 21 2.69 -14.10 3.92
C SER A 21 3.73 -15.23 3.79
N GLY A 22 5.00 -14.85 3.77
CA GLY A 22 6.06 -15.82 3.64
C GLY A 22 6.52 -15.94 2.22
N HIS A 23 6.20 -14.96 1.42
CA HIS A 23 6.57 -14.97 0.02
C HIS A 23 7.46 -13.80 -0.37
N ASP A 24 8.12 -13.20 0.64
CA ASP A 24 9.07 -12.09 0.41
C ASP A 24 8.36 -10.86 -0.14
N THR A 25 7.07 -10.78 0.14
CA THR A 25 6.30 -9.66 -0.34
C THR A 25 5.31 -9.21 0.73
N VAL A 26 4.98 -7.96 0.71
CA VAL A 26 4.12 -7.40 1.72
C VAL A 26 2.72 -7.22 1.16
N VAL A 27 1.74 -7.78 1.84
CA VAL A 27 0.36 -7.67 1.41
C VAL A 27 -0.44 -6.91 2.45
N MET A 28 -1.49 -6.25 1.99
CA MET A 28 -2.35 -5.48 2.87
C MET A 28 -3.71 -5.29 2.20
N GLU A 29 -4.69 -4.94 3.01
CA GLU A 29 -6.02 -4.64 2.51
C GLU A 29 -6.52 -3.37 3.11
N VAL A 30 -7.11 -2.54 2.30
CA VAL A 30 -7.68 -1.31 2.79
C VAL A 30 -9.17 -1.26 2.43
N SER A 31 -9.98 -0.82 3.36
CA SER A 31 -11.40 -0.74 3.14
C SER A 31 -11.76 0.67 2.71
N TYR A 32 -12.71 0.80 1.80
CA TYR A 32 -13.08 2.12 1.32
C TYR A 32 -14.45 2.49 1.84
N THR A 33 -14.53 3.63 2.51
CA THR A 33 -15.77 4.03 3.15
C THR A 33 -16.52 5.05 2.32
N GLY A 34 -15.91 5.47 1.22
CA GLY A 34 -16.53 6.45 0.37
C GLY A 34 -17.28 5.82 -0.77
N SER A 35 -17.96 6.65 -1.53
CA SER A 35 -18.73 6.21 -2.67
C SER A 35 -17.81 6.06 -3.90
N ASP A 36 -18.43 5.78 -5.05
CA ASP A 36 -17.73 5.68 -6.33
C ASP A 36 -16.81 4.47 -6.40
N LYS A 37 -17.38 3.32 -6.09
CA LYS A 37 -16.69 2.05 -6.18
C LYS A 37 -17.33 1.22 -7.30
N PRO A 38 -16.56 0.39 -8.04
CA PRO A 38 -15.10 0.18 -7.84
C PRO A 38 -14.25 1.42 -8.16
N CYS A 39 -13.01 1.40 -7.68
CA CYS A 39 -12.13 2.56 -7.81
C CYS A 39 -10.62 2.15 -7.77
N ARG A 40 -9.73 3.07 -8.20
CA ARG A 40 -8.26 2.84 -8.24
C ARG A 40 -7.57 3.38 -6.96
N ILE A 41 -6.67 2.57 -6.38
CA ILE A 41 -5.96 2.92 -5.14
C ILE A 41 -4.66 3.70 -5.38
N PRO A 42 -4.53 4.88 -4.74
CA PRO A 42 -3.28 5.63 -4.71
C PRO A 42 -2.33 5.03 -3.65
N VAL A 43 -1.25 4.41 -4.09
CA VAL A 43 -0.32 3.77 -3.15
C VAL A 43 1.14 4.19 -3.38
N ARG A 44 1.85 4.51 -2.29
CA ARG A 44 3.26 4.89 -2.34
C ARG A 44 3.92 4.64 -0.98
N ALA A 45 5.25 4.75 -0.92
CA ALA A 45 5.96 4.57 0.33
C ALA A 45 7.17 5.46 0.36
N VAL A 46 7.61 5.83 1.56
CA VAL A 46 8.78 6.70 1.70
C VAL A 46 9.72 6.14 2.77
N ALA A 47 10.96 6.59 2.75
CA ALA A 47 11.93 6.20 3.75
C ALA A 47 12.01 7.29 4.80
N HIS A 48 12.49 6.96 5.99
CA HIS A 48 12.57 7.97 7.05
C HIS A 48 13.64 8.98 6.72
N GLY A 49 13.22 10.22 6.55
CA GLY A 49 14.15 11.28 6.23
C GLY A 49 14.14 11.63 4.76
N VAL A 50 13.76 10.67 3.91
CA VAL A 50 13.73 10.92 2.47
C VAL A 50 12.33 10.64 1.89
N PRO A 51 11.45 11.65 1.93
CA PRO A 51 10.06 11.55 1.43
C PRO A 51 9.97 11.40 -0.10
N THR A 52 11.01 11.81 -0.78
CA THR A 52 10.99 11.89 -2.23
C THR A 52 11.59 10.66 -2.92
N ILE A 53 12.15 9.76 -2.13
CA ILE A 53 12.75 8.57 -2.72
C ILE A 53 11.70 7.50 -2.97
N ASN A 54 11.77 6.89 -4.14
CA ASN A 54 10.83 5.85 -4.48
C ASN A 54 11.25 4.54 -3.83
N VAL A 55 10.64 4.25 -2.71
CA VAL A 55 10.94 3.03 -1.97
C VAL A 55 9.77 2.04 -2.11
N ALA A 56 8.72 2.50 -2.73
CA ALA A 56 7.55 1.68 -2.95
C ALA A 56 7.67 0.89 -4.23
N MET A 57 7.99 -0.39 -4.12
CA MET A 57 8.05 -1.24 -5.28
C MET A 57 6.74 -2.00 -5.37
N LEU A 58 5.88 -1.55 -6.25
CA LEU A 58 4.56 -2.10 -6.35
C LEU A 58 4.55 -3.36 -7.20
N ILE A 59 4.33 -4.48 -6.54
CA ILE A 59 4.25 -5.77 -7.19
C ILE A 59 2.96 -5.88 -7.99
N THR A 60 1.87 -5.40 -7.41
CA THR A 60 0.57 -5.43 -8.07
C THR A 60 0.29 -4.06 -8.70
N PRO A 61 0.49 -3.91 -10.02
CA PRO A 61 0.31 -2.63 -10.69
C PRO A 61 -1.17 -2.26 -10.79
N ASN A 62 -1.43 -0.98 -10.97
CA ASN A 62 -2.79 -0.40 -11.01
C ASN A 62 -3.74 -1.05 -9.98
N PRO A 63 -3.49 -0.83 -8.68
CA PRO A 63 -4.30 -1.44 -7.62
C PRO A 63 -5.71 -0.87 -7.59
N THR A 64 -6.70 -1.73 -7.37
CA THR A 64 -8.09 -1.29 -7.39
C THR A 64 -8.90 -1.79 -6.19
N ILE A 65 -10.04 -1.16 -6.00
CA ILE A 65 -10.99 -1.49 -4.96
C ILE A 65 -12.29 -1.93 -5.59
N GLU A 66 -12.82 -3.05 -5.15
CA GLU A 66 -14.08 -3.55 -5.66
C GLU A 66 -15.24 -2.73 -5.09
N THR A 67 -16.45 -3.09 -5.47
CA THR A 67 -17.65 -2.39 -5.06
C THR A 67 -17.85 -2.48 -3.52
N SER A 68 -17.22 -3.47 -2.91
CA SER A 68 -17.28 -3.67 -1.46
C SER A 68 -16.64 -2.54 -0.71
N GLY A 69 -15.60 -2.00 -1.28
CA GLY A 69 -14.80 -1.08 -0.56
C GLY A 69 -13.69 -1.81 0.14
N GLY A 70 -12.92 -2.52 -0.65
CA GLY A 70 -11.84 -3.31 -0.16
C GLY A 70 -10.86 -3.53 -1.27
N GLY A 71 -9.63 -3.20 -1.01
CA GLY A 71 -8.61 -3.32 -1.98
C GLY A 71 -7.45 -4.07 -1.44
N PHE A 72 -6.87 -4.87 -2.28
CA PHE A 72 -5.72 -5.68 -1.93
C PHE A 72 -4.47 -5.08 -2.53
N ILE A 73 -3.50 -4.81 -1.69
CA ILE A 73 -2.25 -4.21 -2.13
C ILE A 73 -1.06 -5.11 -1.81
N GLU A 74 -0.26 -5.41 -2.83
CA GLU A 74 0.96 -6.17 -2.63
C GLU A 74 2.14 -5.41 -3.20
N MET A 75 3.07 -5.09 -2.33
CA MET A 75 4.23 -4.33 -2.69
C MET A 75 5.44 -4.83 -1.91
N GLN A 76 6.60 -4.48 -2.37
CA GLN A 76 7.82 -4.91 -1.74
C GLN A 76 8.70 -3.70 -1.49
N LEU A 77 9.40 -3.70 -0.38
CA LEU A 77 10.25 -2.58 -0.03
C LEU A 77 11.61 -3.04 0.41
N PRO A 78 12.62 -2.17 0.24
CA PRO A 78 13.98 -2.42 0.69
C PRO A 78 14.03 -2.57 2.21
N PRO A 79 15.01 -3.32 2.72
CA PRO A 79 15.14 -3.57 4.15
C PRO A 79 15.46 -2.30 4.93
N GLY A 80 14.92 -2.21 6.13
CA GLY A 80 15.11 -1.05 6.95
C GLY A 80 13.82 -0.30 7.22
N ASP A 81 13.96 0.94 7.65
CA ASP A 81 12.84 1.80 7.98
C ASP A 81 12.13 2.32 6.73
N ASN A 82 10.81 2.30 6.75
CA ASN A 82 10.01 2.85 5.68
C ASN A 82 8.60 3.16 6.15
N ILE A 83 7.88 3.93 5.35
CA ILE A 83 6.50 4.29 5.65
C ILE A 83 5.65 4.05 4.43
N ILE A 84 4.57 3.32 4.58
CA ILE A 84 3.70 3.03 3.48
C ILE A 84 2.45 3.92 3.55
N TYR A 85 2.15 4.60 2.46
CA TYR A 85 1.00 5.46 2.39
C TYR A 85 0.00 4.94 1.39
N VAL A 86 -1.22 4.82 1.81
CA VAL A 86 -2.32 4.42 0.96
C VAL A 86 -3.36 5.50 1.03
N GLY A 87 -3.47 6.30 0.00
CA GLY A 87 -4.34 7.43 0.07
C GLY A 87 -3.81 8.43 1.08
N ASP A 88 -4.53 8.58 2.18
CA ASP A 88 -4.10 9.47 3.25
C ASP A 88 -3.68 8.65 4.47
N LEU A 89 -3.60 7.34 4.29
CA LEU A 89 -3.23 6.45 5.37
C LEU A 89 -1.73 6.32 5.48
N SER A 90 -1.25 6.25 6.70
CA SER A 90 0.16 6.10 6.92
C SER A 90 0.41 4.93 7.86
N GLN A 91 1.28 4.04 7.43
CA GLN A 91 1.63 2.88 8.21
C GLN A 91 3.12 2.61 8.13
N GLN A 92 3.75 2.49 9.29
CA GLN A 92 5.17 2.23 9.38
C GLN A 92 5.48 0.76 9.14
N TRP A 93 6.56 0.50 8.43
CA TRP A 93 7.01 -0.86 8.16
C TRP A 93 8.52 -0.95 8.33
N PHE A 94 8.97 -2.05 8.88
CA PHE A 94 10.38 -2.32 9.00
C PHE A 94 10.69 -3.61 8.27
N GLN A 95 11.24 -3.48 7.08
CA GLN A 95 11.54 -4.64 6.28
C GLN A 95 12.84 -5.29 6.74
N LYS A 96 12.81 -6.61 6.87
CA LYS A 96 13.95 -7.36 7.34
C LYS A 96 14.95 -7.61 6.22
N GLY A 97 16.20 -7.81 6.58
CA GLY A 97 17.22 -8.05 5.59
C GLY A 97 18.57 -7.56 6.04
N SER A 98 18.70 -6.26 6.22
CA SER A 98 19.92 -5.66 6.68
C SER A 98 19.89 -5.49 8.18
N THR A 99 21.03 -5.63 8.82
CA THR A 99 21.12 -5.49 10.24
C THR A 99 21.63 -4.11 10.60
N ILE A 100 20.82 -3.39 11.30
CA ILE A 100 21.18 -2.07 11.77
C ILE A 100 21.45 -2.12 13.26
N GLY A 101 22.63 -1.71 13.65
CA GLY A 101 23.00 -1.73 15.05
C GLY A 101 24.36 -1.11 15.29
N ARG A 102 25.35 -1.61 14.59
CA ARG A 102 26.71 -1.10 14.74
C ARG A 102 26.90 0.14 13.88
N SER A 1 -15.60 -4.44 -17.29
CA SER A 1 -15.70 -3.05 -17.72
C SER A 1 -14.79 -2.16 -16.89
N ASN A 2 -14.27 -1.10 -17.50
CA ASN A 2 -13.44 -0.16 -16.77
C ASN A 2 -14.30 0.77 -15.94
N THR A 3 -14.84 0.22 -14.88
CA THR A 3 -15.70 0.93 -13.98
C THR A 3 -14.87 1.55 -12.85
N TYR A 4 -13.58 1.33 -12.90
CA TYR A 4 -12.71 1.83 -11.87
C TYR A 4 -12.31 3.26 -12.16
N SER A 5 -12.55 4.11 -11.19
CA SER A 5 -12.17 5.50 -11.28
C SER A 5 -11.04 5.74 -10.28
N MET A 6 -10.83 6.96 -9.87
CA MET A 6 -9.80 7.25 -8.87
C MET A 6 -10.41 7.64 -7.56
N CYS A 7 -9.94 7.04 -6.49
CA CYS A 7 -10.43 7.37 -5.18
C CYS A 7 -9.51 8.34 -4.48
N ASP A 8 -10.11 9.26 -3.74
CA ASP A 8 -9.39 10.27 -3.01
C ASP A 8 -8.70 9.69 -1.80
N LYS A 9 -7.64 10.35 -1.35
CA LYS A 9 -6.87 9.90 -0.20
C LYS A 9 -7.67 9.99 1.11
N THR A 10 -8.88 10.49 1.02
CA THR A 10 -9.72 10.63 2.19
C THR A 10 -10.80 9.54 2.23
N LYS A 11 -10.70 8.56 1.34
CA LYS A 11 -11.72 7.53 1.23
C LYS A 11 -11.18 6.12 1.51
N PHE A 12 -10.13 6.02 2.32
CA PHE A 12 -9.54 4.71 2.61
C PHE A 12 -9.45 4.41 4.09
N LYS A 13 -9.54 3.12 4.42
CA LYS A 13 -9.41 2.62 5.80
C LYS A 13 -8.55 1.37 5.85
N TRP A 14 -8.00 1.11 7.02
CA TRP A 14 -7.13 -0.03 7.20
C TRP A 14 -7.90 -1.30 7.51
N LYS A 15 -8.12 -2.11 6.49
CA LYS A 15 -8.75 -3.41 6.68
C LYS A 15 -7.74 -4.36 7.32
N ARG A 16 -6.58 -4.44 6.71
CA ARG A 16 -5.47 -5.23 7.24
C ARG A 16 -4.18 -4.49 6.98
N VAL A 17 -3.38 -4.31 8.02
CA VAL A 17 -2.13 -3.59 7.88
C VAL A 17 -1.06 -4.46 7.24
N PRO A 18 -0.10 -3.81 6.54
CA PRO A 18 1.00 -4.48 5.85
C PRO A 18 1.66 -5.58 6.67
N VAL A 19 1.77 -6.76 6.08
CA VAL A 19 2.41 -7.89 6.71
C VAL A 19 2.92 -8.85 5.63
N ASP A 20 3.98 -9.58 5.94
CA ASP A 20 4.49 -10.57 5.01
C ASP A 20 3.78 -11.89 5.22
N SER A 21 3.11 -12.35 4.18
CA SER A 21 2.35 -13.59 4.24
C SER A 21 3.26 -14.82 4.11
N GLY A 22 4.54 -14.59 3.89
CA GLY A 22 5.47 -15.69 3.73
C GLY A 22 6.05 -15.73 2.35
N HIS A 23 6.12 -14.58 1.71
CA HIS A 23 6.70 -14.47 0.38
C HIS A 23 7.67 -13.30 0.28
N ASP A 24 8.05 -12.77 1.45
CA ASP A 24 9.05 -11.70 1.58
C ASP A 24 8.61 -10.37 0.97
N THR A 25 7.33 -10.22 0.73
CA THR A 25 6.80 -8.98 0.21
C THR A 25 5.64 -8.51 1.07
N VAL A 26 5.20 -7.30 0.86
CA VAL A 26 4.22 -6.70 1.72
C VAL A 26 2.83 -6.71 1.11
N VAL A 27 1.90 -7.33 1.83
CA VAL A 27 0.50 -7.38 1.41
C VAL A 27 -0.40 -6.75 2.47
N MET A 28 -1.33 -5.96 2.03
CA MET A 28 -2.27 -5.31 2.94
C MET A 28 -3.64 -5.26 2.31
N GLU A 29 -4.64 -5.09 3.14
CA GLU A 29 -6.01 -4.99 2.70
C GLU A 29 -6.56 -3.64 3.09
N VAL A 30 -7.19 -2.99 2.16
CA VAL A 30 -7.74 -1.69 2.42
C VAL A 30 -9.22 -1.63 2.09
N SER A 31 -9.94 -0.98 2.95
CA SER A 31 -11.38 -0.84 2.80
C SER A 31 -11.72 0.50 2.20
N TYR A 32 -12.94 0.64 1.74
CA TYR A 32 -13.38 1.89 1.16
C TYR A 32 -14.03 2.74 2.25
N THR A 33 -14.07 4.04 2.05
CA THR A 33 -14.75 4.88 3.01
C THR A 33 -15.80 5.75 2.34
N GLY A 34 -15.53 6.16 1.11
CA GLY A 34 -16.45 7.00 0.38
C GLY A 34 -17.07 6.30 -0.80
N SER A 35 -17.37 7.06 -1.82
CA SER A 35 -17.98 6.53 -3.03
C SER A 35 -16.94 6.42 -4.15
N ASP A 36 -17.41 6.48 -5.40
CA ASP A 36 -16.56 6.39 -6.60
C ASP A 36 -16.05 4.97 -6.82
N LYS A 37 -16.74 4.03 -6.20
CA LYS A 37 -16.38 2.63 -6.30
C LYS A 37 -17.08 1.99 -7.48
N PRO A 38 -16.44 1.05 -8.19
CA PRO A 38 -15.02 0.68 -7.96
C PRO A 38 -14.03 1.76 -8.41
N CYS A 39 -12.83 1.72 -7.86
CA CYS A 39 -11.81 2.75 -8.13
C CYS A 39 -10.39 2.22 -7.91
N ARG A 40 -9.39 3.04 -8.24
CA ARG A 40 -7.99 2.71 -7.97
C ARG A 40 -7.52 3.31 -6.66
N ILE A 41 -6.56 2.64 -6.05
CA ILE A 41 -5.99 3.03 -4.77
C ILE A 41 -4.67 3.76 -4.95
N PRO A 42 -4.54 4.96 -4.40
CA PRO A 42 -3.27 5.68 -4.41
C PRO A 42 -2.32 5.10 -3.35
N VAL A 43 -1.28 4.42 -3.80
CA VAL A 43 -0.34 3.80 -2.89
C VAL A 43 1.09 4.26 -3.15
N ARG A 44 1.81 4.55 -2.07
CA ARG A 44 3.21 4.98 -2.16
C ARG A 44 3.92 4.66 -0.84
N ALA A 45 5.23 4.66 -0.85
CA ALA A 45 6.02 4.42 0.34
C ALA A 45 7.32 5.18 0.28
N VAL A 46 7.85 5.55 1.42
CA VAL A 46 9.09 6.31 1.48
C VAL A 46 10.01 5.77 2.57
N ALA A 47 11.28 6.14 2.51
CA ALA A 47 12.23 5.73 3.53
C ALA A 47 12.28 6.77 4.63
N HIS A 48 12.81 6.40 5.79
CA HIS A 48 12.90 7.35 6.89
C HIS A 48 13.96 8.40 6.59
N GLY A 49 13.50 9.63 6.43
CA GLY A 49 14.40 10.71 6.11
C GLY A 49 14.32 11.07 4.63
N VAL A 50 13.57 10.26 3.88
CA VAL A 50 13.40 10.48 2.44
C VAL A 50 11.92 10.40 2.08
N PRO A 51 11.15 11.48 2.36
CA PRO A 51 9.70 11.53 2.11
C PRO A 51 9.38 12.00 0.71
N THR A 52 10.38 12.29 -0.05
CA THR A 52 10.22 12.89 -1.34
C THR A 52 10.36 11.90 -2.48
N ILE A 53 10.78 10.69 -2.16
CA ILE A 53 10.96 9.67 -3.18
C ILE A 53 10.11 8.45 -2.85
N ASN A 54 9.30 8.02 -3.81
CA ASN A 54 8.49 6.83 -3.64
C ASN A 54 9.37 5.61 -3.78
N VAL A 55 9.54 4.90 -2.68
CA VAL A 55 10.43 3.77 -2.66
C VAL A 55 9.65 2.46 -2.83
N ALA A 56 8.32 2.56 -2.85
CA ALA A 56 7.49 1.38 -2.94
C ALA A 56 7.66 0.67 -4.29
N MET A 57 7.94 -0.61 -4.23
CA MET A 57 8.04 -1.43 -5.42
C MET A 57 6.73 -2.17 -5.59
N LEU A 58 5.81 -1.53 -6.26
CA LEU A 58 4.47 -2.06 -6.39
C LEU A 58 4.41 -3.18 -7.41
N ILE A 59 4.16 -4.39 -6.93
CA ILE A 59 4.02 -5.56 -7.77
C ILE A 59 2.72 -5.48 -8.57
N THR A 60 1.66 -5.06 -7.88
CA THR A 60 0.34 -4.92 -8.48
C THR A 60 0.05 -3.47 -8.83
N PRO A 61 0.25 -3.08 -10.10
CA PRO A 61 0.03 -1.69 -10.52
C PRO A 61 -1.45 -1.36 -10.54
N ASN A 62 -1.76 -0.13 -10.25
CA ASN A 62 -3.14 0.36 -10.14
C ASN A 62 -3.99 -0.57 -9.27
N PRO A 63 -3.79 -0.55 -7.95
CA PRO A 63 -4.58 -1.36 -7.03
C PRO A 63 -6.03 -0.91 -7.07
N THR A 64 -6.96 -1.81 -6.87
CA THR A 64 -8.36 -1.45 -7.05
C THR A 64 -9.23 -1.70 -5.82
N ILE A 65 -10.28 -0.90 -5.73
CA ILE A 65 -11.31 -0.98 -4.72
C ILE A 65 -12.61 -1.37 -5.36
N GLU A 66 -13.22 -2.42 -4.86
CA GLU A 66 -14.51 -2.84 -5.35
C GLU A 66 -15.61 -2.18 -4.52
N THR A 67 -16.82 -2.67 -4.65
CA THR A 67 -17.95 -2.15 -3.88
C THR A 67 -17.66 -2.09 -2.36
N SER A 68 -17.03 -3.13 -1.83
CA SER A 68 -16.67 -3.16 -0.41
C SER A 68 -15.18 -2.97 -0.23
N GLY A 69 -14.50 -2.65 -1.29
CA GLY A 69 -13.08 -2.50 -1.23
C GLY A 69 -12.38 -3.80 -1.44
N GLY A 70 -11.83 -4.37 -0.36
CA GLY A 70 -11.10 -5.61 -0.48
C GLY A 70 -9.89 -5.43 -1.34
N GLY A 71 -9.17 -4.35 -1.08
CA GLY A 71 -8.04 -4.00 -1.87
C GLY A 71 -6.81 -4.70 -1.43
N PHE A 72 -6.48 -5.76 -2.12
CA PHE A 72 -5.28 -6.52 -1.82
C PHE A 72 -4.11 -5.90 -2.55
N ILE A 73 -3.21 -5.32 -1.81
CA ILE A 73 -2.06 -4.66 -2.39
C ILE A 73 -0.81 -5.49 -2.14
N GLU A 74 -0.10 -5.78 -3.21
CA GLU A 74 1.15 -6.53 -3.14
C GLU A 74 2.31 -5.65 -3.60
N MET A 75 3.27 -5.43 -2.72
CA MET A 75 4.42 -4.62 -3.03
C MET A 75 5.65 -5.09 -2.30
N GLN A 76 6.79 -4.69 -2.80
CA GLN A 76 8.05 -4.98 -2.15
C GLN A 76 8.64 -3.69 -1.64
N LEU A 77 9.34 -3.75 -0.54
CA LEU A 77 9.90 -2.56 0.05
C LEU A 77 11.35 -2.74 0.43
N PRO A 78 12.11 -1.62 0.49
CA PRO A 78 13.51 -1.67 0.89
C PRO A 78 13.66 -2.18 2.30
N PRO A 79 14.65 -3.06 2.53
CA PRO A 79 14.90 -3.63 3.86
C PRO A 79 15.18 -2.56 4.89
N GLY A 80 14.61 -2.72 6.06
CA GLY A 80 14.79 -1.74 7.09
C GLY A 80 13.54 -0.92 7.33
N ASP A 81 13.70 0.23 7.93
CA ASP A 81 12.60 1.12 8.27
C ASP A 81 12.13 1.97 7.09
N ASN A 82 10.83 1.90 6.80
CA ASN A 82 10.21 2.69 5.76
C ASN A 82 8.77 3.05 6.14
N ILE A 83 8.13 3.89 5.34
CA ILE A 83 6.75 4.34 5.62
C ILE A 83 5.84 4.04 4.44
N ILE A 84 4.70 3.41 4.70
CA ILE A 84 3.75 3.07 3.65
C ILE A 84 2.53 3.99 3.72
N TYR A 85 2.14 4.56 2.59
CA TYR A 85 0.96 5.41 2.52
C TYR A 85 -0.07 4.83 1.56
N VAL A 86 -1.26 4.62 2.07
CA VAL A 86 -2.39 4.16 1.28
C VAL A 86 -3.56 5.07 1.55
N GLY A 87 -3.92 5.90 0.57
CA GLY A 87 -4.99 6.85 0.79
C GLY A 87 -4.69 7.73 1.99
N ASP A 88 -3.51 8.35 1.96
CA ASP A 88 -3.01 9.24 3.03
C ASP A 88 -2.71 8.49 4.34
N LEU A 89 -3.18 7.26 4.45
CA LEU A 89 -2.96 6.47 5.64
C LEU A 89 -1.52 6.05 5.69
N SER A 90 -0.87 6.38 6.76
CA SER A 90 0.53 6.08 6.89
C SER A 90 0.75 5.00 7.94
N GLN A 91 1.48 3.99 7.55
CA GLN A 91 1.79 2.88 8.41
C GLN A 91 3.28 2.55 8.28
N GLN A 92 3.94 2.32 9.41
CA GLN A 92 5.37 2.05 9.43
C GLN A 92 5.66 0.59 9.11
N TRP A 93 6.66 0.38 8.28
CA TRP A 93 7.06 -0.97 7.88
C TRP A 93 8.55 -1.20 8.10
N PHE A 94 8.88 -2.39 8.58
CA PHE A 94 10.25 -2.80 8.72
C PHE A 94 10.47 -4.04 7.86
N GLN A 95 11.08 -3.84 6.72
CA GLN A 95 11.29 -4.92 5.78
C GLN A 95 12.47 -5.80 6.19
N LYS A 96 12.32 -7.10 5.96
CA LYS A 96 13.29 -8.11 6.36
C LYS A 96 14.51 -8.09 5.45
N GLY A 97 15.61 -8.67 5.96
CA GLY A 97 16.82 -8.80 5.16
C GLY A 97 17.52 -7.49 4.92
N SER A 98 17.93 -6.83 5.99
CA SER A 98 18.61 -5.55 5.88
C SER A 98 19.90 -5.69 5.07
N THR A 99 20.12 -4.74 4.16
CA THR A 99 21.29 -4.77 3.28
C THR A 99 22.50 -4.11 3.95
N ILE A 100 22.31 -3.65 5.19
CA ILE A 100 23.36 -2.98 5.93
C ILE A 100 24.24 -3.97 6.71
N GLY A 101 24.10 -5.26 6.41
CA GLY A 101 24.87 -6.26 7.10
C GLY A 101 26.35 -6.19 6.77
N ARG A 102 27.18 -6.23 7.80
CA ARG A 102 28.63 -6.17 7.62
C ARG A 102 29.18 -7.49 7.10
N SER A 1 -16.83 6.66 -19.95
CA SER A 1 -17.49 6.03 -18.80
C SER A 1 -17.06 6.68 -17.47
N ASN A 2 -15.75 6.96 -17.32
CA ASN A 2 -15.21 7.61 -16.10
C ASN A 2 -15.52 6.78 -14.85
N THR A 3 -15.51 5.48 -15.00
CA THR A 3 -15.83 4.57 -13.93
C THR A 3 -14.79 4.58 -12.81
N TYR A 4 -13.52 4.49 -13.17
CA TYR A 4 -12.45 4.40 -12.18
C TYR A 4 -11.97 5.73 -11.67
N SER A 5 -10.97 6.28 -12.34
CA SER A 5 -10.33 7.52 -11.92
C SER A 5 -9.60 7.29 -10.57
N MET A 6 -9.22 8.37 -9.91
CA MET A 6 -8.54 8.27 -8.62
C MET A 6 -9.50 8.44 -7.47
N CYS A 7 -9.37 7.58 -6.49
CA CYS A 7 -10.26 7.59 -5.33
C CYS A 7 -9.88 8.68 -4.35
N ASP A 8 -10.87 9.19 -3.64
CA ASP A 8 -10.64 10.15 -2.58
C ASP A 8 -9.85 9.48 -1.45
N LYS A 9 -8.82 10.15 -0.97
CA LYS A 9 -7.92 9.59 0.03
C LYS A 9 -8.58 9.34 1.39
N THR A 10 -9.68 10.01 1.68
CA THR A 10 -10.31 9.87 2.99
C THR A 10 -11.36 8.76 3.01
N LYS A 11 -11.53 8.07 1.88
CA LYS A 11 -12.51 6.99 1.80
C LYS A 11 -11.84 5.64 2.00
N PHE A 12 -10.64 5.65 2.56
CA PHE A 12 -9.91 4.42 2.80
C PHE A 12 -9.78 4.13 4.29
N LYS A 13 -9.90 2.86 4.63
CA LYS A 13 -9.74 2.38 6.00
C LYS A 13 -8.93 1.10 5.99
N TRP A 14 -8.14 0.87 7.02
CA TRP A 14 -7.29 -0.31 7.07
C TRP A 14 -8.09 -1.56 7.35
N LYS A 15 -7.98 -2.53 6.44
CA LYS A 15 -8.62 -3.81 6.64
C LYS A 15 -7.62 -4.77 7.22
N ARG A 16 -6.51 -4.89 6.54
CA ARG A 16 -5.45 -5.75 6.95
C ARG A 16 -4.15 -4.98 6.93
N VAL A 17 -3.47 -4.95 8.04
CA VAL A 17 -2.21 -4.25 8.14
C VAL A 17 -1.12 -5.00 7.36
N PRO A 18 -0.11 -4.26 6.85
CA PRO A 18 1.01 -4.85 6.10
C PRO A 18 1.61 -6.08 6.80
N VAL A 19 1.49 -7.22 6.15
CA VAL A 19 2.04 -8.47 6.64
C VAL A 19 2.75 -9.22 5.52
N ASP A 20 3.93 -9.73 5.79
CA ASP A 20 4.63 -10.55 4.81
C ASP A 20 4.17 -11.99 4.96
N SER A 21 3.74 -12.60 3.88
CA SER A 21 3.25 -13.96 3.92
C SER A 21 4.40 -14.96 3.79
N GLY A 22 5.59 -14.54 4.21
CA GLY A 22 6.75 -15.39 4.13
C GLY A 22 7.26 -15.58 2.73
N HIS A 23 6.87 -14.66 1.83
CA HIS A 23 7.29 -14.77 0.44
C HIS A 23 7.99 -13.51 -0.06
N ASP A 24 8.73 -12.87 0.86
CA ASP A 24 9.56 -11.68 0.56
C ASP A 24 8.75 -10.45 0.14
N THR A 25 7.45 -10.46 0.34
CA THR A 25 6.64 -9.31 -0.01
C THR A 25 5.65 -9.02 1.09
N VAL A 26 5.22 -7.80 1.17
CA VAL A 26 4.31 -7.37 2.20
C VAL A 26 2.93 -7.14 1.60
N VAL A 27 1.93 -7.74 2.21
CA VAL A 27 0.57 -7.62 1.71
C VAL A 27 -0.35 -6.98 2.75
N MET A 28 -1.13 -6.01 2.31
CA MET A 28 -2.11 -5.37 3.14
C MET A 28 -3.43 -5.26 2.38
N GLU A 29 -4.51 -4.90 3.06
CA GLU A 29 -5.78 -4.73 2.38
C GLU A 29 -6.48 -3.50 2.92
N VAL A 30 -7.25 -2.85 2.06
CA VAL A 30 -7.95 -1.66 2.45
C VAL A 30 -9.44 -1.76 2.12
N SER A 31 -10.23 -1.21 2.99
CA SER A 31 -11.68 -1.21 2.86
C SER A 31 -12.16 0.18 2.46
N TYR A 32 -13.36 0.26 1.90
CA TYR A 32 -13.88 1.55 1.45
C TYR A 32 -14.77 2.14 2.54
N THR A 33 -14.82 3.46 2.63
CA THR A 33 -15.73 4.12 3.56
C THR A 33 -16.70 5.05 2.83
N GLY A 34 -16.54 5.19 1.51
CA GLY A 34 -17.41 6.07 0.77
C GLY A 34 -17.66 5.61 -0.66
N SER A 35 -18.09 6.53 -1.50
CA SER A 35 -18.40 6.26 -2.90
C SER A 35 -17.12 6.18 -3.76
N ASP A 36 -17.31 6.18 -5.10
CA ASP A 36 -16.21 6.07 -6.06
C ASP A 36 -15.73 4.64 -6.16
N LYS A 37 -16.62 3.76 -6.57
CA LYS A 37 -16.33 2.33 -6.69
C LYS A 37 -16.99 1.74 -7.94
N PRO A 38 -16.27 0.94 -8.74
CA PRO A 38 -14.83 0.67 -8.55
C PRO A 38 -13.96 1.85 -8.93
N CYS A 39 -12.80 1.92 -8.34
CA CYS A 39 -11.89 3.03 -8.56
C CYS A 39 -10.43 2.63 -8.25
N ARG A 40 -9.47 3.46 -8.67
CA ARG A 40 -8.03 3.17 -8.50
C ARG A 40 -7.48 3.72 -7.17
N ILE A 41 -6.82 2.84 -6.43
CA ILE A 41 -6.29 3.17 -5.10
C ILE A 41 -4.93 3.85 -5.19
N PRO A 42 -4.79 5.00 -4.54
CA PRO A 42 -3.51 5.67 -4.44
C PRO A 42 -2.63 5.00 -3.38
N VAL A 43 -1.59 4.31 -3.81
CA VAL A 43 -0.69 3.65 -2.88
C VAL A 43 0.76 4.05 -3.16
N ARG A 44 1.51 4.30 -2.09
CA ARG A 44 2.91 4.72 -2.19
C ARG A 44 3.64 4.41 -0.88
N ALA A 45 4.96 4.45 -0.91
CA ALA A 45 5.78 4.21 0.28
C ALA A 45 7.13 4.87 0.11
N VAL A 46 7.72 5.32 1.20
CA VAL A 46 9.02 5.98 1.16
C VAL A 46 9.92 5.42 2.22
N ALA A 47 11.21 5.67 2.10
CA ALA A 47 12.16 5.21 3.08
C ALA A 47 12.54 6.36 4.01
N HIS A 48 12.87 6.06 5.24
CA HIS A 48 13.29 7.09 6.19
C HIS A 48 14.53 7.82 5.66
N GLY A 49 14.36 9.10 5.37
CA GLY A 49 15.43 9.89 4.82
C GLY A 49 15.25 10.14 3.33
N VAL A 50 14.32 9.42 2.73
CA VAL A 50 14.00 9.58 1.31
C VAL A 50 12.50 9.75 1.12
N PRO A 51 11.99 10.96 1.34
CA PRO A 51 10.55 11.26 1.23
C PRO A 51 10.15 11.63 -0.19
N THR A 52 11.13 11.82 -1.04
CA THR A 52 10.89 12.32 -2.37
C THR A 52 10.82 11.20 -3.41
N ILE A 53 11.24 10.03 -3.04
CA ILE A 53 11.22 8.90 -3.94
C ILE A 53 10.26 7.83 -3.42
N ASN A 54 9.34 7.40 -4.28
CA ASN A 54 8.42 6.35 -3.93
C ASN A 54 9.13 5.02 -4.00
N VAL A 55 9.57 4.54 -2.85
CA VAL A 55 10.33 3.31 -2.77
C VAL A 55 9.42 2.09 -2.99
N ALA A 56 8.13 2.27 -2.72
CA ALA A 56 7.15 1.19 -2.82
C ALA A 56 7.30 0.37 -4.09
N MET A 57 7.81 -0.84 -3.93
CA MET A 57 7.93 -1.75 -5.05
C MET A 57 6.62 -2.49 -5.19
N LEU A 58 5.73 -1.93 -5.97
CA LEU A 58 4.39 -2.45 -6.09
C LEU A 58 4.36 -3.73 -6.91
N ILE A 59 3.84 -4.78 -6.29
CA ILE A 59 3.71 -6.05 -6.94
C ILE A 59 2.36 -6.14 -7.63
N THR A 60 1.34 -5.56 -7.00
CA THR A 60 0.00 -5.53 -7.55
C THR A 60 -0.30 -4.16 -8.16
N PRO A 61 -0.12 -4.00 -9.48
CA PRO A 61 -0.31 -2.72 -10.15
C PRO A 61 -1.78 -2.35 -10.27
N ASN A 62 -2.03 -1.06 -10.39
CA ASN A 62 -3.38 -0.48 -10.49
C ASN A 62 -4.36 -1.15 -9.51
N PRO A 63 -4.18 -0.91 -8.20
CA PRO A 63 -5.07 -1.48 -7.19
C PRO A 63 -6.43 -0.81 -7.29
N THR A 64 -7.50 -1.56 -7.10
CA THR A 64 -8.82 -0.99 -7.24
C THR A 64 -9.73 -1.28 -6.06
N ILE A 65 -10.67 -0.39 -5.85
CA ILE A 65 -11.70 -0.55 -4.85
C ILE A 65 -12.97 -0.94 -5.53
N GLU A 66 -13.38 -2.17 -5.36
CA GLU A 66 -14.62 -2.64 -5.91
C GLU A 66 -15.79 -2.14 -5.06
N THR A 67 -16.98 -2.67 -5.31
CA THR A 67 -18.17 -2.29 -4.54
C THR A 67 -17.91 -2.32 -3.01
N SER A 68 -17.23 -3.34 -2.55
CA SER A 68 -16.87 -3.44 -1.13
C SER A 68 -15.39 -3.22 -0.92
N GLY A 69 -14.71 -2.78 -1.95
CA GLY A 69 -13.30 -2.55 -1.85
C GLY A 69 -12.52 -3.83 -2.02
N GLY A 70 -12.04 -4.37 -0.92
CA GLY A 70 -11.23 -5.57 -0.99
C GLY A 70 -9.94 -5.30 -1.71
N GLY A 71 -9.40 -4.10 -1.50
CA GLY A 71 -8.20 -3.69 -2.17
C GLY A 71 -6.98 -4.35 -1.58
N PHE A 72 -6.63 -5.48 -2.14
CA PHE A 72 -5.48 -6.22 -1.70
C PHE A 72 -4.25 -5.68 -2.40
N ILE A 73 -3.32 -5.15 -1.64
CA ILE A 73 -2.13 -4.57 -2.19
C ILE A 73 -0.89 -5.35 -1.73
N GLU A 74 -0.04 -5.67 -2.68
CA GLU A 74 1.20 -6.34 -2.39
C GLU A 74 2.38 -5.53 -2.88
N MET A 75 3.34 -5.30 -2.02
CA MET A 75 4.52 -4.55 -2.36
C MET A 75 5.73 -5.08 -1.61
N GLN A 76 6.89 -4.59 -1.98
CA GLN A 76 8.12 -4.95 -1.31
C GLN A 76 8.87 -3.70 -0.90
N LEU A 77 9.31 -3.69 0.35
CA LEU A 77 10.06 -2.58 0.88
C LEU A 77 11.50 -2.96 1.12
N PRO A 78 12.43 -2.03 0.85
CA PRO A 78 13.86 -2.23 1.11
C PRO A 78 14.13 -2.34 2.60
N PRO A 79 15.22 -3.05 2.99
CA PRO A 79 15.56 -3.21 4.40
C PRO A 79 15.81 -1.86 5.08
N GLY A 80 15.36 -1.75 6.31
CA GLY A 80 15.45 -0.51 7.02
C GLY A 80 14.09 -0.06 7.51
N ASP A 81 13.83 1.22 7.40
CA ASP A 81 12.56 1.76 7.85
C ASP A 81 11.81 2.43 6.69
N ASN A 82 10.61 1.94 6.41
CA ASN A 82 9.82 2.46 5.31
C ASN A 82 8.46 2.95 5.79
N ILE A 83 7.93 3.94 5.10
CA ILE A 83 6.64 4.50 5.44
C ILE A 83 5.66 4.23 4.30
N ILE A 84 4.62 3.46 4.56
CA ILE A 84 3.64 3.11 3.55
C ILE A 84 2.39 3.98 3.67
N TYR A 85 1.96 4.55 2.56
CA TYR A 85 0.78 5.39 2.55
C TYR A 85 -0.27 4.83 1.61
N VAL A 86 -1.49 4.80 2.09
CA VAL A 86 -2.64 4.41 1.29
C VAL A 86 -3.69 5.48 1.45
N GLY A 87 -3.99 6.20 0.38
CA GLY A 87 -4.87 7.35 0.52
C GLY A 87 -4.20 8.39 1.39
N ASP A 88 -4.81 8.71 2.53
CA ASP A 88 -4.19 9.63 3.48
C ASP A 88 -3.57 8.84 4.63
N LEU A 89 -3.75 7.53 4.60
CA LEU A 89 -3.31 6.66 5.70
C LEU A 89 -1.83 6.44 5.65
N SER A 90 -1.22 6.33 6.82
CA SER A 90 0.20 6.12 6.91
C SER A 90 0.50 4.97 7.87
N GLN A 91 1.28 4.03 7.41
CA GLN A 91 1.69 2.90 8.21
C GLN A 91 3.16 2.61 7.99
N GLN A 92 3.92 2.56 9.06
CA GLN A 92 5.35 2.42 8.99
C GLN A 92 5.77 0.94 9.06
N TRP A 93 6.70 0.55 8.21
CA TRP A 93 7.16 -0.82 8.13
C TRP A 93 8.66 -0.91 8.37
N PHE A 94 9.06 -1.79 9.27
CA PHE A 94 10.46 -2.04 9.53
C PHE A 94 10.87 -3.33 8.84
N GLN A 95 11.77 -3.22 7.90
CA GLN A 95 12.21 -4.37 7.14
C GLN A 95 13.61 -4.78 7.54
N LYS A 96 13.79 -6.05 7.78
CA LYS A 96 15.10 -6.58 8.13
C LYS A 96 15.90 -6.91 6.88
N GLY A 97 17.21 -6.96 7.04
CA GLY A 97 18.08 -7.23 5.91
C GLY A 97 18.11 -8.69 5.52
N SER A 98 18.99 -9.02 4.57
CA SER A 98 19.11 -10.37 4.04
C SER A 98 19.93 -11.25 5.01
N THR A 99 20.04 -10.82 6.26
CA THR A 99 20.79 -11.55 7.26
C THR A 99 19.89 -12.52 8.01
N ILE A 100 18.69 -12.71 7.51
CA ILE A 100 17.75 -13.62 8.13
C ILE A 100 18.11 -15.05 7.75
N GLY A 101 18.43 -15.85 8.76
CA GLY A 101 18.82 -17.23 8.54
C GLY A 101 17.68 -18.18 8.85
N ARG A 102 16.46 -17.72 8.60
CA ARG A 102 15.23 -18.49 8.86
C ARG A 102 15.02 -18.68 10.36
N SER A 1 -10.37 5.99 -18.75
CA SER A 1 -11.02 5.44 -17.55
C SER A 1 -12.53 5.49 -17.68
N ASN A 2 -13.14 4.36 -17.98
CA ASN A 2 -14.60 4.28 -18.15
C ASN A 2 -15.30 3.74 -16.93
N THR A 3 -14.55 3.38 -15.91
CA THR A 3 -15.12 2.86 -14.68
C THR A 3 -14.22 3.16 -13.49
N TYR A 4 -12.99 2.72 -13.57
CA TYR A 4 -12.06 2.91 -12.48
C TYR A 4 -11.31 4.21 -12.65
N SER A 5 -11.29 4.98 -11.61
CA SER A 5 -10.58 6.22 -11.57
C SER A 5 -9.85 6.27 -10.25
N MET A 6 -8.91 7.18 -10.10
CA MET A 6 -8.19 7.28 -8.86
C MET A 6 -9.13 7.66 -7.75
N CYS A 7 -9.17 6.84 -6.74
CA CYS A 7 -10.08 7.00 -5.65
C CYS A 7 -9.60 8.09 -4.72
N ASP A 8 -10.54 8.82 -4.14
CA ASP A 8 -10.22 9.90 -3.24
C ASP A 8 -9.53 9.36 -2.01
N LYS A 9 -8.54 10.08 -1.56
CA LYS A 9 -7.68 9.68 -0.47
C LYS A 9 -8.47 9.46 0.81
N THR A 10 -9.46 10.31 1.03
CA THR A 10 -10.22 10.33 2.27
C THR A 10 -11.33 9.25 2.31
N LYS A 11 -11.34 8.34 1.35
CA LYS A 11 -12.35 7.29 1.36
C LYS A 11 -11.74 5.93 1.67
N PHE A 12 -10.55 5.93 2.27
CA PHE A 12 -9.87 4.71 2.60
C PHE A 12 -9.84 4.43 4.09
N LYS A 13 -9.91 3.16 4.43
CA LYS A 13 -9.83 2.71 5.80
C LYS A 13 -9.02 1.42 5.83
N TRP A 14 -8.45 1.08 6.95
CA TRP A 14 -7.62 -0.10 7.03
C TRP A 14 -8.39 -1.37 7.35
N LYS A 15 -8.12 -2.41 6.57
CA LYS A 15 -8.67 -3.73 6.85
C LYS A 15 -7.60 -4.53 7.54
N ARG A 16 -6.48 -4.67 6.86
CA ARG A 16 -5.33 -5.37 7.38
C ARG A 16 -4.09 -4.55 7.13
N VAL A 17 -3.30 -4.34 8.17
CA VAL A 17 -2.08 -3.60 8.05
C VAL A 17 -1.00 -4.42 7.32
N PRO A 18 -0.01 -3.73 6.73
CA PRO A 18 1.10 -4.35 6.03
C PRO A 18 1.71 -5.53 6.81
N VAL A 19 1.81 -6.67 6.14
CA VAL A 19 2.39 -7.87 6.72
C VAL A 19 2.94 -8.74 5.61
N ASP A 20 3.93 -9.58 5.91
CA ASP A 20 4.47 -10.48 4.91
C ASP A 20 3.60 -11.73 4.80
N SER A 21 3.13 -12.01 3.62
CA SER A 21 2.30 -13.16 3.36
C SER A 21 3.12 -14.45 3.34
N GLY A 22 4.43 -14.30 3.46
CA GLY A 22 5.31 -15.45 3.44
C GLY A 22 6.12 -15.47 2.18
N HIS A 23 6.32 -14.32 1.58
CA HIS A 23 7.07 -14.20 0.35
C HIS A 23 8.02 -13.00 0.36
N ASP A 24 8.34 -12.52 1.57
CA ASP A 24 9.29 -11.42 1.79
C ASP A 24 8.81 -10.08 1.21
N THR A 25 7.54 -9.98 0.92
CA THR A 25 6.98 -8.74 0.40
C THR A 25 5.76 -8.32 1.20
N VAL A 26 5.40 -7.07 1.07
CA VAL A 26 4.36 -6.47 1.87
C VAL A 26 2.99 -6.63 1.26
N VAL A 27 2.06 -7.21 2.03
CA VAL A 27 0.69 -7.31 1.60
C VAL A 27 -0.24 -6.65 2.63
N MET A 28 -1.14 -5.84 2.15
CA MET A 28 -2.13 -5.24 2.99
C MET A 28 -3.46 -5.21 2.27
N GLU A 29 -4.50 -4.98 3.03
CA GLU A 29 -5.83 -4.83 2.47
C GLU A 29 -6.51 -3.66 3.10
N VAL A 30 -7.20 -2.87 2.30
CA VAL A 30 -7.91 -1.74 2.84
C VAL A 30 -9.38 -1.82 2.45
N SER A 31 -10.21 -1.22 3.28
CA SER A 31 -11.64 -1.18 3.05
C SER A 31 -12.05 0.21 2.59
N TYR A 32 -13.27 0.35 2.12
CA TYR A 32 -13.75 1.63 1.64
C TYR A 32 -14.57 2.34 2.71
N THR A 33 -14.67 3.66 2.64
CA THR A 33 -15.53 4.38 3.57
C THR A 33 -16.63 5.14 2.84
N GLY A 34 -16.32 5.63 1.65
CA GLY A 34 -17.27 6.41 0.90
C GLY A 34 -17.74 5.73 -0.38
N SER A 35 -18.49 6.48 -1.17
CA SER A 35 -19.04 6.00 -2.42
C SER A 35 -18.00 6.10 -3.55
N ASP A 36 -18.47 6.14 -4.80
CA ASP A 36 -17.58 6.22 -5.97
C ASP A 36 -16.71 4.99 -6.08
N LYS A 37 -17.34 3.84 -6.23
CA LYS A 37 -16.67 2.56 -6.35
C LYS A 37 -17.26 1.78 -7.52
N PRO A 38 -16.49 0.87 -8.15
CA PRO A 38 -15.08 0.63 -7.82
C PRO A 38 -14.14 1.76 -8.26
N CYS A 39 -12.97 1.81 -7.63
CA CYS A 39 -11.99 2.86 -7.89
C CYS A 39 -10.56 2.34 -7.67
N ARG A 40 -9.57 3.07 -8.20
CA ARG A 40 -8.14 2.71 -8.04
C ARG A 40 -7.57 3.26 -6.72
N ILE A 41 -6.71 2.47 -6.09
CA ILE A 41 -6.09 2.86 -4.82
C ILE A 41 -4.74 3.54 -5.03
N PRO A 42 -4.57 4.74 -4.46
CA PRO A 42 -3.28 5.43 -4.45
C PRO A 42 -2.40 4.92 -3.30
N VAL A 43 -1.33 4.21 -3.63
CA VAL A 43 -0.42 3.70 -2.61
C VAL A 43 1.03 4.13 -2.88
N ARG A 44 1.76 4.49 -1.82
CA ARG A 44 3.14 4.95 -1.94
C ARG A 44 3.93 4.57 -0.67
N ALA A 45 5.25 4.52 -0.77
CA ALA A 45 6.09 4.23 0.39
C ALA A 45 7.42 4.95 0.26
N VAL A 46 8.04 5.25 1.39
CA VAL A 46 9.32 5.94 1.39
C VAL A 46 10.33 5.24 2.28
N ALA A 47 11.60 5.53 2.05
CA ALA A 47 12.69 4.90 2.78
C ALA A 47 13.06 5.70 4.03
N HIS A 48 14.19 5.35 4.63
CA HIS A 48 14.67 5.99 5.86
C HIS A 48 14.95 7.47 5.62
N GLY A 49 14.05 8.32 6.06
CA GLY A 49 14.24 9.76 5.94
C GLY A 49 14.22 10.28 4.51
N VAL A 50 13.62 9.53 3.61
CA VAL A 50 13.54 9.95 2.21
C VAL A 50 12.08 10.06 1.76
N PRO A 51 11.45 11.22 2.04
CA PRO A 51 10.03 11.45 1.71
C PRO A 51 9.83 11.91 0.27
N THR A 52 10.91 12.12 -0.42
CA THR A 52 10.87 12.70 -1.73
C THR A 52 10.96 11.65 -2.84
N ILE A 53 11.24 10.43 -2.47
CA ILE A 53 11.33 9.33 -3.42
C ILE A 53 10.37 8.22 -3.03
N ASN A 54 9.54 7.79 -3.96
CA ASN A 54 8.63 6.69 -3.72
C ASN A 54 9.42 5.40 -3.86
N VAL A 55 9.69 4.77 -2.75
CA VAL A 55 10.54 3.60 -2.75
C VAL A 55 9.72 2.33 -3.01
N ALA A 56 8.41 2.45 -2.94
CA ALA A 56 7.52 1.31 -3.07
C ALA A 56 7.64 0.64 -4.43
N MET A 57 8.19 -0.57 -4.44
CA MET A 57 8.24 -1.35 -5.64
C MET A 57 6.96 -2.16 -5.71
N LEU A 58 5.96 -1.57 -6.33
CA LEU A 58 4.63 -2.14 -6.37
C LEU A 58 4.55 -3.30 -7.34
N ILE A 59 4.34 -4.49 -6.78
CA ILE A 59 4.19 -5.70 -7.58
C ILE A 59 2.86 -5.68 -8.30
N THR A 60 1.81 -5.25 -7.59
CA THR A 60 0.46 -5.19 -8.12
C THR A 60 0.07 -3.76 -8.46
N PRO A 61 0.22 -3.35 -9.72
CA PRO A 61 -0.10 -1.99 -10.14
C PRO A 61 -1.60 -1.78 -10.17
N ASN A 62 -1.98 -0.52 -10.13
CA ASN A 62 -3.40 -0.10 -10.12
C ASN A 62 -4.29 -0.97 -9.21
N PRO A 63 -4.06 -0.93 -7.87
CA PRO A 63 -4.89 -1.68 -6.93
C PRO A 63 -6.32 -1.15 -6.98
N THR A 64 -7.31 -2.00 -6.79
CA THR A 64 -8.67 -1.56 -6.96
C THR A 64 -9.56 -1.81 -5.74
N ILE A 65 -10.45 -0.87 -5.50
CA ILE A 65 -11.47 -0.96 -4.48
C ILE A 65 -12.77 -1.33 -5.15
N GLU A 66 -13.28 -2.48 -4.81
CA GLU A 66 -14.54 -2.93 -5.36
C GLU A 66 -15.68 -2.40 -4.51
N THR A 67 -16.86 -2.95 -4.70
CA THR A 67 -18.04 -2.55 -3.94
C THR A 67 -17.80 -2.52 -2.42
N SER A 68 -17.10 -3.52 -1.89
CA SER A 68 -16.78 -3.54 -0.47
C SER A 68 -15.33 -3.27 -0.19
N GLY A 69 -14.56 -3.06 -1.23
CA GLY A 69 -13.16 -2.81 -1.06
C GLY A 69 -12.32 -3.91 -1.62
N GLY A 70 -11.68 -4.66 -0.74
CA GLY A 70 -10.84 -5.75 -1.16
C GLY A 70 -9.57 -5.22 -1.78
N GLY A 71 -9.07 -4.12 -1.23
CA GLY A 71 -7.89 -3.51 -1.76
C GLY A 71 -6.64 -4.23 -1.34
N PHE A 72 -6.30 -5.27 -2.08
CA PHE A 72 -5.09 -6.05 -1.82
C PHE A 72 -3.91 -5.42 -2.53
N ILE A 73 -2.90 -5.09 -1.78
CA ILE A 73 -1.71 -4.48 -2.34
C ILE A 73 -0.48 -5.32 -2.02
N GLU A 74 0.29 -5.64 -3.06
CA GLU A 74 1.54 -6.40 -2.93
C GLU A 74 2.72 -5.49 -3.30
N MET A 75 3.62 -5.27 -2.36
CA MET A 75 4.76 -4.38 -2.62
C MET A 75 6.07 -4.95 -2.09
N GLN A 76 7.14 -4.67 -2.79
CA GLN A 76 8.46 -5.03 -2.32
C GLN A 76 9.17 -3.78 -1.86
N LEU A 77 9.59 -3.79 -0.63
CA LEU A 77 10.21 -2.63 -0.04
C LEU A 77 11.64 -2.89 0.40
N PRO A 78 12.44 -1.81 0.53
CA PRO A 78 13.80 -1.88 1.01
C PRO A 78 13.81 -2.27 2.49
N PRO A 79 14.87 -2.92 2.96
CA PRO A 79 14.96 -3.37 4.34
C PRO A 79 15.08 -2.20 5.33
N GLY A 80 14.66 -2.45 6.56
CA GLY A 80 14.75 -1.43 7.57
C GLY A 80 13.47 -0.65 7.77
N ASP A 81 13.60 0.65 7.95
CA ASP A 81 12.49 1.54 8.25
C ASP A 81 11.78 2.03 6.99
N ASN A 82 10.57 1.55 6.78
CA ASN A 82 9.76 1.96 5.64
C ASN A 82 8.51 2.67 6.10
N ILE A 83 8.12 3.69 5.35
CA ILE A 83 6.91 4.42 5.66
C ILE A 83 5.92 4.28 4.50
N ILE A 84 4.76 3.70 4.78
CA ILE A 84 3.79 3.42 3.74
C ILE A 84 2.56 4.33 3.88
N TYR A 85 2.15 4.95 2.78
CA TYR A 85 0.98 5.79 2.77
C TYR A 85 -0.03 5.28 1.76
N VAL A 86 -1.27 5.20 2.16
CA VAL A 86 -2.34 4.81 1.25
C VAL A 86 -3.40 5.90 1.31
N GLY A 87 -3.72 6.50 0.18
CA GLY A 87 -4.61 7.63 0.19
C GLY A 87 -3.99 8.74 1.03
N ASP A 88 -4.61 9.08 2.14
CA ASP A 88 -4.04 10.03 3.07
C ASP A 88 -3.64 9.32 4.37
N LEU A 89 -3.75 8.00 4.36
CA LEU A 89 -3.45 7.16 5.52
C LEU A 89 -1.96 6.95 5.65
N SER A 90 -1.50 6.69 6.86
CA SER A 90 -0.09 6.49 7.12
C SER A 90 0.15 5.27 8.02
N GLN A 91 1.14 4.47 7.66
CA GLN A 91 1.50 3.30 8.45
C GLN A 91 2.99 2.98 8.24
N GLN A 92 3.62 2.40 9.24
CA GLN A 92 5.04 2.11 9.20
C GLN A 92 5.32 0.62 9.00
N TRP A 93 6.45 0.31 8.39
CA TRP A 93 6.83 -1.07 8.10
C TRP A 93 8.32 -1.31 8.37
N PHE A 94 8.62 -2.50 8.85
CA PHE A 94 10.00 -2.92 8.98
C PHE A 94 10.22 -4.07 8.03
N GLN A 95 11.08 -3.87 7.06
CA GLN A 95 11.32 -4.86 6.04
C GLN A 95 12.56 -5.69 6.33
N LYS A 96 12.44 -6.98 6.05
CA LYS A 96 13.51 -7.95 6.27
C LYS A 96 14.64 -7.77 5.26
N GLY A 97 15.80 -8.32 5.57
CA GLY A 97 16.94 -8.22 4.68
C GLY A 97 17.95 -7.22 5.17
N SER A 98 17.71 -6.67 6.34
CA SER A 98 18.60 -5.70 6.93
C SER A 98 19.92 -6.35 7.35
N THR A 99 20.97 -6.09 6.58
CA THR A 99 22.31 -6.62 6.84
C THR A 99 22.37 -8.13 6.61
N ILE A 100 23.08 -8.54 5.56
CA ILE A 100 23.24 -9.95 5.24
C ILE A 100 24.00 -10.65 6.36
N GLY A 101 25.04 -9.99 6.84
CA GLY A 101 25.80 -10.53 7.94
C GLY A 101 27.17 -11.03 7.52
N ARG A 102 28.21 -10.32 7.97
CA ARG A 102 29.60 -10.68 7.69
C ARG A 102 29.86 -10.73 6.19
N SER A 1 -20.95 10.15 -9.38
CA SER A 1 -19.88 10.70 -10.21
C SER A 1 -19.39 9.63 -11.20
N ASN A 2 -18.20 9.83 -11.75
CA ASN A 2 -17.63 8.89 -12.72
C ASN A 2 -17.08 7.65 -12.02
N THR A 3 -17.26 6.50 -12.65
CA THR A 3 -16.79 5.23 -12.12
C THR A 3 -15.27 5.13 -12.29
N TYR A 4 -14.64 4.47 -11.33
CA TYR A 4 -13.21 4.29 -11.28
C TYR A 4 -12.47 5.56 -11.00
N SER A 5 -11.53 5.92 -11.85
CA SER A 5 -10.68 7.06 -11.60
C SER A 5 -9.91 6.81 -10.29
N MET A 6 -9.37 7.84 -9.69
CA MET A 6 -8.65 7.68 -8.43
C MET A 6 -9.58 7.90 -7.26
N CYS A 7 -9.47 7.07 -6.23
CA CYS A 7 -10.32 7.19 -5.06
C CYS A 7 -9.84 8.35 -4.20
N ASP A 8 -10.76 9.02 -3.51
CA ASP A 8 -10.38 10.08 -2.61
C ASP A 8 -9.63 9.49 -1.43
N LYS A 9 -8.49 10.09 -1.10
CA LYS A 9 -7.62 9.57 -0.06
C LYS A 9 -8.27 9.58 1.33
N THR A 10 -9.23 10.44 1.54
CA THR A 10 -9.84 10.54 2.85
C THR A 10 -10.94 9.48 3.07
N LYS A 11 -11.17 8.62 2.08
CA LYS A 11 -12.23 7.62 2.18
C LYS A 11 -11.70 6.18 2.28
N PHE A 12 -10.42 6.03 2.61
CA PHE A 12 -9.83 4.70 2.77
C PHE A 12 -9.81 4.29 4.21
N LYS A 13 -9.78 2.99 4.44
CA LYS A 13 -9.79 2.45 5.77
C LYS A 13 -9.00 1.16 5.80
N TRP A 14 -8.35 0.88 6.92
CA TRP A 14 -7.49 -0.28 7.01
C TRP A 14 -8.26 -1.54 7.28
N LYS A 15 -8.19 -2.48 6.37
CA LYS A 15 -8.82 -3.78 6.55
C LYS A 15 -7.81 -4.71 7.23
N ARG A 16 -6.65 -4.81 6.63
CA ARG A 16 -5.56 -5.61 7.17
C ARG A 16 -4.26 -4.86 6.97
N VAL A 17 -3.50 -4.70 8.02
CA VAL A 17 -2.26 -3.98 7.95
C VAL A 17 -1.18 -4.78 7.20
N PRO A 18 -0.24 -4.05 6.55
CA PRO A 18 0.84 -4.66 5.77
C PRO A 18 1.57 -5.75 6.53
N VAL A 19 1.79 -6.87 5.86
CA VAL A 19 2.50 -7.98 6.44
C VAL A 19 3.11 -8.86 5.35
N ASP A 20 4.26 -9.46 5.63
CA ASP A 20 4.89 -10.39 4.71
C ASP A 20 4.55 -11.79 5.14
N SER A 21 3.86 -12.51 4.28
CA SER A 21 3.44 -13.87 4.57
C SER A 21 4.65 -14.79 4.72
N GLY A 22 5.80 -14.34 4.23
CA GLY A 22 6.99 -15.13 4.27
C GLY A 22 7.55 -15.34 2.88
N HIS A 23 7.18 -14.43 1.97
CA HIS A 23 7.61 -14.52 0.58
C HIS A 23 8.35 -13.27 0.16
N ASP A 24 8.73 -12.48 1.16
CA ASP A 24 9.55 -11.27 0.99
C ASP A 24 8.81 -10.13 0.32
N THR A 25 7.50 -10.18 0.31
CA THR A 25 6.71 -9.09 -0.23
C THR A 25 5.58 -8.75 0.73
N VAL A 26 5.29 -7.47 0.84
CA VAL A 26 4.32 -7.00 1.81
C VAL A 26 2.94 -6.89 1.22
N VAL A 27 1.97 -7.50 1.89
CA VAL A 27 0.59 -7.50 1.44
C VAL A 27 -0.31 -6.82 2.49
N MET A 28 -1.31 -6.11 2.02
CA MET A 28 -2.25 -5.45 2.92
C MET A 28 -3.62 -5.38 2.28
N GLU A 29 -4.62 -5.17 3.10
CA GLU A 29 -5.99 -5.02 2.63
C GLU A 29 -6.56 -3.69 3.02
N VAL A 30 -7.18 -3.04 2.09
CA VAL A 30 -7.79 -1.76 2.34
C VAL A 30 -9.25 -1.77 1.89
N SER A 31 -10.02 -0.90 2.48
CA SER A 31 -11.44 -0.81 2.20
C SER A 31 -11.80 0.64 1.90
N TYR A 32 -12.91 0.84 1.21
CA TYR A 32 -13.31 2.18 0.82
C TYR A 32 -14.71 2.47 1.34
N THR A 33 -14.85 3.58 2.06
CA THR A 33 -16.12 3.90 2.72
C THR A 33 -16.89 4.98 1.96
N GLY A 34 -16.39 5.36 0.81
CA GLY A 34 -17.03 6.39 0.02
C GLY A 34 -18.06 5.84 -0.96
N SER A 35 -17.99 6.32 -2.19
CA SER A 35 -18.89 5.91 -3.24
C SER A 35 -18.16 5.91 -4.56
N ASP A 36 -18.88 5.63 -5.65
CA ASP A 36 -18.32 5.65 -7.00
C ASP A 36 -17.34 4.52 -7.24
N LYS A 37 -17.32 3.58 -6.32
CA LYS A 37 -16.51 2.39 -6.46
C LYS A 37 -17.21 1.43 -7.41
N PRO A 38 -16.48 0.54 -8.09
CA PRO A 38 -15.02 0.40 -7.98
C PRO A 38 -14.22 1.63 -8.41
N CYS A 39 -13.12 1.84 -7.73
CA CYS A 39 -12.21 2.95 -8.02
C CYS A 39 -10.75 2.54 -7.81
N ARG A 40 -9.83 3.26 -8.45
CA ARG A 40 -8.40 2.94 -8.37
C ARG A 40 -7.75 3.51 -7.10
N ILE A 41 -6.91 2.69 -6.46
CA ILE A 41 -6.30 3.02 -5.18
C ILE A 41 -4.97 3.72 -5.34
N PRO A 42 -4.79 4.85 -4.62
CA PRO A 42 -3.51 5.54 -4.58
C PRO A 42 -2.57 4.90 -3.54
N VAL A 43 -1.51 4.27 -4.01
CA VAL A 43 -0.54 3.66 -3.10
C VAL A 43 0.89 4.20 -3.34
N ARG A 44 1.57 4.57 -2.24
CA ARG A 44 2.94 5.10 -2.28
C ARG A 44 3.64 4.85 -0.95
N ALA A 45 4.95 5.01 -0.91
CA ALA A 45 5.71 4.79 0.31
C ALA A 45 7.01 5.58 0.29
N VAL A 46 7.54 5.87 1.46
CA VAL A 46 8.81 6.60 1.57
C VAL A 46 9.73 5.91 2.55
N ALA A 47 11.02 6.15 2.39
CA ALA A 47 12.01 5.56 3.27
C ALA A 47 12.48 6.59 4.27
N HIS A 48 12.82 6.13 5.45
CA HIS A 48 13.31 7.01 6.50
C HIS A 48 14.63 7.63 6.11
N GLY A 49 14.67 8.96 6.07
CA GLY A 49 15.87 9.67 5.72
C GLY A 49 15.84 10.17 4.29
N VAL A 50 15.09 9.49 3.43
CA VAL A 50 14.97 9.90 2.04
C VAL A 50 13.51 9.90 1.61
N PRO A 51 12.81 11.02 1.87
CA PRO A 51 11.38 11.20 1.53
C PRO A 51 11.14 11.26 0.02
N THR A 52 12.19 11.53 -0.71
CA THR A 52 12.10 11.80 -2.13
C THR A 52 12.33 10.57 -2.99
N ILE A 53 12.50 9.43 -2.38
CA ILE A 53 12.70 8.20 -3.14
C ILE A 53 11.45 7.35 -3.15
N ASN A 54 11.08 6.86 -4.32
CA ASN A 54 9.94 5.95 -4.41
C ASN A 54 10.40 4.57 -4.02
N VAL A 55 10.08 4.20 -2.81
CA VAL A 55 10.49 2.94 -2.23
C VAL A 55 9.40 1.88 -2.42
N ALA A 56 8.24 2.33 -2.83
CA ALA A 56 7.12 1.46 -3.04
C ALA A 56 7.23 0.68 -4.35
N MET A 57 7.81 -0.50 -4.29
CA MET A 57 7.90 -1.36 -5.46
C MET A 57 6.62 -2.15 -5.54
N LEU A 58 5.70 -1.67 -6.31
CA LEU A 58 4.39 -2.27 -6.39
C LEU A 58 4.40 -3.56 -7.19
N ILE A 59 3.96 -4.63 -6.55
CA ILE A 59 3.88 -5.93 -7.18
C ILE A 59 2.55 -6.06 -7.92
N THR A 60 1.51 -5.54 -7.30
CA THR A 60 0.17 -5.58 -7.89
C THR A 60 -0.17 -4.21 -8.49
N PRO A 61 -0.03 -4.07 -9.82
CA PRO A 61 -0.21 -2.78 -10.48
C PRO A 61 -1.65 -2.30 -10.44
N ASN A 62 -1.81 -0.98 -10.52
CA ASN A 62 -3.09 -0.24 -10.41
C ASN A 62 -4.13 -0.96 -9.53
N PRO A 63 -3.93 -0.94 -8.20
CA PRO A 63 -4.86 -1.56 -7.26
C PRO A 63 -6.24 -0.91 -7.35
N THR A 64 -7.29 -1.71 -7.22
CA THR A 64 -8.63 -1.18 -7.33
C THR A 64 -9.53 -1.61 -6.18
N ILE A 65 -10.40 -0.71 -5.79
CA ILE A 65 -11.41 -0.96 -4.78
C ILE A 65 -12.66 -1.46 -5.45
N GLU A 66 -13.19 -2.55 -4.96
CA GLU A 66 -14.42 -3.08 -5.49
C GLU A 66 -15.60 -2.60 -4.64
N THR A 67 -16.74 -3.26 -4.77
CA THR A 67 -17.97 -2.88 -4.07
C THR A 67 -17.72 -2.50 -2.58
N SER A 68 -17.00 -3.33 -1.86
CA SER A 68 -16.67 -3.02 -0.47
C SER A 68 -15.21 -2.65 -0.31
N GLY A 69 -14.38 -3.29 -1.07
CA GLY A 69 -12.98 -3.04 -0.99
C GLY A 69 -12.21 -4.08 -1.72
N GLY A 70 -11.70 -5.05 -0.98
CA GLY A 70 -10.91 -6.09 -1.59
C GLY A 70 -9.61 -5.56 -2.13
N GLY A 71 -9.11 -4.51 -1.49
CA GLY A 71 -7.91 -3.89 -1.95
C GLY A 71 -6.68 -4.62 -1.48
N PHE A 72 -6.38 -5.72 -2.15
CA PHE A 72 -5.20 -6.49 -1.83
C PHE A 72 -4.03 -5.88 -2.56
N ILE A 73 -3.20 -5.19 -1.82
CA ILE A 73 -2.05 -4.53 -2.39
C ILE A 73 -0.78 -5.24 -1.95
N GLU A 74 -0.01 -5.68 -2.91
CA GLU A 74 1.26 -6.30 -2.62
C GLU A 74 2.37 -5.45 -3.16
N MET A 75 3.27 -5.08 -2.28
CA MET A 75 4.39 -4.26 -2.64
C MET A 75 5.63 -4.71 -1.93
N GLN A 76 6.75 -4.53 -2.56
CA GLN A 76 8.01 -4.93 -1.98
C GLN A 76 8.84 -3.71 -1.69
N LEU A 77 9.45 -3.68 -0.56
CA LEU A 77 10.26 -2.57 -0.18
C LEU A 77 11.63 -3.01 0.31
N PRO A 78 12.64 -2.19 0.07
CA PRO A 78 14.00 -2.39 0.56
C PRO A 78 14.02 -2.49 2.10
N PRO A 79 15.01 -3.18 2.68
CA PRO A 79 15.10 -3.35 4.12
C PRO A 79 15.31 -2.04 4.85
N GLY A 80 14.70 -1.90 6.00
CA GLY A 80 14.83 -0.69 6.75
C GLY A 80 13.51 -0.13 7.20
N ASP A 81 13.56 1.04 7.79
CA ASP A 81 12.38 1.72 8.32
C ASP A 81 11.76 2.59 7.25
N ASN A 82 10.50 2.37 6.95
CA ASN A 82 9.81 3.11 5.88
C ASN A 82 8.36 3.40 6.24
N ILE A 83 7.70 4.21 5.43
CA ILE A 83 6.30 4.56 5.66
C ILE A 83 5.47 4.23 4.42
N ILE A 84 4.43 3.45 4.60
CA ILE A 84 3.54 3.11 3.51
C ILE A 84 2.25 3.92 3.60
N TYR A 85 1.88 4.55 2.50
CA TYR A 85 0.68 5.36 2.47
C TYR A 85 -0.34 4.77 1.50
N VAL A 86 -1.53 4.55 2.00
CA VAL A 86 -2.64 4.06 1.17
C VAL A 86 -3.83 4.97 1.38
N GLY A 87 -4.12 5.82 0.40
CA GLY A 87 -5.21 6.76 0.55
C GLY A 87 -5.08 7.57 1.81
N ASP A 88 -4.04 8.41 1.86
CA ASP A 88 -3.73 9.29 3.01
C ASP A 88 -3.37 8.52 4.30
N LEU A 89 -3.73 7.25 4.37
CA LEU A 89 -3.44 6.46 5.55
C LEU A 89 -1.97 6.14 5.59
N SER A 90 -1.37 6.41 6.71
CA SER A 90 0.05 6.21 6.86
C SER A 90 0.32 5.09 7.83
N GLN A 91 1.11 4.14 7.40
CA GLN A 91 1.48 3.01 8.23
C GLN A 91 2.97 2.74 8.08
N GLN A 92 3.67 2.74 9.20
CA GLN A 92 5.11 2.56 9.21
C GLN A 92 5.48 1.08 9.13
N TRP A 93 6.37 0.76 8.23
CA TRP A 93 6.81 -0.61 8.03
C TRP A 93 8.31 -0.74 8.24
N PHE A 94 8.71 -1.84 8.85
CA PHE A 94 10.12 -2.12 9.00
C PHE A 94 10.42 -3.39 8.23
N GLN A 95 11.07 -3.25 7.11
CA GLN A 95 11.36 -4.39 6.27
C GLN A 95 12.54 -5.18 6.81
N LYS A 96 12.44 -6.50 6.71
CA LYS A 96 13.43 -7.45 7.23
C LYS A 96 14.84 -7.12 6.77
N GLY A 97 15.77 -7.16 7.69
CA GLY A 97 17.15 -6.87 7.36
C GLY A 97 17.91 -8.14 7.03
N SER A 98 18.84 -8.03 6.10
CA SER A 98 19.63 -9.18 5.67
C SER A 98 20.76 -9.45 6.65
N THR A 99 21.41 -10.59 6.51
CA THR A 99 22.49 -10.99 7.39
C THR A 99 23.80 -10.37 6.92
N ILE A 100 24.37 -9.58 7.77
CA ILE A 100 25.62 -8.91 7.49
C ILE A 100 26.81 -9.85 7.70
N GLY A 101 26.72 -10.69 8.73
CA GLY A 101 27.81 -11.59 9.06
C GLY A 101 27.88 -12.77 8.14
N ARG A 102 27.05 -13.76 8.39
CA ARG A 102 27.05 -14.96 7.60
C ARG A 102 25.71 -15.12 6.91
N SER A 1 -10.67 5.91 -15.98
CA SER A 1 -11.69 6.86 -16.48
C SER A 1 -13.06 6.20 -16.51
N ASN A 2 -13.18 5.11 -17.25
CA ASN A 2 -14.43 4.35 -17.33
C ASN A 2 -14.55 3.46 -16.11
N THR A 3 -15.55 3.75 -15.27
CA THR A 3 -15.77 3.00 -14.03
C THR A 3 -14.68 3.28 -13.01
N TYR A 4 -13.46 2.83 -13.29
CA TYR A 4 -12.36 3.06 -12.38
C TYR A 4 -11.83 4.47 -12.51
N SER A 5 -11.62 5.06 -11.39
CA SER A 5 -11.11 6.40 -11.28
C SER A 5 -10.32 6.45 -9.99
N MET A 6 -9.74 7.58 -9.66
CA MET A 6 -8.95 7.66 -8.46
C MET A 6 -9.84 7.74 -7.21
N CYS A 7 -9.58 6.86 -6.25
CA CYS A 7 -10.34 6.83 -5.01
C CYS A 7 -9.94 8.03 -4.14
N ASP A 8 -10.87 8.51 -3.34
CA ASP A 8 -10.59 9.66 -2.47
C ASP A 8 -9.66 9.27 -1.32
N LYS A 9 -8.68 10.11 -1.07
CA LYS A 9 -7.71 9.89 0.00
C LYS A 9 -8.34 10.15 1.39
N THR A 10 -9.61 10.49 1.40
CA THR A 10 -10.32 10.75 2.62
C THR A 10 -11.31 9.63 2.95
N LYS A 11 -11.32 8.56 2.15
CA LYS A 11 -12.30 7.50 2.34
C LYS A 11 -11.67 6.11 2.49
N PHE A 12 -10.40 6.06 2.87
CA PHE A 12 -9.72 4.77 3.02
C PHE A 12 -9.67 4.31 4.48
N LYS A 13 -9.74 3.01 4.64
CA LYS A 13 -9.68 2.38 5.94
C LYS A 13 -8.84 1.11 5.86
N TRP A 14 -8.24 0.72 6.96
CA TRP A 14 -7.38 -0.45 6.98
C TRP A 14 -8.15 -1.71 7.35
N LYS A 15 -8.30 -2.62 6.40
CA LYS A 15 -8.94 -3.89 6.68
C LYS A 15 -7.93 -4.82 7.34
N ARG A 16 -6.82 -5.00 6.65
CA ARG A 16 -5.75 -5.85 7.13
C ARG A 16 -4.44 -5.10 7.02
N VAL A 17 -3.72 -5.00 8.12
CA VAL A 17 -2.46 -4.29 8.13
C VAL A 17 -1.41 -5.03 7.30
N PRO A 18 -0.49 -4.28 6.68
CA PRO A 18 0.59 -4.84 5.87
C PRO A 18 1.36 -5.94 6.59
N VAL A 19 1.45 -7.10 5.96
CA VAL A 19 2.21 -8.24 6.48
C VAL A 19 2.88 -8.99 5.34
N ASP A 20 3.87 -9.80 5.67
CA ASP A 20 4.50 -10.65 4.66
C ASP A 20 4.04 -12.09 4.86
N SER A 21 3.57 -12.68 3.78
CA SER A 21 3.10 -14.06 3.83
C SER A 21 4.30 -15.02 3.79
N GLY A 22 5.48 -14.46 3.67
CA GLY A 22 6.68 -15.26 3.60
C GLY A 22 7.25 -15.27 2.21
N HIS A 23 6.72 -14.40 1.37
CA HIS A 23 7.14 -14.31 -0.03
C HIS A 23 7.88 -12.99 -0.31
N ASP A 24 8.30 -12.32 0.77
CA ASP A 24 9.09 -11.08 0.71
C ASP A 24 8.34 -9.91 0.08
N THR A 25 7.03 -9.97 0.06
CA THR A 25 6.23 -8.87 -0.42
C THR A 25 5.17 -8.52 0.61
N VAL A 26 5.06 -7.26 0.90
CA VAL A 26 4.14 -6.80 1.91
C VAL A 26 2.73 -6.72 1.38
N VAL A 27 1.83 -7.46 1.99
CA VAL A 27 0.45 -7.51 1.56
C VAL A 27 -0.46 -6.84 2.59
N MET A 28 -1.36 -6.01 2.12
CA MET A 28 -2.30 -5.30 2.98
C MET A 28 -3.63 -5.20 2.27
N GLU A 29 -4.70 -5.07 3.02
CA GLU A 29 -6.01 -4.93 2.43
C GLU A 29 -6.68 -3.73 3.03
N VAL A 30 -7.21 -2.88 2.19
CA VAL A 30 -7.88 -1.70 2.69
C VAL A 30 -9.33 -1.66 2.21
N SER A 31 -10.19 -1.18 3.08
CA SER A 31 -11.59 -1.02 2.78
C SER A 31 -11.86 0.41 2.36
N TYR A 32 -13.02 0.68 1.77
CA TYR A 32 -13.31 2.02 1.28
C TYR A 32 -14.71 2.44 1.69
N THR A 33 -14.82 3.53 2.43
CA THR A 33 -16.09 4.00 2.96
C THR A 33 -16.98 4.62 1.89
N GLY A 34 -16.36 5.24 0.89
CA GLY A 34 -17.12 5.86 -0.17
C GLY A 34 -17.83 4.83 -1.04
N SER A 35 -19.01 5.17 -1.48
CA SER A 35 -19.78 4.28 -2.32
C SER A 35 -19.57 4.62 -3.79
N ASP A 36 -20.23 3.86 -4.66
CA ASP A 36 -20.24 4.11 -6.09
C ASP A 36 -18.88 3.89 -6.73
N LYS A 37 -18.18 2.89 -6.23
CA LYS A 37 -16.93 2.45 -6.80
C LYS A 37 -17.28 1.37 -7.88
N PRO A 38 -16.34 0.52 -8.39
CA PRO A 38 -14.91 0.44 -8.03
C PRO A 38 -14.07 1.63 -8.50
N CYS A 39 -12.89 1.77 -7.88
CA CYS A 39 -11.96 2.83 -8.20
C CYS A 39 -10.51 2.36 -7.93
N ARG A 40 -9.54 3.12 -8.40
CA ARG A 40 -8.11 2.81 -8.22
C ARG A 40 -7.52 3.49 -6.96
N ILE A 41 -6.69 2.76 -6.22
CA ILE A 41 -6.11 3.25 -4.96
C ILE A 41 -4.82 4.06 -5.17
N PRO A 42 -4.76 5.26 -4.58
CA PRO A 42 -3.53 6.05 -4.55
C PRO A 42 -2.57 5.53 -3.46
N VAL A 43 -1.45 4.94 -3.87
CA VAL A 43 -0.49 4.43 -2.90
C VAL A 43 0.96 4.83 -3.23
N ARG A 44 1.71 5.18 -2.19
CA ARG A 44 3.13 5.53 -2.30
C ARG A 44 3.81 5.26 -0.96
N ALA A 45 5.13 5.20 -0.93
CA ALA A 45 5.82 4.99 0.32
C ALA A 45 7.11 5.78 0.36
N VAL A 46 7.64 5.96 1.56
CA VAL A 46 8.91 6.69 1.72
C VAL A 46 9.84 5.91 2.64
N ALA A 47 11.12 6.20 2.51
CA ALA A 47 12.12 5.56 3.33
C ALA A 47 12.80 6.59 4.20
N HIS A 48 13.25 6.17 5.36
CA HIS A 48 13.89 7.07 6.30
C HIS A 48 15.18 7.64 5.75
N GLY A 49 15.22 8.96 5.63
CA GLY A 49 16.40 9.62 5.13
C GLY A 49 16.27 10.03 3.66
N VAL A 50 15.40 9.34 2.93
CA VAL A 50 15.18 9.63 1.53
C VAL A 50 13.68 9.66 1.19
N PRO A 51 13.03 10.80 1.43
CA PRO A 51 11.58 10.97 1.17
C PRO A 51 11.26 11.05 -0.32
N THR A 52 12.26 11.31 -1.11
CA THR A 52 12.08 11.55 -2.52
C THR A 52 12.49 10.37 -3.38
N ILE A 53 12.80 9.27 -2.74
CA ILE A 53 13.21 8.06 -3.44
C ILE A 53 12.11 7.01 -3.38
N ASN A 54 11.77 6.43 -4.53
CA ASN A 54 10.74 5.41 -4.60
C ASN A 54 11.19 4.16 -3.85
N VAL A 55 10.59 3.94 -2.69
CA VAL A 55 10.94 2.80 -1.86
C VAL A 55 9.96 1.65 -2.06
N ALA A 56 8.75 1.96 -2.49
CA ALA A 56 7.74 0.96 -2.67
C ALA A 56 7.78 0.34 -4.05
N MET A 57 8.34 -0.84 -4.16
CA MET A 57 8.31 -1.57 -5.40
C MET A 57 6.93 -2.18 -5.52
N LEU A 58 6.06 -1.49 -6.23
CA LEU A 58 4.68 -1.89 -6.30
C LEU A 58 4.48 -3.04 -7.27
N ILE A 59 4.12 -4.19 -6.73
CA ILE A 59 3.86 -5.38 -7.52
C ILE A 59 2.63 -5.16 -8.38
N THR A 60 1.60 -4.57 -7.78
CA THR A 60 0.37 -4.25 -8.46
C THR A 60 0.33 -2.77 -8.81
N PRO A 61 0.70 -2.40 -10.05
CA PRO A 61 0.82 -0.99 -10.50
C PRO A 61 -0.47 -0.21 -10.37
N ASN A 62 -1.54 -0.92 -10.34
CA ASN A 62 -2.86 -0.33 -10.26
C ASN A 62 -3.77 -1.05 -9.27
N PRO A 63 -3.57 -0.77 -7.96
CA PRO A 63 -4.43 -1.33 -6.91
C PRO A 63 -5.86 -0.82 -7.06
N THR A 64 -6.84 -1.65 -6.73
CA THR A 64 -8.22 -1.24 -6.91
C THR A 64 -9.10 -1.50 -5.69
N ILE A 65 -10.18 -0.74 -5.62
CA ILE A 65 -11.22 -0.86 -4.61
C ILE A 65 -12.51 -1.32 -5.28
N GLU A 66 -13.18 -2.26 -4.65
CA GLU A 66 -14.39 -2.84 -5.16
C GLU A 66 -15.54 -2.45 -4.26
N THR A 67 -16.71 -3.00 -4.54
CA THR A 67 -17.97 -2.67 -3.84
C THR A 67 -17.82 -2.34 -2.33
N SER A 68 -17.20 -3.19 -1.55
CA SER A 68 -16.99 -2.90 -0.14
C SER A 68 -15.53 -2.64 0.20
N GLY A 69 -14.65 -3.32 -0.48
CA GLY A 69 -13.24 -3.15 -0.22
C GLY A 69 -12.41 -3.82 -1.27
N GLY A 70 -11.71 -4.86 -0.89
CA GLY A 70 -10.89 -5.59 -1.84
C GLY A 70 -9.65 -4.82 -2.22
N GLY A 71 -9.27 -3.86 -1.39
CA GLY A 71 -8.09 -3.09 -1.67
C GLY A 71 -6.84 -3.83 -1.29
N PHE A 72 -6.55 -4.88 -2.01
CA PHE A 72 -5.40 -5.70 -1.74
C PHE A 72 -4.19 -5.09 -2.43
N ILE A 73 -3.25 -4.65 -1.62
CA ILE A 73 -2.04 -4.03 -2.13
C ILE A 73 -0.82 -4.79 -1.66
N GLU A 74 0.06 -5.13 -2.57
CA GLU A 74 1.30 -5.78 -2.20
C GLU A 74 2.48 -5.08 -2.87
N MET A 75 3.50 -4.84 -2.09
CA MET A 75 4.68 -4.17 -2.56
C MET A 75 5.90 -4.70 -1.86
N GLN A 76 7.04 -4.51 -2.46
CA GLN A 76 8.29 -4.94 -1.88
C GLN A 76 9.14 -3.73 -1.55
N LEU A 77 9.57 -3.67 -0.32
CA LEU A 77 10.37 -2.55 0.14
C LEU A 77 11.74 -2.99 0.60
N PRO A 78 12.72 -2.09 0.47
CA PRO A 78 14.07 -2.30 1.00
C PRO A 78 14.04 -2.42 2.52
N PRO A 79 14.94 -3.21 3.12
CA PRO A 79 14.98 -3.39 4.57
C PRO A 79 15.20 -2.07 5.31
N GLY A 80 14.55 -1.94 6.45
CA GLY A 80 14.66 -0.73 7.22
C GLY A 80 13.29 -0.22 7.65
N ASP A 81 13.25 0.92 8.30
CA ASP A 81 12.00 1.50 8.75
C ASP A 81 11.44 2.39 7.66
N ASN A 82 10.29 2.01 7.12
CA ASN A 82 9.69 2.75 6.01
C ASN A 82 8.27 3.21 6.38
N ILE A 83 7.76 4.16 5.61
CA ILE A 83 6.40 4.67 5.81
C ILE A 83 5.58 4.47 4.55
N ILE A 84 4.43 3.83 4.67
CA ILE A 84 3.57 3.58 3.53
C ILE A 84 2.33 4.46 3.59
N TYR A 85 2.02 5.14 2.48
CA TYR A 85 0.85 5.99 2.40
C TYR A 85 -0.17 5.45 1.42
N VAL A 86 -1.36 5.19 1.91
CA VAL A 86 -2.47 4.70 1.10
C VAL A 86 -3.68 5.58 1.32
N GLY A 87 -4.10 6.33 0.31
CA GLY A 87 -5.21 7.23 0.51
C GLY A 87 -4.91 8.20 1.62
N ASP A 88 -3.75 8.81 1.52
CA ASP A 88 -3.20 9.76 2.51
C ASP A 88 -3.04 9.13 3.92
N LEU A 89 -3.39 7.85 4.06
CA LEU A 89 -3.22 7.14 5.33
C LEU A 89 -1.76 6.81 5.50
N SER A 90 -1.29 6.82 6.72
CA SER A 90 0.08 6.49 6.96
C SER A 90 0.17 5.27 7.83
N GLN A 91 0.97 4.34 7.37
CA GLN A 91 1.19 3.10 8.06
C GLN A 91 2.65 2.71 7.93
N GLN A 92 3.32 2.55 9.05
CA GLN A 92 4.74 2.25 9.07
C GLN A 92 5.01 0.78 8.83
N TRP A 93 6.16 0.50 8.25
CA TRP A 93 6.59 -0.86 8.01
C TRP A 93 8.08 -0.99 8.23
N PHE A 94 8.45 -1.88 9.13
CA PHE A 94 9.85 -2.18 9.32
C PHE A 94 10.18 -3.40 8.49
N GLN A 95 10.86 -3.18 7.40
CA GLN A 95 11.19 -4.26 6.49
C GLN A 95 12.42 -5.00 6.94
N LYS A 96 12.35 -6.31 6.88
CA LYS A 96 13.44 -7.16 7.27
C LYS A 96 14.14 -7.69 6.04
N GLY A 97 15.41 -8.02 6.20
CA GLY A 97 16.16 -8.58 5.11
C GLY A 97 16.62 -9.96 5.44
N SER A 98 16.55 -10.86 4.48
CA SER A 98 16.95 -12.23 4.70
C SER A 98 18.46 -12.36 4.72
N THR A 99 19.04 -12.03 5.86
CA THR A 99 20.45 -12.14 6.05
C THR A 99 20.76 -13.19 7.09
N ILE A 100 21.17 -14.36 6.62
CA ILE A 100 21.47 -15.46 7.50
C ILE A 100 22.94 -15.83 7.40
N GLY A 101 23.59 -15.93 8.53
CA GLY A 101 24.98 -16.27 8.57
C GLY A 101 25.32 -16.92 9.88
N ARG A 102 26.54 -17.38 10.01
CA ARG A 102 26.97 -18.02 11.24
C ARG A 102 27.38 -16.97 12.26
N SER A 1 -10.19 3.25 -19.00
CA SER A 1 -10.81 2.71 -17.79
C SER A 1 -11.81 3.71 -17.20
N ASN A 2 -13.06 3.62 -17.62
CA ASN A 2 -14.09 4.53 -17.15
C ASN A 2 -14.66 4.07 -15.81
N THR A 3 -14.74 2.75 -15.64
CA THR A 3 -15.28 2.15 -14.43
C THR A 3 -14.44 2.50 -13.20
N TYR A 4 -13.12 2.40 -13.33
CA TYR A 4 -12.24 2.67 -12.20
C TYR A 4 -11.88 4.14 -12.14
N SER A 5 -12.37 4.77 -11.12
CA SER A 5 -12.09 6.16 -10.87
C SER A 5 -11.04 6.24 -9.77
N MET A 6 -10.53 7.43 -9.50
CA MET A 6 -9.54 7.57 -8.45
C MET A 6 -10.21 7.78 -7.12
N CYS A 7 -9.80 7.00 -6.14
CA CYS A 7 -10.37 7.05 -4.81
C CYS A 7 -9.96 8.30 -4.07
N ASP A 8 -10.85 8.80 -3.24
CA ASP A 8 -10.57 9.95 -2.42
C ASP A 8 -9.67 9.55 -1.27
N LYS A 9 -8.67 10.37 -1.02
CA LYS A 9 -7.68 10.10 0.01
C LYS A 9 -8.31 10.05 1.39
N THR A 10 -9.29 10.91 1.59
CA THR A 10 -9.97 11.06 2.87
C THR A 10 -10.99 9.95 3.14
N LYS A 11 -11.14 9.02 2.21
CA LYS A 11 -12.12 7.95 2.38
C LYS A 11 -11.44 6.60 2.52
N PHE A 12 -10.16 6.61 2.88
CA PHE A 12 -9.41 5.39 3.06
C PHE A 12 -9.35 4.98 4.53
N LYS A 13 -9.41 3.70 4.75
CA LYS A 13 -9.39 3.12 6.07
C LYS A 13 -8.59 1.82 6.02
N TRP A 14 -8.14 1.33 7.15
CA TRP A 14 -7.33 0.12 7.16
C TRP A 14 -8.14 -1.12 7.46
N LYS A 15 -7.94 -2.14 6.63
CA LYS A 15 -8.56 -3.44 6.83
C LYS A 15 -7.55 -4.39 7.43
N ARG A 16 -6.46 -4.59 6.71
CA ARG A 16 -5.40 -5.46 7.13
C ARG A 16 -4.06 -4.80 6.85
N VAL A 17 -3.25 -4.66 7.88
CA VAL A 17 -1.95 -4.02 7.76
C VAL A 17 -0.97 -4.88 6.96
N PRO A 18 0.05 -4.23 6.37
CA PRO A 18 1.10 -4.89 5.59
C PRO A 18 1.69 -6.11 6.30
N VAL A 19 1.84 -7.20 5.57
CA VAL A 19 2.44 -8.42 6.09
C VAL A 19 3.10 -9.23 4.95
N ASP A 20 4.23 -9.86 5.25
CA ASP A 20 4.92 -10.73 4.28
C ASP A 20 4.14 -12.00 4.07
N SER A 21 4.11 -12.47 2.85
CA SER A 21 3.40 -13.68 2.51
C SER A 21 4.34 -14.88 2.54
N GLY A 22 5.51 -14.68 3.12
CA GLY A 22 6.50 -15.73 3.24
C GLY A 22 7.47 -15.72 2.09
N HIS A 23 7.65 -14.56 1.46
CA HIS A 23 8.54 -14.45 0.31
C HIS A 23 8.89 -12.99 -0.01
N ASP A 24 9.03 -12.19 1.03
CA ASP A 24 9.47 -10.78 0.91
C ASP A 24 8.46 -9.91 0.16
N THR A 25 7.18 -10.20 0.30
CA THR A 25 6.17 -9.36 -0.32
C THR A 25 5.27 -8.79 0.73
N VAL A 26 5.07 -7.52 0.64
CA VAL A 26 4.26 -6.81 1.60
C VAL A 26 2.85 -6.66 1.06
N VAL A 27 1.93 -7.41 1.64
CA VAL A 27 0.54 -7.37 1.22
C VAL A 27 -0.32 -6.73 2.31
N MET A 28 -1.35 -6.03 1.88
CA MET A 28 -2.24 -5.35 2.80
C MET A 28 -3.58 -5.12 2.15
N GLU A 29 -4.58 -4.86 2.97
CA GLU A 29 -5.89 -4.53 2.46
C GLU A 29 -6.42 -3.31 3.16
N VAL A 30 -7.05 -2.45 2.41
CA VAL A 30 -7.61 -1.25 2.98
C VAL A 30 -9.09 -1.23 2.70
N SER A 31 -9.84 -0.61 3.58
CA SER A 31 -11.26 -0.51 3.41
C SER A 31 -11.59 0.87 2.87
N TYR A 32 -12.56 0.94 1.98
CA TYR A 32 -12.94 2.21 1.40
C TYR A 32 -14.38 2.52 1.73
N THR A 33 -14.61 3.70 2.27
CA THR A 33 -15.94 4.09 2.72
C THR A 33 -16.60 5.09 1.77
N GLY A 34 -15.98 5.28 0.62
CA GLY A 34 -16.51 6.23 -0.34
C GLY A 34 -17.30 5.58 -1.45
N SER A 35 -17.78 6.39 -2.37
CA SER A 35 -18.54 5.93 -3.50
C SER A 35 -17.63 5.68 -4.70
N ASP A 36 -18.25 5.41 -5.86
CA ASP A 36 -17.53 5.17 -7.12
C ASP A 36 -16.66 3.92 -7.06
N LYS A 37 -17.30 2.79 -6.79
CA LYS A 37 -16.61 1.51 -6.75
C LYS A 37 -17.11 0.60 -7.89
N PRO A 38 -16.24 -0.25 -8.46
CA PRO A 38 -14.83 -0.37 -8.07
C PRO A 38 -14.02 0.89 -8.33
N CYS A 39 -13.02 1.08 -7.52
CA CYS A 39 -12.20 2.26 -7.56
C CYS A 39 -10.71 1.90 -7.60
N ARG A 40 -9.89 2.85 -8.03
CA ARG A 40 -8.46 2.62 -8.18
C ARG A 40 -7.68 3.31 -7.02
N ILE A 41 -6.82 2.54 -6.34
CA ILE A 41 -6.11 3.02 -5.14
C ILE A 41 -4.82 3.79 -5.44
N PRO A 42 -4.67 4.99 -4.83
CA PRO A 42 -3.42 5.74 -4.84
C PRO A 42 -2.50 5.23 -3.71
N VAL A 43 -1.41 4.57 -4.06
CA VAL A 43 -0.51 4.05 -3.03
C VAL A 43 0.95 4.48 -3.27
N ARG A 44 1.65 4.81 -2.17
CA ARG A 44 3.06 5.23 -2.23
C ARG A 44 3.73 4.95 -0.88
N ALA A 45 5.06 5.03 -0.81
CA ALA A 45 5.77 4.85 0.45
C ALA A 45 7.12 5.54 0.42
N VAL A 46 7.64 5.91 1.59
CA VAL A 46 8.93 6.57 1.69
C VAL A 46 9.80 5.92 2.75
N ALA A 47 11.10 6.14 2.65
CA ALA A 47 12.04 5.56 3.59
C ALA A 47 12.55 6.64 4.55
N HIS A 48 13.17 6.21 5.63
CA HIS A 48 13.68 7.15 6.63
C HIS A 48 14.86 7.91 6.10
N GLY A 49 14.70 9.20 5.94
CA GLY A 49 15.77 10.03 5.46
C GLY A 49 15.56 10.47 4.02
N VAL A 50 14.66 9.79 3.31
CA VAL A 50 14.40 10.12 1.91
C VAL A 50 12.89 10.22 1.61
N PRO A 51 12.29 11.38 1.91
CA PRO A 51 10.85 11.65 1.66
C PRO A 51 10.52 11.71 0.17
N THR A 52 11.54 11.95 -0.64
CA THR A 52 11.34 12.16 -2.05
C THR A 52 11.63 10.92 -2.89
N ILE A 53 12.05 9.85 -2.25
CA ILE A 53 12.33 8.61 -2.95
C ILE A 53 11.23 7.59 -2.67
N ASN A 54 10.65 7.04 -3.71
CA ASN A 54 9.58 6.08 -3.55
C ASN A 54 10.13 4.68 -3.32
N VAL A 55 10.07 4.27 -2.08
CA VAL A 55 10.55 2.95 -1.65
C VAL A 55 9.56 1.84 -2.04
N ALA A 56 8.30 2.20 -2.16
CA ALA A 56 7.25 1.23 -2.46
C ALA A 56 7.42 0.61 -3.85
N MET A 57 7.92 -0.61 -3.88
CA MET A 57 7.99 -1.34 -5.14
C MET A 57 6.70 -2.09 -5.32
N LEU A 58 5.75 -1.44 -5.95
CA LEU A 58 4.42 -1.98 -6.10
C LEU A 58 4.40 -3.11 -7.11
N ILE A 59 4.19 -4.32 -6.61
CA ILE A 59 4.10 -5.51 -7.43
C ILE A 59 2.85 -5.45 -8.29
N THR A 60 1.76 -5.01 -7.69
CA THR A 60 0.50 -4.85 -8.38
C THR A 60 0.31 -3.38 -8.76
N PRO A 61 0.71 -2.97 -9.99
CA PRO A 61 0.70 -1.56 -10.43
C PRO A 61 -0.71 -0.99 -10.65
N ASN A 62 -1.69 -1.67 -10.13
CA ASN A 62 -3.07 -1.25 -10.26
C ASN A 62 -3.93 -1.86 -9.16
N PRO A 63 -3.77 -1.38 -7.91
CA PRO A 63 -4.58 -1.85 -6.80
C PRO A 63 -6.01 -1.35 -6.97
N THR A 64 -6.97 -2.22 -6.79
CA THR A 64 -8.35 -1.83 -7.00
C THR A 64 -9.22 -2.17 -5.81
N ILE A 65 -10.24 -1.37 -5.63
CA ILE A 65 -11.21 -1.55 -4.58
C ILE A 65 -12.52 -1.99 -5.18
N GLU A 66 -13.00 -3.14 -4.79
CA GLU A 66 -14.25 -3.65 -5.31
C GLU A 66 -15.44 -3.10 -4.53
N THR A 67 -16.64 -3.60 -4.84
CA THR A 67 -17.88 -3.11 -4.25
C THR A 67 -17.93 -3.24 -2.71
N SER A 68 -17.08 -4.09 -2.13
CA SER A 68 -17.03 -4.23 -0.67
C SER A 68 -16.59 -2.94 -0.02
N GLY A 69 -15.71 -2.24 -0.70
CA GLY A 69 -15.06 -1.16 -0.07
C GLY A 69 -13.80 -1.69 0.57
N GLY A 70 -13.02 -2.38 -0.24
CA GLY A 70 -11.83 -3.00 0.21
C GLY A 70 -10.94 -3.28 -0.97
N GLY A 71 -9.70 -2.99 -0.81
CA GLY A 71 -8.75 -3.17 -1.87
C GLY A 71 -7.49 -3.83 -1.38
N PHE A 72 -6.98 -4.72 -2.18
CA PHE A 72 -5.77 -5.47 -1.86
C PHE A 72 -4.56 -4.85 -2.55
N ILE A 73 -3.50 -4.63 -1.79
CA ILE A 73 -2.29 -4.02 -2.31
C ILE A 73 -1.07 -4.94 -2.05
N GLU A 74 -0.29 -5.20 -3.10
CA GLU A 74 0.93 -6.00 -2.97
C GLU A 74 2.14 -5.21 -3.44
N MET A 75 3.11 -5.04 -2.55
CA MET A 75 4.33 -4.34 -2.86
C MET A 75 5.51 -4.99 -2.18
N GLN A 76 6.70 -4.57 -2.54
CA GLN A 76 7.91 -5.06 -1.92
C GLN A 76 8.76 -3.88 -1.48
N LEU A 77 9.28 -3.96 -0.29
CA LEU A 77 10.09 -2.89 0.25
C LEU A 77 11.47 -3.37 0.66
N PRO A 78 12.48 -2.51 0.45
CA PRO A 78 13.85 -2.76 0.87
C PRO A 78 13.93 -2.81 2.41
N PRO A 79 14.94 -3.50 2.97
CA PRO A 79 15.09 -3.61 4.41
C PRO A 79 15.27 -2.25 5.06
N GLY A 80 14.70 -2.09 6.23
CA GLY A 80 14.75 -0.84 6.94
C GLY A 80 13.37 -0.37 7.32
N ASP A 81 13.29 0.76 7.99
CA ASP A 81 12.01 1.31 8.42
C ASP A 81 11.46 2.23 7.33
N ASN A 82 10.26 1.94 6.87
CA ASN A 82 9.63 2.72 5.80
C ASN A 82 8.20 3.09 6.17
N ILE A 83 7.71 4.15 5.58
CA ILE A 83 6.36 4.61 5.83
C ILE A 83 5.52 4.49 4.56
N ILE A 84 4.43 3.77 4.66
CA ILE A 84 3.55 3.51 3.53
C ILE A 84 2.31 4.39 3.62
N TYR A 85 1.98 5.05 2.51
CA TYR A 85 0.80 5.89 2.46
C TYR A 85 -0.19 5.37 1.43
N VAL A 86 -1.43 5.25 1.84
CA VAL A 86 -2.51 4.83 0.97
C VAL A 86 -3.55 5.91 0.99
N GLY A 87 -3.60 6.72 -0.06
CA GLY A 87 -4.44 7.88 0.01
C GLY A 87 -3.94 8.80 1.10
N ASP A 88 -4.74 9.00 2.13
CA ASP A 88 -4.33 9.78 3.29
C ASP A 88 -3.80 8.87 4.42
N LEU A 89 -3.87 7.56 4.21
CA LEU A 89 -3.47 6.59 5.24
C LEU A 89 -1.96 6.51 5.38
N SER A 90 -1.50 6.26 6.58
CA SER A 90 -0.09 6.07 6.82
C SER A 90 0.14 4.88 7.73
N GLN A 91 1.12 4.08 7.38
CA GLN A 91 1.48 2.89 8.15
C GLN A 91 3.00 2.67 8.09
N GLN A 92 3.57 2.20 9.17
CA GLN A 92 5.01 1.99 9.25
C GLN A 92 5.37 0.52 9.01
N TRP A 93 6.39 0.29 8.21
CA TRP A 93 6.85 -1.05 7.91
C TRP A 93 8.34 -1.19 8.15
N PHE A 94 8.74 -2.29 8.76
CA PHE A 94 10.14 -2.57 8.95
C PHE A 94 10.50 -3.88 8.27
N GLN A 95 11.23 -3.79 7.18
CA GLN A 95 11.62 -4.96 6.43
C GLN A 95 13.03 -5.38 6.83
N LYS A 96 13.26 -6.68 6.97
CA LYS A 96 14.55 -7.17 7.38
C LYS A 96 14.87 -8.51 6.70
N GLY A 97 16.16 -8.76 6.48
CA GLY A 97 16.62 -10.02 5.90
C GLY A 97 16.30 -10.18 4.43
N SER A 98 15.74 -9.15 3.82
CA SER A 98 15.31 -9.22 2.42
C SER A 98 16.50 -9.43 1.47
N THR A 99 17.57 -8.68 1.68
CA THR A 99 18.74 -8.75 0.80
C THR A 99 19.86 -9.56 1.43
N ILE A 100 19.56 -10.24 2.53
CA ILE A 100 20.57 -11.06 3.19
C ILE A 100 20.74 -12.38 2.45
N GLY A 101 21.96 -12.66 2.04
CA GLY A 101 22.25 -13.88 1.32
C GLY A 101 23.60 -14.43 1.69
N ARG A 102 24.07 -15.42 0.92
CA ARG A 102 25.36 -16.08 1.17
C ARG A 102 25.35 -16.84 2.49
N SER A 1 -16.62 -3.60 -16.34
CA SER A 1 -15.22 -3.52 -16.77
C SER A 1 -14.70 -2.08 -16.63
N ASN A 2 -15.31 -1.16 -17.37
CA ASN A 2 -14.87 0.22 -17.37
C ASN A 2 -15.61 1.03 -16.31
N THR A 3 -15.17 0.89 -15.08
CA THR A 3 -15.77 1.62 -13.98
C THR A 3 -14.75 1.83 -12.86
N TYR A 4 -13.85 2.76 -13.07
CA TYR A 4 -12.87 3.09 -12.05
C TYR A 4 -12.62 4.56 -12.01
N SER A 5 -12.86 5.09 -10.88
CA SER A 5 -12.66 6.47 -10.60
C SER A 5 -11.46 6.59 -9.68
N MET A 6 -11.30 7.71 -9.03
CA MET A 6 -10.25 7.83 -8.05
C MET A 6 -10.84 7.82 -6.66
N CYS A 7 -10.27 7.03 -5.81
CA CYS A 7 -10.77 6.90 -4.46
C CYS A 7 -10.36 8.12 -3.64
N ASP A 8 -11.28 8.64 -2.85
CA ASP A 8 -11.00 9.78 -1.99
C ASP A 8 -9.99 9.39 -0.93
N LYS A 9 -9.00 10.23 -0.73
CA LYS A 9 -7.88 9.93 0.15
C LYS A 9 -8.33 9.72 1.59
N THR A 10 -9.28 10.53 2.02
CA THR A 10 -9.73 10.51 3.40
C THR A 10 -10.87 9.51 3.65
N LYS A 11 -11.24 8.76 2.63
CA LYS A 11 -12.32 7.79 2.78
C LYS A 11 -11.78 6.36 2.75
N PHE A 12 -10.51 6.22 3.10
CA PHE A 12 -9.87 4.92 3.17
C PHE A 12 -9.84 4.40 4.60
N LYS A 13 -9.92 3.10 4.73
CA LYS A 13 -9.87 2.43 6.02
C LYS A 13 -9.10 1.12 5.88
N TRP A 14 -8.45 0.69 6.94
CA TRP A 14 -7.62 -0.50 6.88
C TRP A 14 -8.40 -1.78 7.11
N LYS A 15 -8.19 -2.74 6.22
CA LYS A 15 -8.78 -4.07 6.35
C LYS A 15 -7.73 -5.02 6.93
N ARG A 16 -6.59 -5.04 6.28
CA ARG A 16 -5.45 -5.84 6.71
C ARG A 16 -4.22 -4.98 6.71
N VAL A 17 -3.50 -4.97 7.80
CA VAL A 17 -2.29 -4.19 7.91
C VAL A 17 -1.14 -4.86 7.15
N PRO A 18 -0.17 -4.06 6.67
CA PRO A 18 1.00 -4.58 5.95
C PRO A 18 1.70 -5.70 6.71
N VAL A 19 1.97 -6.80 6.01
CA VAL A 19 2.65 -7.92 6.60
C VAL A 19 3.24 -8.82 5.51
N ASP A 20 4.35 -9.46 5.82
CA ASP A 20 4.94 -10.42 4.90
C ASP A 20 4.55 -11.83 5.31
N SER A 21 3.94 -12.55 4.39
CA SER A 21 3.48 -13.90 4.66
C SER A 21 4.63 -14.92 4.53
N GLY A 22 5.84 -14.42 4.36
CA GLY A 22 6.99 -15.30 4.23
C GLY A 22 7.47 -15.36 2.80
N HIS A 23 7.06 -14.40 2.01
CA HIS A 23 7.42 -14.34 0.61
C HIS A 23 8.29 -13.11 0.30
N ASP A 24 8.83 -12.50 1.36
CA ASP A 24 9.76 -11.36 1.27
C ASP A 24 9.14 -10.11 0.67
N THR A 25 7.82 -10.05 0.65
CA THR A 25 7.13 -8.88 0.14
C THR A 25 5.95 -8.55 1.04
N VAL A 26 5.52 -7.31 1.01
CA VAL A 26 4.50 -6.84 1.92
C VAL A 26 3.12 -6.84 1.30
N VAL A 27 2.15 -7.40 2.01
CA VAL A 27 0.77 -7.41 1.55
C VAL A 27 -0.14 -6.72 2.56
N MET A 28 -0.98 -5.84 2.07
CA MET A 28 -1.97 -5.18 2.88
C MET A 28 -3.29 -5.11 2.13
N GLU A 29 -4.38 -5.03 2.87
CA GLU A 29 -5.70 -4.89 2.27
C GLU A 29 -6.38 -3.67 2.83
N VAL A 30 -6.94 -2.87 1.97
CA VAL A 30 -7.62 -1.68 2.43
C VAL A 30 -9.07 -1.70 1.94
N SER A 31 -9.93 -1.10 2.75
CA SER A 31 -11.34 -0.96 2.43
C SER A 31 -11.65 0.52 2.15
N TYR A 32 -12.69 0.78 1.38
CA TYR A 32 -13.03 2.15 1.04
C TYR A 32 -14.46 2.47 1.48
N THR A 33 -14.61 3.56 2.22
CA THR A 33 -15.89 3.90 2.82
C THR A 33 -16.62 5.00 2.05
N GLY A 34 -16.04 5.44 0.95
CA GLY A 34 -16.64 6.49 0.16
C GLY A 34 -17.45 5.96 -1.00
N SER A 35 -17.95 6.88 -1.82
CA SER A 35 -18.73 6.54 -2.99
C SER A 35 -17.86 6.45 -4.24
N ASP A 36 -18.51 6.37 -5.42
CA ASP A 36 -17.85 6.36 -6.73
C ASP A 36 -17.13 5.05 -7.00
N LYS A 37 -17.40 4.07 -6.18
CA LYS A 37 -16.78 2.74 -6.31
C LYS A 37 -17.41 1.96 -7.46
N PRO A 38 -16.64 1.07 -8.11
CA PRO A 38 -15.19 0.87 -7.85
C PRO A 38 -14.30 2.06 -8.25
N CYS A 39 -13.14 2.14 -7.63
CA CYS A 39 -12.20 3.24 -7.87
C CYS A 39 -10.74 2.76 -7.74
N ARG A 40 -9.80 3.59 -8.20
CA ARG A 40 -8.37 3.27 -8.16
C ARG A 40 -7.73 3.78 -6.85
N ILE A 41 -6.85 2.97 -6.27
CA ILE A 41 -6.21 3.30 -4.99
C ILE A 41 -4.94 4.12 -5.17
N PRO A 42 -4.84 5.26 -4.49
CA PRO A 42 -3.61 6.02 -4.43
C PRO A 42 -2.69 5.41 -3.36
N VAL A 43 -1.61 4.79 -3.78
CA VAL A 43 -0.68 4.17 -2.85
C VAL A 43 0.76 4.61 -3.10
N ARG A 44 1.46 4.93 -2.02
CA ARG A 44 2.85 5.35 -2.08
C ARG A 44 3.53 5.05 -0.76
N ALA A 45 4.85 5.11 -0.74
CA ALA A 45 5.59 4.86 0.49
C ALA A 45 6.89 5.61 0.47
N VAL A 46 7.46 5.82 1.65
CA VAL A 46 8.75 6.49 1.77
C VAL A 46 9.68 5.70 2.68
N ALA A 47 10.95 5.94 2.53
CA ALA A 47 11.95 5.27 3.33
C ALA A 47 12.67 6.29 4.18
N HIS A 48 13.18 5.87 5.32
CA HIS A 48 13.88 6.78 6.21
C HIS A 48 15.12 7.36 5.52
N GLY A 49 15.12 8.67 5.35
CA GLY A 49 16.25 9.33 4.72
C GLY A 49 15.94 9.76 3.30
N VAL A 50 14.98 9.11 2.68
CA VAL A 50 14.61 9.43 1.31
C VAL A 50 13.08 9.49 1.13
N PRO A 51 12.47 10.63 1.51
CA PRO A 51 11.02 10.83 1.37
C PRO A 51 10.61 11.10 -0.06
N THR A 52 11.58 11.40 -0.88
CA THR A 52 11.34 11.82 -2.23
C THR A 52 11.57 10.71 -3.26
N ILE A 53 11.99 9.57 -2.80
CA ILE A 53 12.22 8.45 -3.69
C ILE A 53 11.13 7.41 -3.51
N ASN A 54 10.58 6.94 -4.62
CA ASN A 54 9.53 5.95 -4.59
C ASN A 54 10.11 4.59 -4.16
N VAL A 55 9.96 4.30 -2.90
CA VAL A 55 10.50 3.08 -2.30
C VAL A 55 9.59 1.88 -2.52
N ALA A 56 8.30 2.14 -2.68
CA ALA A 56 7.32 1.07 -2.84
C ALA A 56 7.40 0.43 -4.22
N MET A 57 8.13 -0.67 -4.32
CA MET A 57 8.20 -1.41 -5.56
C MET A 57 6.94 -2.26 -5.66
N LEU A 58 5.99 -1.75 -6.39
CA LEU A 58 4.66 -2.34 -6.48
C LEU A 58 4.61 -3.53 -7.43
N ILE A 59 4.38 -4.70 -6.85
CA ILE A 59 4.24 -5.93 -7.61
C ILE A 59 2.92 -5.91 -8.38
N THR A 60 1.86 -5.48 -7.70
CA THR A 60 0.52 -5.42 -8.28
C THR A 60 0.22 -4.01 -8.77
N PRO A 61 0.31 -3.77 -10.08
CA PRO A 61 0.12 -2.43 -10.65
C PRO A 61 -1.35 -2.01 -10.63
N ASN A 62 -1.55 -0.70 -10.73
CA ASN A 62 -2.87 -0.05 -10.69
C ASN A 62 -3.85 -0.69 -9.70
N PRO A 63 -3.58 -0.57 -8.38
CA PRO A 63 -4.44 -1.14 -7.36
C PRO A 63 -5.81 -0.50 -7.37
N THR A 64 -6.85 -1.29 -7.21
CA THR A 64 -8.21 -0.77 -7.27
C THR A 64 -9.09 -1.29 -6.14
N ILE A 65 -10.13 -0.54 -5.87
CA ILE A 65 -11.12 -0.89 -4.87
C ILE A 65 -12.39 -1.35 -5.56
N GLU A 66 -12.89 -2.49 -5.16
CA GLU A 66 -14.12 -3.04 -5.69
C GLU A 66 -15.32 -2.33 -5.04
N THR A 67 -16.48 -2.95 -5.15
CA THR A 67 -17.70 -2.41 -4.57
C THR A 67 -17.57 -1.99 -3.09
N SER A 68 -16.78 -2.72 -2.30
CA SER A 68 -16.58 -2.34 -0.89
C SER A 68 -15.09 -2.20 -0.54
N GLY A 69 -14.25 -3.02 -1.12
CA GLY A 69 -12.85 -2.97 -0.82
C GLY A 69 -12.03 -3.88 -1.70
N GLY A 70 -11.42 -4.88 -1.09
CA GLY A 70 -10.60 -5.81 -1.84
C GLY A 70 -9.30 -5.18 -2.27
N GLY A 71 -8.83 -4.21 -1.50
CA GLY A 71 -7.62 -3.52 -1.85
C GLY A 71 -6.40 -4.28 -1.43
N PHE A 72 -6.17 -5.41 -2.06
CA PHE A 72 -5.01 -6.23 -1.75
C PHE A 72 -3.83 -5.72 -2.55
N ILE A 73 -2.83 -5.23 -1.85
CA ILE A 73 -1.67 -4.66 -2.48
C ILE A 73 -0.42 -5.49 -2.14
N GLU A 74 0.34 -5.80 -3.17
CA GLU A 74 1.58 -6.55 -3.03
C GLU A 74 2.75 -5.66 -3.44
N MET A 75 3.68 -5.41 -2.53
CA MET A 75 4.82 -4.57 -2.83
C MET A 75 6.08 -5.03 -2.10
N GLN A 76 7.22 -4.71 -2.68
CA GLN A 76 8.50 -5.03 -2.09
C GLN A 76 9.22 -3.75 -1.74
N LEU A 77 9.75 -3.71 -0.54
CA LEU A 77 10.46 -2.54 -0.07
C LEU A 77 11.86 -2.88 0.41
N PRO A 78 12.82 -1.97 0.13
CA PRO A 78 14.23 -2.10 0.54
C PRO A 78 14.38 -2.19 2.06
N PRO A 79 15.56 -2.65 2.54
CA PRO A 79 15.82 -2.79 3.98
C PRO A 79 15.73 -1.46 4.73
N GLY A 80 15.20 -1.52 5.95
CA GLY A 80 15.04 -0.33 6.76
C GLY A 80 13.58 -0.11 7.15
N ASP A 81 13.32 0.99 7.84
CA ASP A 81 11.97 1.35 8.25
C ASP A 81 11.32 2.19 7.17
N ASN A 82 10.10 1.84 6.78
CA ASN A 82 9.42 2.53 5.70
C ASN A 82 8.04 3.01 6.15
N ILE A 83 7.56 4.08 5.54
CA ILE A 83 6.23 4.58 5.84
C ILE A 83 5.35 4.45 4.60
N ILE A 84 4.29 3.67 4.69
CA ILE A 84 3.41 3.43 3.58
C ILE A 84 2.15 4.30 3.71
N TYR A 85 1.81 5.00 2.65
CA TYR A 85 0.65 5.86 2.65
C TYR A 85 -0.40 5.36 1.67
N VAL A 86 -1.62 5.28 2.12
CA VAL A 86 -2.74 4.90 1.28
C VAL A 86 -3.80 5.98 1.37
N GLY A 87 -3.96 6.73 0.31
CA GLY A 87 -4.85 7.87 0.38
C GLY A 87 -4.32 8.87 1.38
N ASP A 88 -5.07 9.09 2.44
CA ASP A 88 -4.64 9.99 3.51
C ASP A 88 -4.08 9.16 4.70
N LEU A 89 -4.07 7.85 4.55
CA LEU A 89 -3.64 6.95 5.62
C LEU A 89 -2.13 6.80 5.64
N SER A 90 -1.57 6.55 6.80
CA SER A 90 -0.15 6.33 6.93
C SER A 90 0.11 5.18 7.89
N GLN A 91 0.90 4.24 7.45
CA GLN A 91 1.24 3.08 8.26
C GLN A 91 2.71 2.72 8.08
N GLN A 92 3.42 2.59 9.18
CA GLN A 92 4.84 2.29 9.14
C GLN A 92 5.09 0.80 9.05
N TRP A 93 6.11 0.44 8.32
CA TRP A 93 6.46 -0.95 8.12
C TRP A 93 7.97 -1.15 8.28
N PHE A 94 8.34 -2.11 9.10
CA PHE A 94 9.73 -2.49 9.25
C PHE A 94 9.94 -3.79 8.51
N GLN A 95 10.79 -3.76 7.51
CA GLN A 95 11.04 -4.91 6.67
C GLN A 95 11.85 -5.97 7.41
N LYS A 96 11.61 -7.22 7.06
CA LYS A 96 12.38 -8.30 7.62
C LYS A 96 13.55 -8.61 6.71
N GLY A 97 14.72 -8.75 7.29
CA GLY A 97 15.89 -9.01 6.50
C GLY A 97 17.15 -9.11 7.32
N SER A 98 17.75 -7.95 7.62
CA SER A 98 19.00 -7.89 8.37
C SER A 98 20.13 -8.52 7.54
N THR A 99 20.76 -7.71 6.71
CA THR A 99 21.80 -8.16 5.80
C THR A 99 23.19 -7.86 6.34
N ILE A 100 23.27 -7.56 7.65
CA ILE A 100 24.53 -7.24 8.32
C ILE A 100 25.01 -5.83 7.94
N GLY A 101 25.36 -5.66 6.69
CA GLY A 101 25.79 -4.37 6.19
C GLY A 101 27.27 -4.14 6.39
N ARG A 102 27.79 -4.53 7.55
CA ARG A 102 29.19 -4.34 7.88
C ARG A 102 29.89 -5.67 7.99
N SER A 1 -17.18 8.91 -16.87
CA SER A 1 -16.73 8.36 -18.15
C SER A 1 -16.04 7.01 -17.95
N ASN A 2 -14.93 7.02 -17.23
CA ASN A 2 -14.18 5.81 -16.95
C ASN A 2 -14.85 5.06 -15.81
N THR A 3 -14.88 3.73 -15.91
CA THR A 3 -15.49 2.89 -14.89
C THR A 3 -14.76 3.08 -13.55
N TYR A 4 -13.44 3.11 -13.60
CA TYR A 4 -12.66 3.29 -12.40
C TYR A 4 -12.20 4.73 -12.30
N SER A 5 -12.68 5.41 -11.30
CA SER A 5 -12.30 6.77 -11.05
C SER A 5 -11.23 6.79 -9.95
N MET A 6 -10.72 7.95 -9.60
CA MET A 6 -9.74 8.03 -8.53
C MET A 6 -10.41 8.20 -7.19
N CYS A 7 -10.03 7.37 -6.24
CA CYS A 7 -10.61 7.42 -4.90
C CYS A 7 -10.04 8.54 -4.07
N ASP A 8 -10.88 9.10 -3.21
CA ASP A 8 -10.47 10.13 -2.29
C ASP A 8 -9.58 9.53 -1.21
N LYS A 9 -8.44 10.17 -0.97
CA LYS A 9 -7.44 9.65 -0.05
C LYS A 9 -7.90 9.59 1.40
N THR A 10 -8.84 10.43 1.79
CA THR A 10 -9.30 10.46 3.17
C THR A 10 -10.47 9.51 3.42
N LYS A 11 -10.78 8.67 2.42
CA LYS A 11 -11.86 7.71 2.56
C LYS A 11 -11.32 6.28 2.67
N PHE A 12 -10.02 6.16 2.95
CA PHE A 12 -9.38 4.86 3.10
C PHE A 12 -9.22 4.49 4.58
N LYS A 13 -9.33 3.20 4.86
CA LYS A 13 -9.16 2.69 6.22
C LYS A 13 -8.26 1.48 6.25
N TRP A 14 -7.66 1.24 7.38
CA TRP A 14 -6.75 0.12 7.51
C TRP A 14 -7.46 -1.14 7.95
N LYS A 15 -7.78 -1.99 6.99
CA LYS A 15 -8.39 -3.27 7.31
C LYS A 15 -7.33 -4.19 7.90
N ARG A 16 -6.22 -4.31 7.21
CA ARG A 16 -5.09 -5.07 7.69
C ARG A 16 -3.80 -4.35 7.32
N VAL A 17 -2.98 -4.12 8.32
CA VAL A 17 -1.72 -3.45 8.11
C VAL A 17 -0.70 -4.36 7.44
N PRO A 18 0.32 -3.77 6.78
CA PRO A 18 1.38 -4.49 6.10
C PRO A 18 1.92 -5.68 6.90
N VAL A 19 1.96 -6.83 6.27
CA VAL A 19 2.51 -8.04 6.87
C VAL A 19 3.03 -8.99 5.78
N ASP A 20 4.10 -9.72 6.09
CA ASP A 20 4.65 -10.70 5.15
C ASP A 20 3.90 -12.02 5.27
N SER A 21 3.44 -12.52 4.14
CA SER A 21 2.72 -13.79 4.11
C SER A 21 3.69 -14.96 4.09
N GLY A 22 4.97 -14.67 4.08
CA GLY A 22 5.98 -15.69 4.03
C GLY A 22 6.63 -15.73 2.67
N HIS A 23 6.56 -14.61 1.97
CA HIS A 23 7.11 -14.52 0.62
C HIS A 23 8.07 -13.32 0.47
N ASP A 24 8.51 -12.77 1.61
CA ASP A 24 9.47 -11.64 1.66
C ASP A 24 8.93 -10.38 1.00
N THR A 25 7.62 -10.28 0.89
CA THR A 25 6.99 -9.11 0.30
C THR A 25 5.83 -8.65 1.18
N VAL A 26 5.41 -7.42 1.02
CA VAL A 26 4.44 -6.83 1.92
C VAL A 26 3.03 -6.81 1.34
N VAL A 27 2.06 -7.34 2.11
CA VAL A 27 0.66 -7.33 1.71
C VAL A 27 -0.19 -6.65 2.78
N MET A 28 -1.11 -5.81 2.34
CA MET A 28 -2.03 -5.15 3.25
C MET A 28 -3.43 -5.13 2.64
N GLU A 29 -4.41 -4.85 3.47
CA GLU A 29 -5.79 -4.76 3.03
C GLU A 29 -6.43 -3.48 3.53
N VAL A 30 -7.15 -2.84 2.66
CA VAL A 30 -7.78 -1.59 2.99
C VAL A 30 -9.28 -1.60 2.71
N SER A 31 -10.01 -1.01 3.63
CA SER A 31 -11.47 -0.89 3.54
C SER A 31 -11.82 0.53 3.11
N TYR A 32 -12.93 0.71 2.38
CA TYR A 32 -13.22 2.03 1.87
C TYR A 32 -14.61 2.49 2.27
N THR A 33 -14.74 3.79 2.49
CA THR A 33 -16.01 4.39 2.83
C THR A 33 -16.47 5.33 1.72
N GLY A 34 -15.70 5.35 0.64
CA GLY A 34 -16.00 6.23 -0.47
C GLY A 34 -16.94 5.60 -1.47
N SER A 35 -17.87 6.40 -1.96
CA SER A 35 -18.86 5.95 -2.92
C SER A 35 -18.28 5.95 -4.34
N ASP A 36 -19.13 5.59 -5.31
CA ASP A 36 -18.77 5.59 -6.73
C ASP A 36 -17.70 4.55 -7.05
N LYS A 37 -17.98 3.32 -6.64
CA LYS A 37 -17.11 2.18 -6.90
C LYS A 37 -17.69 1.37 -8.06
N PRO A 38 -16.87 0.58 -8.80
CA PRO A 38 -15.42 0.41 -8.57
C PRO A 38 -14.60 1.68 -8.82
N CYS A 39 -13.36 1.67 -8.32
CA CYS A 39 -12.49 2.86 -8.35
C CYS A 39 -10.98 2.46 -8.32
N ARG A 40 -10.08 3.45 -8.38
CA ARG A 40 -8.62 3.22 -8.35
C ARG A 40 -7.99 3.57 -6.97
N ILE A 41 -6.98 2.78 -6.57
CA ILE A 41 -6.29 2.98 -5.29
C ILE A 41 -4.92 3.68 -5.46
N PRO A 42 -4.71 4.80 -4.76
CA PRO A 42 -3.41 5.48 -4.72
C PRO A 42 -2.46 4.81 -3.69
N VAL A 43 -1.42 4.15 -4.17
CA VAL A 43 -0.46 3.48 -3.30
C VAL A 43 0.97 4.01 -3.52
N ARG A 44 1.66 4.31 -2.42
CA ARG A 44 3.03 4.82 -2.46
C ARG A 44 3.75 4.51 -1.14
N ALA A 45 5.07 4.65 -1.11
CA ALA A 45 5.85 4.37 0.09
C ALA A 45 7.17 5.12 0.07
N VAL A 46 7.70 5.44 1.25
CA VAL A 46 8.96 6.18 1.38
C VAL A 46 9.85 5.54 2.44
N ALA A 47 11.12 5.89 2.43
CA ALA A 47 12.05 5.42 3.43
C ALA A 47 12.30 6.51 4.47
N HIS A 48 12.82 6.13 5.63
CA HIS A 48 13.09 7.11 6.68
C HIS A 48 14.22 8.03 6.26
N GLY A 49 13.90 9.32 6.18
CA GLY A 49 14.88 10.30 5.77
C GLY A 49 14.73 10.65 4.30
N VAL A 50 13.96 9.85 3.57
CA VAL A 50 13.76 10.07 2.14
C VAL A 50 12.26 10.01 1.80
N PRO A 51 11.52 11.11 2.07
CA PRO A 51 10.09 11.20 1.77
C PRO A 51 9.81 11.63 0.34
N THR A 52 10.85 12.05 -0.33
CA THR A 52 10.74 12.63 -1.63
C THR A 52 10.96 11.64 -2.76
N ILE A 53 11.48 10.48 -2.42
CA ILE A 53 11.69 9.46 -3.41
C ILE A 53 10.78 8.29 -3.14
N ASN A 54 9.99 7.92 -4.13
CA ASN A 54 9.09 6.81 -4.00
C ASN A 54 9.85 5.50 -3.97
N VAL A 55 9.77 4.82 -2.86
CA VAL A 55 10.47 3.56 -2.71
C VAL A 55 9.50 2.40 -2.93
N ALA A 56 8.24 2.72 -3.13
CA ALA A 56 7.21 1.71 -3.28
C ALA A 56 7.41 0.89 -4.54
N MET A 57 7.83 -0.34 -4.37
CA MET A 57 7.95 -1.26 -5.46
C MET A 57 6.67 -2.07 -5.52
N LEU A 58 5.72 -1.56 -6.26
CA LEU A 58 4.40 -2.15 -6.30
C LEU A 58 4.34 -3.33 -7.25
N ILE A 59 4.14 -4.50 -6.68
CA ILE A 59 4.02 -5.74 -7.43
C ILE A 59 2.71 -5.75 -8.23
N THR A 60 1.65 -5.30 -7.58
CA THR A 60 0.34 -5.23 -8.21
C THR A 60 0.04 -3.80 -8.64
N PRO A 61 0.28 -3.46 -9.92
CA PRO A 61 0.08 -2.11 -10.43
C PRO A 61 -1.39 -1.76 -10.55
N ASN A 62 -1.66 -0.47 -10.49
CA ASN A 62 -3.02 0.10 -10.51
C ASN A 62 -4.03 -0.76 -9.73
N PRO A 63 -3.92 -0.75 -8.37
CA PRO A 63 -4.82 -1.50 -7.52
C PRO A 63 -6.24 -0.95 -7.64
N THR A 64 -7.24 -1.83 -7.59
CA THR A 64 -8.60 -1.40 -7.83
C THR A 64 -9.52 -1.56 -6.64
N ILE A 65 -10.57 -0.78 -6.65
CA ILE A 65 -11.62 -0.82 -5.67
C ILE A 65 -12.79 -1.51 -6.30
N GLU A 66 -13.33 -2.50 -5.64
CA GLU A 66 -14.47 -3.20 -6.17
C GLU A 66 -15.75 -2.70 -5.53
N THR A 67 -16.86 -3.39 -5.81
CA THR A 67 -18.19 -3.05 -5.28
C THR A 67 -18.18 -2.54 -3.83
N SER A 68 -17.57 -3.28 -2.91
CA SER A 68 -17.43 -2.77 -1.54
C SER A 68 -16.00 -2.34 -1.31
N GLY A 69 -15.09 -3.08 -1.92
CA GLY A 69 -13.71 -2.79 -1.75
C GLY A 69 -12.89 -4.03 -1.59
N GLY A 70 -12.29 -4.18 -0.40
CA GLY A 70 -11.44 -5.32 -0.13
C GLY A 70 -10.21 -5.28 -0.98
N GLY A 71 -9.35 -4.32 -0.71
CA GLY A 71 -8.20 -4.13 -1.52
C GLY A 71 -7.01 -4.83 -1.00
N PHE A 72 -6.56 -5.79 -1.74
CA PHE A 72 -5.38 -6.54 -1.41
C PHE A 72 -4.21 -5.99 -2.23
N ILE A 73 -3.23 -5.44 -1.54
CA ILE A 73 -2.10 -4.81 -2.20
C ILE A 73 -0.80 -5.56 -1.90
N GLU A 74 -0.03 -5.84 -2.96
CA GLU A 74 1.25 -6.53 -2.85
C GLU A 74 2.37 -5.57 -3.28
N MET A 75 3.32 -5.31 -2.39
CA MET A 75 4.40 -4.41 -2.69
C MET A 75 5.69 -4.78 -1.96
N GLN A 76 6.81 -4.37 -2.52
CA GLN A 76 8.11 -4.64 -1.95
C GLN A 76 8.73 -3.35 -1.41
N LEU A 77 9.28 -3.44 -0.22
CA LEU A 77 9.98 -2.33 0.39
C LEU A 77 11.45 -2.70 0.66
N PRO A 78 12.32 -1.71 0.88
CA PRO A 78 13.71 -1.96 1.19
C PRO A 78 13.89 -2.28 2.66
N PRO A 79 14.97 -2.99 3.03
CA PRO A 79 15.23 -3.33 4.42
C PRO A 79 15.38 -2.09 5.29
N GLY A 80 14.86 -2.17 6.50
CA GLY A 80 14.89 -1.05 7.40
C GLY A 80 13.50 -0.54 7.66
N ASP A 81 13.41 0.58 8.36
CA ASP A 81 12.13 1.17 8.70
C ASP A 81 11.66 2.05 7.56
N ASN A 82 10.53 1.71 6.99
CA ASN A 82 9.96 2.46 5.89
C ASN A 82 8.53 2.86 6.20
N ILE A 83 8.00 3.77 5.41
CA ILE A 83 6.66 4.26 5.61
C ILE A 83 5.81 3.97 4.37
N ILE A 84 4.72 3.28 4.57
CA ILE A 84 3.83 2.97 3.48
C ILE A 84 2.60 3.85 3.54
N TYR A 85 2.29 4.50 2.43
CA TYR A 85 1.13 5.37 2.38
C TYR A 85 0.10 4.84 1.40
N VAL A 86 -1.11 4.74 1.87
CA VAL A 86 -2.24 4.37 1.05
C VAL A 86 -3.22 5.51 1.13
N GLY A 87 -3.44 6.19 0.02
CA GLY A 87 -4.21 7.40 0.08
C GLY A 87 -3.41 8.45 0.83
N ASP A 88 -3.88 8.82 2.01
CA ASP A 88 -3.11 9.73 2.85
C ASP A 88 -2.74 9.05 4.17
N LEU A 89 -3.08 7.76 4.29
CA LEU A 89 -2.79 6.99 5.49
C LEU A 89 -1.35 6.58 5.52
N SER A 90 -0.80 6.46 6.72
CA SER A 90 0.58 6.08 6.85
C SER A 90 0.72 4.91 7.83
N GLN A 91 1.60 4.01 7.50
CA GLN A 91 1.90 2.89 8.36
C GLN A 91 3.35 2.47 8.16
N GLN A 92 3.98 1.98 9.19
CA GLN A 92 5.38 1.61 9.13
C GLN A 92 5.58 0.14 8.84
N TRP A 93 6.72 -0.15 8.28
CA TRP A 93 7.13 -1.50 8.01
C TRP A 93 8.62 -1.61 8.22
N PHE A 94 9.04 -2.63 8.94
CA PHE A 94 10.45 -2.84 9.12
C PHE A 94 10.85 -4.08 8.36
N GLN A 95 11.43 -3.87 7.20
CA GLN A 95 11.83 -4.96 6.35
C GLN A 95 13.19 -5.48 6.75
N LYS A 96 13.35 -6.78 6.73
CA LYS A 96 14.60 -7.41 7.07
C LYS A 96 15.26 -7.99 5.83
N GLY A 97 16.57 -8.14 5.88
CA GLY A 97 17.28 -8.70 4.76
C GLY A 97 17.30 -10.21 4.81
N SER A 98 16.49 -10.83 3.97
CA SER A 98 16.40 -12.29 3.92
C SER A 98 17.75 -12.89 3.55
N THR A 99 18.37 -12.32 2.53
CA THR A 99 19.68 -12.77 2.07
C THR A 99 20.70 -11.64 2.12
N ILE A 100 20.21 -10.42 2.14
CA ILE A 100 21.06 -9.25 2.11
C ILE A 100 21.31 -8.70 3.51
N GLY A 101 22.58 -8.58 3.85
CA GLY A 101 22.96 -7.99 5.12
C GLY A 101 23.78 -6.74 4.89
N ARG A 102 24.01 -6.44 3.62
CA ARG A 102 24.79 -5.30 3.22
C ARG A 102 24.17 -4.68 1.97
N SER A 1 -15.35 0.82 -19.11
CA SER A 1 -14.69 1.87 -19.90
C SER A 1 -14.38 3.09 -19.05
N ASN A 2 -15.38 3.57 -18.32
CA ASN A 2 -15.23 4.71 -17.44
C ASN A 2 -15.44 4.26 -15.99
N THR A 3 -15.36 2.95 -15.79
CA THR A 3 -15.58 2.35 -14.49
C THR A 3 -14.56 2.81 -13.46
N TYR A 4 -13.30 2.76 -13.82
CA TYR A 4 -12.24 3.10 -12.87
C TYR A 4 -11.89 4.56 -12.94
N SER A 5 -11.92 5.17 -11.80
CA SER A 5 -11.55 6.55 -11.62
C SER A 5 -10.63 6.61 -10.40
N MET A 6 -10.53 7.74 -9.77
CA MET A 6 -9.68 7.85 -8.59
C MET A 6 -10.49 7.73 -7.32
N CYS A 7 -9.96 7.01 -6.35
CA CYS A 7 -10.63 6.84 -5.07
C CYS A 7 -10.28 8.00 -4.15
N ASP A 8 -11.20 8.38 -3.29
CA ASP A 8 -10.95 9.45 -2.34
C ASP A 8 -9.97 9.00 -1.28
N LYS A 9 -8.87 9.72 -1.20
CA LYS A 9 -7.78 9.42 -0.27
C LYS A 9 -8.23 9.35 1.19
N THR A 10 -9.22 10.14 1.55
CA THR A 10 -9.64 10.23 2.94
C THR A 10 -10.71 9.20 3.31
N LYS A 11 -11.03 8.30 2.39
CA LYS A 11 -12.03 7.27 2.67
C LYS A 11 -11.40 5.88 2.71
N PHE A 12 -10.10 5.82 2.95
CA PHE A 12 -9.41 4.55 3.05
C PHE A 12 -9.23 4.16 4.50
N LYS A 13 -9.42 2.89 4.81
CA LYS A 13 -9.26 2.39 6.17
C LYS A 13 -8.43 1.12 6.17
N TRP A 14 -7.59 0.96 7.19
CA TRP A 14 -6.73 -0.20 7.26
C TRP A 14 -7.50 -1.47 7.60
N LYS A 15 -7.84 -2.23 6.58
CA LYS A 15 -8.46 -3.52 6.80
C LYS A 15 -7.44 -4.47 7.40
N ARG A 16 -6.30 -4.53 6.76
CA ARG A 16 -5.23 -5.37 7.19
C ARG A 16 -3.92 -4.62 7.05
N VAL A 17 -3.16 -4.57 8.11
CA VAL A 17 -1.89 -3.88 8.11
C VAL A 17 -0.86 -4.62 7.26
N PRO A 18 0.08 -3.87 6.65
CA PRO A 18 1.15 -4.46 5.84
C PRO A 18 1.90 -5.56 6.59
N VAL A 19 1.96 -6.74 5.99
CA VAL A 19 2.67 -7.86 6.56
C VAL A 19 2.99 -8.88 5.49
N ASP A 20 4.12 -9.57 5.63
CA ASP A 20 4.48 -10.62 4.69
C ASP A 20 3.81 -11.93 5.11
N SER A 21 3.20 -12.59 4.16
CA SER A 21 2.53 -13.85 4.41
C SER A 21 3.52 -15.02 4.34
N GLY A 22 4.76 -14.72 4.04
CA GLY A 22 5.77 -15.73 3.92
C GLY A 22 6.20 -15.92 2.49
N HIS A 23 5.90 -14.94 1.66
CA HIS A 23 6.22 -15.01 0.25
C HIS A 23 7.08 -13.82 -0.21
N ASP A 24 7.70 -13.15 0.77
CA ASP A 24 8.63 -12.04 0.52
C ASP A 24 7.97 -10.79 -0.06
N THR A 25 6.67 -10.68 0.07
CA THR A 25 5.99 -9.49 -0.39
C THR A 25 5.11 -8.95 0.71
N VAL A 26 5.13 -7.64 0.89
CA VAL A 26 4.36 -7.01 1.92
C VAL A 26 2.95 -6.81 1.43
N VAL A 27 1.99 -7.43 2.11
CA VAL A 27 0.61 -7.35 1.69
C VAL A 27 -0.24 -6.63 2.74
N MET A 28 -1.06 -5.72 2.28
CA MET A 28 -1.97 -5.00 3.11
C MET A 28 -3.35 -4.99 2.48
N GLU A 29 -4.37 -4.75 3.26
CA GLU A 29 -5.73 -4.65 2.72
C GLU A 29 -6.37 -3.39 3.23
N VAL A 30 -7.12 -2.75 2.38
CA VAL A 30 -7.76 -1.52 2.74
C VAL A 30 -9.24 -1.54 2.42
N SER A 31 -10.01 -0.99 3.33
CA SER A 31 -11.45 -0.90 3.22
C SER A 31 -11.83 0.51 2.77
N TYR A 32 -13.02 0.67 2.23
CA TYR A 32 -13.44 1.96 1.75
C TYR A 32 -14.85 2.28 2.26
N THR A 33 -15.06 3.51 2.69
CA THR A 33 -16.34 3.91 3.27
C THR A 33 -17.34 4.46 2.24
N GLY A 34 -16.85 4.80 1.06
CA GLY A 34 -17.71 5.34 0.01
C GLY A 34 -18.03 4.29 -1.05
N SER A 35 -18.70 4.72 -2.12
CA SER A 35 -19.08 3.81 -3.19
C SER A 35 -18.90 4.50 -4.57
N ASP A 36 -19.65 4.03 -5.59
CA ASP A 36 -19.56 4.58 -6.97
C ASP A 36 -18.19 4.30 -7.56
N LYS A 37 -17.88 3.02 -7.70
CA LYS A 37 -16.61 2.56 -8.18
C LYS A 37 -16.80 1.14 -8.80
N PRO A 38 -15.78 0.20 -8.92
CA PRO A 38 -14.38 0.31 -8.43
C PRO A 38 -13.55 1.45 -9.01
N CYS A 39 -12.56 1.85 -8.25
CA CYS A 39 -11.66 2.94 -8.61
C CYS A 39 -10.21 2.58 -8.28
N ARG A 40 -9.28 3.42 -8.74
CA ARG A 40 -7.84 3.22 -8.52
C ARG A 40 -7.37 3.77 -7.16
N ILE A 41 -6.50 3.01 -6.49
CA ILE A 41 -5.98 3.35 -5.17
C ILE A 41 -4.63 4.06 -5.25
N PRO A 42 -4.51 5.22 -4.58
CA PRO A 42 -3.22 5.92 -4.48
C PRO A 42 -2.34 5.29 -3.39
N VAL A 43 -1.26 4.61 -3.81
CA VAL A 43 -0.35 3.99 -2.85
C VAL A 43 1.11 4.32 -3.17
N ARG A 44 1.88 4.56 -2.12
CA ARG A 44 3.31 4.84 -2.26
C ARG A 44 4.03 4.54 -0.96
N ALA A 45 5.35 4.53 -1.01
CA ALA A 45 6.16 4.28 0.17
C ALA A 45 7.49 5.00 0.04
N VAL A 46 8.05 5.41 1.17
CA VAL A 46 9.34 6.11 1.20
C VAL A 46 10.22 5.55 2.30
N ALA A 47 11.51 5.81 2.20
CA ALA A 47 12.47 5.36 3.19
C ALA A 47 12.74 6.47 4.20
N HIS A 48 13.09 6.09 5.40
CA HIS A 48 13.37 7.05 6.47
C HIS A 48 14.55 7.93 6.11
N GLY A 49 14.31 9.23 6.14
CA GLY A 49 15.35 10.18 5.81
C GLY A 49 15.22 10.72 4.40
N VAL A 50 14.55 9.97 3.53
CA VAL A 50 14.38 10.40 2.14
C VAL A 50 12.90 10.34 1.72
N PRO A 51 12.13 11.38 2.04
CA PRO A 51 10.70 11.49 1.69
C PRO A 51 10.48 11.65 0.19
N THR A 52 11.54 11.98 -0.49
CA THR A 52 11.48 12.33 -1.89
C THR A 52 11.68 11.13 -2.81
N ILE A 53 11.87 9.96 -2.25
CA ILE A 53 12.06 8.77 -3.06
C ILE A 53 10.84 7.86 -3.02
N ASN A 54 10.42 7.37 -4.18
CA ASN A 54 9.34 6.41 -4.24
C ASN A 54 9.94 5.03 -4.16
N VAL A 55 9.94 4.46 -2.99
CA VAL A 55 10.55 3.16 -2.78
C VAL A 55 9.51 2.03 -2.91
N ALA A 56 8.26 2.40 -3.07
CA ALA A 56 7.19 1.43 -3.17
C ALA A 56 7.28 0.66 -4.47
N MET A 57 7.88 -0.50 -4.44
CA MET A 57 7.94 -1.35 -5.59
C MET A 57 6.62 -2.09 -5.70
N LEU A 58 5.68 -1.44 -6.35
CA LEU A 58 4.33 -1.94 -6.46
C LEU A 58 4.24 -3.10 -7.41
N ILE A 59 4.11 -4.29 -6.84
CA ILE A 59 3.96 -5.50 -7.60
C ILE A 59 2.63 -5.49 -8.37
N THR A 60 1.59 -5.05 -7.70
CA THR A 60 0.27 -4.98 -8.30
C THR A 60 -0.01 -3.55 -8.77
N PRO A 61 0.17 -3.25 -10.07
CA PRO A 61 0.01 -1.90 -10.59
C PRO A 61 -1.45 -1.49 -10.63
N ASN A 62 -1.66 -0.20 -10.48
CA ASN A 62 -3.01 0.40 -10.39
C ASN A 62 -3.95 -0.44 -9.53
N PRO A 63 -3.81 -0.35 -8.20
CA PRO A 63 -4.63 -1.11 -7.28
C PRO A 63 -6.06 -0.58 -7.31
N THR A 64 -7.03 -1.42 -7.02
CA THR A 64 -8.41 -1.00 -7.12
C THR A 64 -9.23 -1.31 -5.86
N ILE A 65 -10.19 -0.44 -5.59
CA ILE A 65 -11.14 -0.61 -4.51
C ILE A 65 -12.49 -0.95 -5.10
N GLU A 66 -13.09 -2.04 -4.63
CA GLU A 66 -14.39 -2.44 -5.10
C GLU A 66 -15.48 -1.57 -4.48
N THR A 67 -16.72 -1.98 -4.60
CA THR A 67 -17.84 -1.17 -4.13
C THR A 67 -17.75 -0.83 -2.62
N SER A 68 -17.31 -1.77 -1.80
CA SER A 68 -17.19 -1.51 -0.37
C SER A 68 -15.74 -1.61 0.13
N GLY A 69 -14.82 -1.87 -0.77
CA GLY A 69 -13.44 -1.98 -0.37
C GLY A 69 -12.77 -3.21 -0.96
N GLY A 70 -12.15 -4.01 -0.10
CA GLY A 70 -11.50 -5.21 -0.57
C GLY A 70 -10.25 -4.90 -1.37
N GLY A 71 -9.56 -3.86 -0.98
CA GLY A 71 -8.38 -3.45 -1.68
C GLY A 71 -7.15 -4.17 -1.18
N PHE A 72 -6.86 -5.30 -1.76
CA PHE A 72 -5.68 -6.07 -1.40
C PHE A 72 -4.52 -5.65 -2.28
N ILE A 73 -3.45 -5.20 -1.65
CA ILE A 73 -2.29 -4.70 -2.36
C ILE A 73 -1.02 -5.36 -1.84
N GLU A 74 -0.07 -5.64 -2.74
CA GLU A 74 1.21 -6.18 -2.32
C GLU A 74 2.36 -5.46 -3.02
N MET A 75 3.40 -5.16 -2.27
CA MET A 75 4.54 -4.46 -2.79
C MET A 75 5.83 -4.92 -2.10
N GLN A 76 6.94 -4.50 -2.65
CA GLN A 76 8.24 -4.83 -2.09
C GLN A 76 8.96 -3.56 -1.65
N LEU A 77 9.61 -3.64 -0.50
CA LEU A 77 10.32 -2.50 0.07
C LEU A 77 11.75 -2.92 0.46
N PRO A 78 12.62 -1.94 0.81
CA PRO A 78 13.98 -2.21 1.20
C PRO A 78 14.08 -2.46 2.70
N PRO A 79 15.16 -3.10 3.16
CA PRO A 79 15.36 -3.39 4.58
C PRO A 79 15.42 -2.11 5.40
N GLY A 80 14.87 -2.16 6.59
CA GLY A 80 14.84 -0.99 7.43
C GLY A 80 13.43 -0.52 7.66
N ASP A 81 13.28 0.65 8.26
CA ASP A 81 11.96 1.19 8.56
C ASP A 81 11.53 2.12 7.42
N ASN A 82 10.42 1.79 6.79
CA ASN A 82 9.90 2.57 5.66
C ASN A 82 8.50 3.07 5.96
N ILE A 83 8.05 4.07 5.21
CA ILE A 83 6.70 4.63 5.41
C ILE A 83 5.82 4.31 4.21
N ILE A 84 4.71 3.65 4.45
CA ILE A 84 3.78 3.30 3.40
C ILE A 84 2.54 4.19 3.49
N TYR A 85 2.16 4.81 2.37
CA TYR A 85 0.99 5.66 2.35
C TYR A 85 -0.06 5.07 1.43
N VAL A 86 -1.26 4.99 1.93
CA VAL A 86 -2.40 4.54 1.16
C VAL A 86 -3.51 5.57 1.34
N GLY A 87 -3.72 6.40 0.33
CA GLY A 87 -4.65 7.49 0.49
C GLY A 87 -4.15 8.45 1.54
N ASP A 88 -4.95 8.69 2.57
CA ASP A 88 -4.54 9.56 3.67
C ASP A 88 -3.93 8.73 4.81
N LEU A 89 -3.74 7.44 4.55
CA LEU A 89 -3.24 6.51 5.55
C LEU A 89 -1.73 6.42 5.51
N SER A 90 -1.13 6.19 6.65
CA SER A 90 0.30 6.00 6.75
C SER A 90 0.60 4.89 7.74
N GLN A 91 1.51 4.04 7.36
CA GLN A 91 1.91 2.93 8.20
C GLN A 91 3.38 2.61 7.95
N GLN A 92 4.10 2.27 8.99
CA GLN A 92 5.51 2.01 8.88
C GLN A 92 5.78 0.52 8.72
N TRP A 93 6.78 0.20 7.92
CA TRP A 93 7.16 -1.17 7.71
C TRP A 93 8.63 -1.36 8.01
N PHE A 94 8.93 -2.31 8.87
CA PHE A 94 10.30 -2.62 9.17
C PHE A 94 10.68 -3.89 8.42
N GLN A 95 11.34 -3.74 7.30
CA GLN A 95 11.73 -4.86 6.49
C GLN A 95 13.01 -5.50 7.01
N LYS A 96 13.03 -6.81 7.00
CA LYS A 96 14.16 -7.57 7.48
C LYS A 96 15.28 -7.58 6.45
N GLY A 97 16.50 -7.52 6.92
CA GLY A 97 17.64 -7.54 6.05
C GLY A 97 18.92 -7.77 6.81
N SER A 98 20.01 -7.96 6.10
CA SER A 98 21.29 -8.18 6.71
C SER A 98 21.90 -6.87 7.20
N THR A 99 21.38 -5.76 6.66
CA THR A 99 21.85 -4.42 7.02
C THR A 99 23.27 -4.20 6.48
N ILE A 100 23.35 -3.52 5.36
CA ILE A 100 24.62 -3.26 4.72
C ILE A 100 25.29 -2.04 5.33
N GLY A 101 26.52 -2.22 5.77
CA GLY A 101 27.26 -1.13 6.36
C GLY A 101 28.74 -1.45 6.45
N ARG A 102 29.04 -2.69 6.81
CA ARG A 102 30.41 -3.16 6.91
C ARG A 102 30.48 -4.62 6.51
N SER A 1 -17.11 6.37 -20.92
CA SER A 1 -17.05 5.21 -20.03
C SER A 1 -16.36 5.57 -18.71
N ASN A 2 -17.12 5.58 -17.64
CA ASN A 2 -16.58 5.90 -16.33
C ASN A 2 -16.74 4.72 -15.39
N THR A 3 -15.72 3.91 -15.29
CA THR A 3 -15.74 2.75 -14.43
C THR A 3 -14.74 2.92 -13.28
N TYR A 4 -13.60 3.53 -13.57
CA TYR A 4 -12.59 3.76 -12.56
C TYR A 4 -12.12 5.21 -12.55
N SER A 5 -11.90 5.72 -11.36
CA SER A 5 -11.41 7.06 -11.16
C SER A 5 -10.41 7.00 -10.01
N MET A 6 -9.78 8.11 -9.67
CA MET A 6 -8.86 8.10 -8.54
C MET A 6 -9.63 8.31 -7.25
N CYS A 7 -9.45 7.42 -6.31
CA CYS A 7 -10.17 7.48 -5.05
C CYS A 7 -9.67 8.58 -4.18
N ASP A 8 -10.59 9.21 -3.48
CA ASP A 8 -10.24 10.22 -2.52
C ASP A 8 -9.53 9.55 -1.37
N LYS A 9 -8.51 10.20 -0.89
CA LYS A 9 -7.70 9.66 0.18
C LYS A 9 -8.46 9.58 1.50
N THR A 10 -9.62 10.21 1.56
CA THR A 10 -10.41 10.26 2.77
C THR A 10 -11.38 9.07 2.90
N LYS A 11 -11.44 8.21 1.88
CA LYS A 11 -12.37 7.09 1.92
C LYS A 11 -11.69 5.73 2.10
N PHE A 12 -10.51 5.74 2.70
CA PHE A 12 -9.80 4.50 2.95
C PHE A 12 -9.70 4.17 4.44
N LYS A 13 -9.81 2.89 4.76
CA LYS A 13 -9.70 2.40 6.13
C LYS A 13 -8.86 1.12 6.12
N TRP A 14 -8.15 0.87 7.21
CA TRP A 14 -7.25 -0.27 7.28
C TRP A 14 -7.98 -1.59 7.49
N LYS A 15 -7.83 -2.50 6.54
CA LYS A 15 -8.38 -3.84 6.66
C LYS A 15 -7.31 -4.75 7.24
N ARG A 16 -6.19 -4.82 6.56
CA ARG A 16 -5.05 -5.58 7.02
C ARG A 16 -3.80 -4.76 6.85
N VAL A 17 -3.02 -4.65 7.90
CA VAL A 17 -1.80 -3.87 7.90
C VAL A 17 -0.71 -4.56 7.09
N PRO A 18 0.26 -3.78 6.57
CA PRO A 18 1.39 -4.32 5.82
C PRO A 18 2.10 -5.44 6.57
N VAL A 19 2.13 -6.61 5.98
CA VAL A 19 2.79 -7.76 6.57
C VAL A 19 3.14 -8.79 5.49
N ASP A 20 4.14 -9.62 5.74
CA ASP A 20 4.49 -10.66 4.80
C ASP A 20 3.53 -11.83 4.94
N SER A 21 2.84 -12.13 3.86
CA SER A 21 1.88 -13.21 3.82
C SER A 21 2.59 -14.58 3.96
N GLY A 22 3.89 -14.58 3.77
CA GLY A 22 4.64 -15.81 3.83
C GLY A 22 5.31 -16.11 2.53
N HIS A 23 5.57 -15.06 1.77
CA HIS A 23 6.22 -15.19 0.46
C HIS A 23 7.17 -14.03 0.21
N ASP A 24 7.67 -13.44 1.30
CA ASP A 24 8.70 -12.39 1.29
C ASP A 24 8.25 -11.11 0.61
N THR A 25 6.98 -10.79 0.70
CA THR A 25 6.48 -9.55 0.15
C THR A 25 5.56 -8.86 1.15
N VAL A 26 5.43 -7.56 1.04
CA VAL A 26 4.62 -6.81 1.95
C VAL A 26 3.22 -6.66 1.38
N VAL A 27 2.24 -7.26 2.02
CA VAL A 27 0.87 -7.19 1.55
C VAL A 27 -0.02 -6.52 2.59
N MET A 28 -0.84 -5.59 2.14
CA MET A 28 -1.79 -4.93 2.98
C MET A 28 -3.12 -4.83 2.25
N GLU A 29 -4.19 -4.77 3.00
CA GLU A 29 -5.51 -4.61 2.42
C GLU A 29 -6.20 -3.42 2.99
N VAL A 30 -6.97 -2.76 2.15
CA VAL A 30 -7.68 -1.59 2.55
C VAL A 30 -9.16 -1.71 2.21
N SER A 31 -9.98 -1.22 3.09
CA SER A 31 -11.41 -1.27 2.93
C SER A 31 -11.92 0.11 2.53
N TYR A 32 -13.11 0.18 1.97
CA TYR A 32 -13.67 1.45 1.54
C TYR A 32 -14.54 2.05 2.65
N THR A 33 -14.60 3.38 2.74
CA THR A 33 -15.50 4.01 3.68
C THR A 33 -16.49 4.94 2.97
N GLY A 34 -16.36 5.07 1.65
CA GLY A 34 -17.26 5.94 0.92
C GLY A 34 -17.69 5.38 -0.41
N SER A 35 -18.49 6.15 -1.12
CA SER A 35 -19.04 5.76 -2.41
C SER A 35 -18.05 6.05 -3.55
N ASP A 36 -18.54 5.93 -4.80
CA ASP A 36 -17.75 6.13 -6.01
C ASP A 36 -16.80 4.96 -6.26
N LYS A 37 -17.39 3.79 -6.43
CA LYS A 37 -16.66 2.55 -6.65
C LYS A 37 -17.30 1.76 -7.79
N PRO A 38 -16.53 0.90 -8.51
CA PRO A 38 -15.10 0.68 -8.26
C PRO A 38 -14.23 1.89 -8.60
N CYS A 39 -13.04 1.89 -8.06
CA CYS A 39 -12.15 3.04 -8.19
C CYS A 39 -10.66 2.62 -8.05
N ARG A 40 -9.74 3.48 -8.48
CA ARG A 40 -8.28 3.21 -8.42
C ARG A 40 -7.65 3.71 -7.11
N ILE A 41 -6.86 2.85 -6.47
CA ILE A 41 -6.25 3.16 -5.17
C ILE A 41 -4.92 3.89 -5.32
N PRO A 42 -4.76 5.02 -4.62
CA PRO A 42 -3.50 5.74 -4.55
C PRO A 42 -2.57 5.10 -3.48
N VAL A 43 -1.51 4.45 -3.91
CA VAL A 43 -0.59 3.84 -2.95
C VAL A 43 0.87 4.21 -3.23
N ARG A 44 1.60 4.53 -2.16
CA ARG A 44 3.02 4.85 -2.25
C ARG A 44 3.69 4.58 -0.91
N ALA A 45 5.01 4.58 -0.90
CA ALA A 45 5.77 4.39 0.31
C ALA A 45 7.10 5.09 0.21
N VAL A 46 7.65 5.48 1.35
CA VAL A 46 8.94 6.15 1.40
C VAL A 46 9.81 5.52 2.46
N ALA A 47 11.10 5.80 2.40
CA ALA A 47 12.04 5.23 3.34
C ALA A 47 12.66 6.34 4.18
N HIS A 48 13.11 5.99 5.37
CA HIS A 48 13.75 6.94 6.26
C HIS A 48 15.01 7.50 5.65
N GLY A 49 14.96 8.77 5.28
CA GLY A 49 16.08 9.41 4.63
C GLY A 49 15.81 9.67 3.15
N VAL A 50 14.79 9.00 2.61
CA VAL A 50 14.42 9.18 1.20
C VAL A 50 12.91 9.45 1.10
N PRO A 51 12.47 10.68 1.41
CA PRO A 51 11.05 11.05 1.38
C PRO A 51 10.61 11.56 0.01
N THR A 52 11.57 11.75 -0.86
CA THR A 52 11.32 12.37 -2.13
C THR A 52 11.17 11.36 -3.26
N ILE A 53 11.46 10.12 -2.98
CA ILE A 53 11.36 9.06 -3.98
C ILE A 53 10.41 7.98 -3.49
N ASN A 54 9.51 7.55 -4.37
CA ASN A 54 8.57 6.48 -4.02
C ASN A 54 9.29 5.14 -4.02
N VAL A 55 9.64 4.67 -2.85
CA VAL A 55 10.37 3.43 -2.70
C VAL A 55 9.49 2.20 -2.98
N ALA A 56 8.18 2.37 -2.77
CA ALA A 56 7.23 1.26 -2.93
C ALA A 56 7.42 0.49 -4.23
N MET A 57 7.98 -0.71 -4.12
CA MET A 57 8.13 -1.58 -5.26
C MET A 57 6.83 -2.34 -5.43
N LEU A 58 5.96 -1.81 -6.24
CA LEU A 58 4.63 -2.35 -6.40
C LEU A 58 4.64 -3.64 -7.21
N ILE A 59 4.21 -4.71 -6.56
CA ILE A 59 4.11 -6.02 -7.20
C ILE A 59 2.75 -6.13 -7.91
N THR A 60 1.72 -5.58 -7.26
CA THR A 60 0.37 -5.58 -7.81
C THR A 60 0.08 -4.24 -8.47
N PRO A 61 0.18 -4.15 -9.80
CA PRO A 61 -0.01 -2.89 -10.52
C PRO A 61 -1.47 -2.46 -10.53
N ASN A 62 -1.66 -1.17 -10.73
CA ASN A 62 -2.99 -0.51 -10.72
C ASN A 62 -3.98 -1.14 -9.72
N PRO A 63 -3.75 -0.92 -8.41
CA PRO A 63 -4.63 -1.46 -7.37
C PRO A 63 -5.98 -0.78 -7.44
N THR A 64 -7.05 -1.55 -7.28
CA THR A 64 -8.39 -0.97 -7.39
C THR A 64 -9.33 -1.38 -6.25
N ILE A 65 -10.24 -0.46 -5.95
CA ILE A 65 -11.28 -0.67 -4.96
C ILE A 65 -12.52 -1.17 -5.65
N GLU A 66 -12.99 -2.31 -5.24
CA GLU A 66 -14.18 -2.90 -5.80
C GLU A 66 -15.40 -2.35 -5.06
N THR A 67 -16.54 -2.97 -5.30
CA THR A 67 -17.78 -2.57 -4.65
C THR A 67 -17.68 -2.57 -3.11
N SER A 68 -16.87 -3.47 -2.55
CA SER A 68 -16.71 -3.51 -1.10
C SER A 68 -15.26 -3.24 -0.68
N GLY A 69 -14.46 -2.77 -1.61
CA GLY A 69 -13.07 -2.53 -1.29
C GLY A 69 -12.18 -3.59 -1.86
N GLY A 70 -11.65 -4.45 -0.99
CA GLY A 70 -10.77 -5.50 -1.44
C GLY A 70 -9.49 -4.97 -2.04
N GLY A 71 -8.93 -3.98 -1.38
CA GLY A 71 -7.73 -3.38 -1.88
C GLY A 71 -6.51 -4.13 -1.46
N PHE A 72 -6.23 -5.22 -2.15
CA PHE A 72 -5.08 -6.02 -1.86
C PHE A 72 -3.88 -5.46 -2.57
N ILE A 73 -2.95 -4.92 -1.81
CA ILE A 73 -1.77 -4.33 -2.36
C ILE A 73 -0.54 -5.12 -1.94
N GLU A 74 0.27 -5.49 -2.90
CA GLU A 74 1.49 -6.22 -2.63
C GLU A 74 2.68 -5.44 -3.14
N MET A 75 3.66 -5.21 -2.27
CA MET A 75 4.84 -4.49 -2.63
C MET A 75 6.08 -5.04 -1.95
N GLN A 76 7.21 -4.61 -2.43
CA GLN A 76 8.48 -4.94 -1.83
C GLN A 76 9.14 -3.67 -1.32
N LEU A 77 9.88 -3.77 -0.23
CA LEU A 77 10.46 -2.60 0.39
C LEU A 77 11.91 -2.83 0.82
N PRO A 78 12.68 -1.74 1.07
CA PRO A 78 14.05 -1.83 1.50
C PRO A 78 14.13 -1.96 3.02
N PRO A 79 15.19 -2.59 3.54
CA PRO A 79 15.33 -2.80 4.98
C PRO A 79 15.37 -1.49 5.74
N GLY A 80 14.77 -1.50 6.91
CA GLY A 80 14.67 -0.30 7.72
C GLY A 80 13.23 0.09 7.94
N ASP A 81 13.01 1.25 8.52
CA ASP A 81 11.66 1.70 8.77
C ASP A 81 11.15 2.51 7.60
N ASN A 82 10.12 2.01 6.97
CA ASN A 82 9.51 2.64 5.80
C ASN A 82 8.16 3.20 6.15
N ILE A 83 7.72 4.17 5.40
CA ILE A 83 6.41 4.76 5.62
C ILE A 83 5.52 4.49 4.42
N ILE A 84 4.45 3.74 4.62
CA ILE A 84 3.55 3.39 3.55
C ILE A 84 2.27 4.21 3.65
N TYR A 85 1.88 4.83 2.54
CA TYR A 85 0.68 5.64 2.52
C TYR A 85 -0.34 5.03 1.58
N VAL A 86 -1.53 4.85 2.08
CA VAL A 86 -2.65 4.36 1.29
C VAL A 86 -3.76 5.39 1.40
N GLY A 87 -3.90 6.22 0.39
CA GLY A 87 -4.81 7.31 0.50
C GLY A 87 -4.33 8.30 1.54
N ASP A 88 -5.09 8.45 2.62
CA ASP A 88 -4.70 9.32 3.72
C ASP A 88 -4.11 8.49 4.86
N LEU A 89 -4.04 7.19 4.65
CA LEU A 89 -3.57 6.27 5.67
C LEU A 89 -2.06 6.20 5.66
N SER A 90 -1.48 6.14 6.83
CA SER A 90 -0.04 6.05 6.94
C SER A 90 0.34 4.97 7.95
N GLN A 91 1.20 4.07 7.53
CA GLN A 91 1.66 3.00 8.39
C GLN A 91 3.13 2.69 8.14
N GLN A 92 3.88 2.55 9.21
CA GLN A 92 5.30 2.28 9.15
C GLN A 92 5.57 0.79 8.94
N TRP A 93 6.64 0.49 8.24
CA TRP A 93 7.03 -0.88 7.94
C TRP A 93 8.51 -1.10 8.21
N PHE A 94 8.82 -2.06 9.06
CA PHE A 94 10.21 -2.39 9.30
C PHE A 94 10.58 -3.60 8.46
N GLN A 95 11.31 -3.36 7.40
CA GLN A 95 11.70 -4.41 6.48
C GLN A 95 12.99 -5.09 6.92
N LYS A 96 13.03 -6.39 6.75
CA LYS A 96 14.19 -7.18 7.10
C LYS A 96 15.22 -7.13 5.97
N GLY A 97 16.48 -7.17 6.34
CA GLY A 97 17.54 -7.11 5.35
C GLY A 97 18.56 -8.19 5.52
N SER A 98 18.09 -9.40 5.72
CA SER A 98 18.97 -10.54 5.90
C SER A 98 19.34 -11.15 4.54
N THR A 99 20.32 -12.03 4.55
CA THR A 99 20.73 -12.70 3.35
C THR A 99 19.78 -13.86 3.06
N ILE A 100 18.82 -13.60 2.20
CA ILE A 100 17.83 -14.60 1.83
C ILE A 100 18.45 -15.63 0.90
N GLY A 101 18.28 -16.89 1.24
CA GLY A 101 18.82 -17.95 0.44
C GLY A 101 20.20 -18.36 0.90
N ARG A 102 21.19 -17.90 0.17
CA ARG A 102 22.57 -18.21 0.49
C ARG A 102 23.50 -17.13 -0.04
N SER A 1 -14.96 9.14 -18.15
CA SER A 1 -14.50 8.08 -17.25
C SER A 1 -14.68 8.48 -15.79
N ASN A 2 -15.91 8.38 -15.30
CA ASN A 2 -16.20 8.68 -13.91
C ASN A 2 -15.75 7.53 -13.01
N THR A 3 -15.96 6.31 -13.48
CA THR A 3 -15.60 5.11 -12.73
C THR A 3 -14.07 4.95 -12.69
N TYR A 4 -13.60 4.19 -11.71
CA TYR A 4 -12.19 3.96 -11.48
C TYR A 4 -11.50 5.19 -10.98
N SER A 5 -10.87 5.91 -11.87
CA SER A 5 -10.15 7.13 -11.50
C SER A 5 -9.26 6.86 -10.28
N MET A 6 -9.31 7.73 -9.30
CA MET A 6 -8.62 7.52 -8.08
C MET A 6 -9.61 7.59 -6.91
N CYS A 7 -9.44 6.71 -5.95
CA CYS A 7 -10.32 6.66 -4.79
C CYS A 7 -10.04 7.85 -3.88
N ASP A 8 -11.06 8.31 -3.17
CA ASP A 8 -10.86 9.41 -2.23
C ASP A 8 -9.89 8.96 -1.15
N LYS A 9 -8.84 9.73 -0.98
CA LYS A 9 -7.75 9.39 -0.10
C LYS A 9 -8.20 9.28 1.36
N THR A 10 -9.12 10.14 1.73
CA THR A 10 -9.58 10.22 3.11
C THR A 10 -10.71 9.22 3.40
N LYS A 11 -11.07 8.39 2.44
CA LYS A 11 -12.13 7.41 2.65
C LYS A 11 -11.56 6.00 2.69
N PHE A 12 -10.27 5.92 2.99
CA PHE A 12 -9.59 4.65 3.15
C PHE A 12 -9.51 4.30 4.61
N LYS A 13 -9.64 3.03 4.90
CA LYS A 13 -9.61 2.55 6.25
C LYS A 13 -8.83 1.26 6.30
N TRP A 14 -8.19 1.00 7.40
CA TRP A 14 -7.33 -0.16 7.50
C TRP A 14 -8.09 -1.44 7.83
N LYS A 15 -8.20 -2.31 6.83
CA LYS A 15 -8.84 -3.59 7.02
C LYS A 15 -7.82 -4.54 7.61
N ARG A 16 -6.73 -4.70 6.90
CA ARG A 16 -5.64 -5.56 7.31
C ARG A 16 -4.33 -4.79 7.19
N VAL A 17 -3.59 -4.74 8.27
CA VAL A 17 -2.32 -4.05 8.28
C VAL A 17 -1.26 -4.84 7.49
N PRO A 18 -0.30 -4.11 6.89
CA PRO A 18 0.80 -4.72 6.12
C PRO A 18 1.54 -5.78 6.91
N VAL A 19 1.76 -6.92 6.28
CA VAL A 19 2.49 -8.01 6.88
C VAL A 19 3.09 -8.92 5.80
N ASP A 20 4.20 -9.56 6.11
CA ASP A 20 4.80 -10.51 5.18
C ASP A 20 4.29 -11.90 5.48
N SER A 21 3.74 -12.53 4.48
CA SER A 21 3.18 -13.87 4.62
C SER A 21 4.25 -14.94 4.41
N GLY A 22 5.50 -14.52 4.33
CA GLY A 22 6.59 -15.44 4.15
C GLY A 22 7.02 -15.54 2.70
N HIS A 23 6.83 -14.46 1.96
CA HIS A 23 7.21 -14.41 0.56
C HIS A 23 7.98 -13.12 0.24
N ASP A 24 8.41 -12.44 1.31
CA ASP A 24 9.21 -11.21 1.22
C ASP A 24 8.49 -10.08 0.49
N THR A 25 7.17 -10.10 0.54
CA THR A 25 6.37 -9.03 -0.01
C THR A 25 5.36 -8.60 1.04
N VAL A 26 5.06 -7.33 1.06
CA VAL A 26 4.18 -6.78 2.05
C VAL A 26 2.75 -6.80 1.55
N VAL A 27 1.88 -7.46 2.31
CA VAL A 27 0.49 -7.56 1.92
C VAL A 27 -0.40 -6.83 2.91
N MET A 28 -1.30 -6.02 2.41
CA MET A 28 -2.26 -5.34 3.24
C MET A 28 -3.60 -5.26 2.53
N GLU A 29 -4.65 -5.09 3.30
CA GLU A 29 -5.96 -4.87 2.73
C GLU A 29 -6.51 -3.57 3.24
N VAL A 30 -6.88 -2.71 2.35
CA VAL A 30 -7.46 -1.47 2.73
C VAL A 30 -8.89 -1.44 2.33
N SER A 31 -9.69 -0.94 3.21
CA SER A 31 -11.10 -0.86 2.99
C SER A 31 -11.45 0.53 2.53
N TYR A 32 -12.35 0.61 1.58
CA TYR A 32 -12.76 1.90 1.07
C TYR A 32 -14.23 2.12 1.32
N THR A 33 -14.55 3.16 2.06
CA THR A 33 -15.90 3.41 2.50
C THR A 33 -16.64 4.37 1.57
N GLY A 34 -15.95 4.85 0.56
CA GLY A 34 -16.55 5.79 -0.35
C GLY A 34 -17.30 5.13 -1.49
N SER A 35 -17.98 5.93 -2.27
CA SER A 35 -18.74 5.46 -3.41
C SER A 35 -17.92 5.58 -4.70
N ASP A 36 -18.58 5.37 -5.84
CA ASP A 36 -17.97 5.43 -7.17
C ASP A 36 -16.96 4.31 -7.38
N LYS A 37 -17.24 3.17 -6.77
CA LYS A 37 -16.41 2.01 -6.91
C LYS A 37 -16.88 1.20 -8.14
N PRO A 38 -15.99 0.43 -8.79
CA PRO A 38 -14.57 0.32 -8.43
C PRO A 38 -13.77 1.59 -8.70
N CYS A 39 -12.74 1.78 -7.91
CA CYS A 39 -11.86 2.94 -8.02
C CYS A 39 -10.40 2.51 -7.86
N ARG A 40 -9.45 3.31 -8.35
CA ARG A 40 -8.03 2.97 -8.21
C ARG A 40 -7.42 3.54 -6.93
N ILE A 41 -6.64 2.71 -6.25
CA ILE A 41 -6.05 3.05 -4.97
C ILE A 41 -4.73 3.78 -5.11
N PRO A 42 -4.61 4.97 -4.51
CA PRO A 42 -3.35 5.69 -4.45
C PRO A 42 -2.45 5.12 -3.34
N VAL A 43 -1.39 4.44 -3.73
CA VAL A 43 -0.48 3.88 -2.76
C VAL A 43 0.98 4.23 -3.08
N ARG A 44 1.71 4.67 -2.06
CA ARG A 44 3.11 5.01 -2.22
C ARG A 44 3.84 4.73 -0.91
N ALA A 45 5.14 4.60 -0.97
CA ALA A 45 5.92 4.39 0.23
C ALA A 45 7.19 5.18 0.14
N VAL A 46 7.70 5.62 1.28
CA VAL A 46 8.93 6.40 1.33
C VAL A 46 9.84 5.89 2.44
N ALA A 47 11.11 6.20 2.34
CA ALA A 47 12.07 5.79 3.34
C ALA A 47 12.20 6.87 4.40
N HIS A 48 12.67 6.49 5.59
CA HIS A 48 12.84 7.45 6.65
C HIS A 48 13.91 8.47 6.30
N GLY A 49 13.50 9.71 6.13
CA GLY A 49 14.44 10.76 5.80
C GLY A 49 14.35 11.18 4.36
N VAL A 50 13.62 10.43 3.54
CA VAL A 50 13.50 10.79 2.14
C VAL A 50 12.09 10.47 1.58
N PRO A 51 11.24 11.51 1.46
CA PRO A 51 9.87 11.38 0.99
C PRO A 51 9.74 11.49 -0.53
N THR A 52 10.85 11.70 -1.19
CA THR A 52 10.81 11.98 -2.62
C THR A 52 11.29 10.80 -3.47
N ILE A 53 11.64 9.73 -2.83
CA ILE A 53 12.11 8.53 -3.53
C ILE A 53 11.06 7.45 -3.53
N ASN A 54 10.77 6.91 -4.71
CA ASN A 54 9.79 5.85 -4.83
C ASN A 54 10.42 4.51 -4.45
N VAL A 55 10.21 4.12 -3.21
CA VAL A 55 10.75 2.87 -2.66
C VAL A 55 9.71 1.75 -2.74
N ALA A 56 8.50 2.12 -3.08
CA ALA A 56 7.41 1.16 -3.16
C ALA A 56 7.45 0.36 -4.46
N MET A 57 8.09 -0.80 -4.43
CA MET A 57 8.09 -1.67 -5.59
C MET A 57 6.78 -2.45 -5.57
N LEU A 58 5.78 -1.84 -6.14
CA LEU A 58 4.44 -2.37 -6.11
C LEU A 58 4.31 -3.58 -7.01
N ILE A 59 3.96 -4.71 -6.41
CA ILE A 59 3.78 -5.95 -7.14
C ILE A 59 2.56 -5.87 -8.05
N THR A 60 1.48 -5.32 -7.51
CA THR A 60 0.25 -5.19 -8.23
C THR A 60 0.05 -3.75 -8.68
N PRO A 61 0.32 -3.45 -9.97
CA PRO A 61 0.23 -2.08 -10.48
C PRO A 61 -1.21 -1.60 -10.56
N ASN A 62 -1.37 -0.32 -10.31
CA ASN A 62 -2.69 0.34 -10.28
C ASN A 62 -3.70 -0.48 -9.50
N PRO A 63 -3.58 -0.49 -8.15
CA PRO A 63 -4.47 -1.27 -7.29
C PRO A 63 -5.88 -0.72 -7.37
N THR A 64 -6.87 -1.58 -7.21
CA THR A 64 -8.24 -1.14 -7.33
C THR A 64 -9.11 -1.59 -6.16
N ILE A 65 -10.16 -0.82 -5.93
CA ILE A 65 -11.15 -1.12 -4.92
C ILE A 65 -12.40 -1.58 -5.60
N GLU A 66 -12.79 -2.80 -5.35
CA GLU A 66 -14.00 -3.34 -5.92
C GLU A 66 -15.22 -2.78 -5.17
N THR A 67 -16.40 -3.24 -5.54
CA THR A 67 -17.64 -2.80 -4.91
C THR A 67 -17.66 -3.12 -3.40
N SER A 68 -16.77 -4.01 -2.99
CA SER A 68 -16.60 -4.37 -1.59
C SER A 68 -16.17 -3.19 -0.76
N GLY A 69 -15.35 -2.36 -1.36
CA GLY A 69 -14.71 -1.34 -0.61
C GLY A 69 -13.55 -1.94 0.16
N GLY A 70 -12.67 -2.60 -0.59
CA GLY A 70 -11.56 -3.29 -0.03
C GLY A 70 -10.69 -3.83 -1.11
N GLY A 71 -9.41 -3.71 -0.94
CA GLY A 71 -8.48 -4.15 -1.92
C GLY A 71 -7.21 -4.68 -1.31
N PHE A 72 -6.78 -5.81 -1.81
CA PHE A 72 -5.55 -6.45 -1.38
C PHE A 72 -4.39 -5.93 -2.22
N ILE A 73 -3.37 -5.41 -1.57
CA ILE A 73 -2.23 -4.82 -2.25
C ILE A 73 -0.91 -5.55 -1.90
N GLU A 74 -0.10 -5.83 -2.94
CA GLU A 74 1.22 -6.45 -2.79
C GLU A 74 2.33 -5.43 -3.04
N MET A 75 3.20 -5.23 -2.07
CA MET A 75 4.31 -4.29 -2.20
C MET A 75 5.61 -4.93 -1.75
N GLN A 76 6.66 -4.79 -2.53
CA GLN A 76 7.96 -5.27 -2.09
C GLN A 76 8.90 -4.10 -1.93
N LEU A 77 9.59 -4.06 -0.82
CA LEU A 77 10.45 -2.93 -0.52
C LEU A 77 11.83 -3.36 -0.06
N PRO A 78 12.81 -2.46 -0.22
CA PRO A 78 14.17 -2.65 0.27
C PRO A 78 14.17 -2.70 1.80
N PRO A 79 15.07 -3.49 2.42
CA PRO A 79 15.14 -3.62 3.89
C PRO A 79 15.38 -2.28 4.58
N GLY A 80 14.70 -2.06 5.69
CA GLY A 80 14.83 -0.82 6.42
C GLY A 80 13.48 -0.32 6.89
N ASP A 81 13.48 0.80 7.59
CA ASP A 81 12.26 1.38 8.11
C ASP A 81 11.69 2.37 7.09
N ASN A 82 10.47 2.14 6.69
CA ASN A 82 9.81 2.97 5.70
C ASN A 82 8.39 3.28 6.11
N ILE A 83 7.77 4.19 5.39
CA ILE A 83 6.40 4.58 5.67
C ILE A 83 5.54 4.32 4.45
N ILE A 84 4.49 3.55 4.64
CA ILE A 84 3.58 3.24 3.56
C ILE A 84 2.35 4.14 3.65
N TYR A 85 2.02 4.81 2.57
CA TYR A 85 0.86 5.67 2.52
C TYR A 85 -0.17 5.13 1.57
N VAL A 86 -1.38 5.03 2.05
CA VAL A 86 -2.51 4.61 1.24
C VAL A 86 -3.56 5.67 1.36
N GLY A 87 -3.81 6.40 0.31
CA GLY A 87 -4.70 7.52 0.43
C GLY A 87 -4.05 8.57 1.32
N ASP A 88 -4.70 8.91 2.43
CA ASP A 88 -4.11 9.83 3.38
C ASP A 88 -3.58 9.04 4.60
N LEU A 89 -3.63 7.72 4.50
CA LEU A 89 -3.24 6.84 5.59
C LEU A 89 -1.74 6.63 5.58
N SER A 90 -1.17 6.37 6.74
CA SER A 90 0.23 6.12 6.86
C SER A 90 0.50 4.97 7.83
N GLN A 91 1.26 4.01 7.39
CA GLN A 91 1.57 2.84 8.18
C GLN A 91 3.06 2.52 8.10
N GLN A 92 3.70 2.45 9.26
CA GLN A 92 5.13 2.18 9.35
C GLN A 92 5.43 0.73 9.01
N TRP A 93 6.56 0.51 8.32
CA TRP A 93 6.99 -0.84 7.99
C TRP A 93 8.49 -0.99 8.16
N PHE A 94 8.90 -2.12 8.67
CA PHE A 94 10.30 -2.45 8.76
C PHE A 94 10.54 -3.70 7.93
N GLN A 95 11.09 -3.49 6.75
CA GLN A 95 11.32 -4.58 5.83
C GLN A 95 12.50 -5.44 6.27
N LYS A 96 12.32 -6.74 6.18
CA LYS A 96 13.32 -7.72 6.61
C LYS A 96 14.49 -7.80 5.65
N GLY A 97 15.61 -8.28 6.17
CA GLY A 97 16.79 -8.46 5.37
C GLY A 97 17.81 -9.28 6.11
N SER A 98 18.73 -9.88 5.39
CA SER A 98 19.75 -10.69 6.00
C SER A 98 21.05 -10.64 5.21
N THR A 99 22.14 -10.52 5.91
CA THR A 99 23.45 -10.51 5.30
C THR A 99 24.34 -11.54 6.01
N ILE A 100 23.70 -12.38 6.80
CA ILE A 100 24.39 -13.37 7.59
C ILE A 100 24.75 -14.58 6.74
N GLY A 101 26.00 -14.98 6.80
CA GLY A 101 26.46 -16.12 6.05
C GLY A 101 27.74 -15.83 5.30
N ARG A 102 28.01 -16.60 4.27
CA ARG A 102 29.18 -16.39 3.46
C ARG A 102 28.79 -15.77 2.13
N SER A 1 -13.94 -0.29 -18.46
CA SER A 1 -14.48 1.04 -18.73
C SER A 1 -13.88 2.06 -17.76
N ASN A 2 -14.49 3.23 -17.67
CA ASN A 2 -13.98 4.31 -16.83
C ASN A 2 -14.61 4.26 -15.44
N THR A 3 -15.14 3.09 -15.08
CA THR A 3 -15.75 2.90 -13.78
C THR A 3 -14.72 3.15 -12.69
N TYR A 4 -13.52 2.63 -12.89
CA TYR A 4 -12.45 2.85 -11.95
C TYR A 4 -11.87 4.24 -12.14
N SER A 5 -11.83 4.98 -11.09
CA SER A 5 -11.25 6.30 -11.07
C SER A 5 -10.60 6.51 -9.72
N MET A 6 -9.95 7.64 -9.52
CA MET A 6 -9.27 7.87 -8.26
C MET A 6 -10.25 8.07 -7.13
N CYS A 7 -10.04 7.34 -6.07
CA CYS A 7 -10.89 7.43 -4.89
C CYS A 7 -10.28 8.38 -3.87
N ASP A 8 -11.14 9.15 -3.18
CA ASP A 8 -10.67 10.12 -2.20
C ASP A 8 -9.94 9.47 -1.04
N LYS A 9 -8.83 10.10 -0.67
CA LYS A 9 -7.93 9.58 0.36
C LYS A 9 -8.57 9.52 1.74
N THR A 10 -9.64 10.23 1.93
CA THR A 10 -10.26 10.35 3.23
C THR A 10 -11.24 9.22 3.53
N LYS A 11 -11.54 8.39 2.54
CA LYS A 11 -12.50 7.30 2.75
C LYS A 11 -11.83 5.93 2.75
N PHE A 12 -10.52 5.90 2.96
CA PHE A 12 -9.79 4.66 2.99
C PHE A 12 -9.56 4.21 4.43
N LYS A 13 -9.78 2.94 4.68
CA LYS A 13 -9.57 2.36 5.99
C LYS A 13 -8.74 1.11 5.90
N TRP A 14 -8.07 0.77 6.97
CA TRP A 14 -7.22 -0.39 6.98
C TRP A 14 -8.00 -1.66 7.20
N LYS A 15 -8.31 -2.34 6.11
CA LYS A 15 -8.98 -3.63 6.19
C LYS A 15 -8.04 -4.62 6.83
N ARG A 16 -6.84 -4.65 6.32
CA ARG A 16 -5.81 -5.53 6.81
C ARG A 16 -4.49 -4.79 6.83
N VAL A 17 -3.76 -4.93 7.91
CA VAL A 17 -2.49 -4.26 8.04
C VAL A 17 -1.40 -4.97 7.23
N PRO A 18 -0.41 -4.20 6.72
CA PRO A 18 0.71 -4.75 5.97
C PRO A 18 1.42 -5.86 6.71
N VAL A 19 1.58 -6.98 6.05
CA VAL A 19 2.26 -8.12 6.65
C VAL A 19 3.02 -8.92 5.58
N ASP A 20 4.20 -9.39 5.94
CA ASP A 20 4.98 -10.24 5.05
C ASP A 20 4.66 -11.70 5.34
N SER A 21 4.10 -12.36 4.36
CA SER A 21 3.69 -13.75 4.51
C SER A 21 4.90 -14.69 4.50
N GLY A 22 6.09 -14.14 4.28
CA GLY A 22 7.29 -14.95 4.24
C GLY A 22 7.81 -15.07 2.83
N HIS A 23 7.09 -14.45 1.91
CA HIS A 23 7.47 -14.45 0.50
C HIS A 23 8.16 -13.14 0.09
N ASP A 24 8.52 -12.34 1.09
CA ASP A 24 9.28 -11.07 0.91
C ASP A 24 8.44 -9.99 0.23
N THR A 25 7.14 -10.14 0.24
CA THR A 25 6.26 -9.11 -0.27
C THR A 25 5.27 -8.75 0.79
N VAL A 26 5.11 -7.47 1.01
CA VAL A 26 4.24 -6.97 2.03
C VAL A 26 2.85 -6.83 1.47
N VAL A 27 1.89 -7.49 2.10
CA VAL A 27 0.54 -7.47 1.62
C VAL A 27 -0.38 -6.77 2.62
N MET A 28 -1.19 -5.85 2.13
CA MET A 28 -2.15 -5.14 2.94
C MET A 28 -3.46 -5.01 2.18
N GLU A 29 -4.53 -4.76 2.90
CA GLU A 29 -5.83 -4.56 2.28
C GLU A 29 -6.48 -3.31 2.83
N VAL A 30 -7.13 -2.60 1.98
CA VAL A 30 -7.79 -1.39 2.36
C VAL A 30 -9.25 -1.44 1.99
N SER A 31 -10.07 -0.88 2.83
CA SER A 31 -11.50 -0.86 2.64
C SER A 31 -11.95 0.55 2.30
N TYR A 32 -13.02 0.69 1.51
CA TYR A 32 -13.46 2.03 1.14
C TYR A 32 -14.90 2.27 1.57
N THR A 33 -15.11 3.28 2.41
CA THR A 33 -16.43 3.60 2.95
C THR A 33 -17.22 4.51 2.03
N GLY A 34 -16.55 5.15 1.10
CA GLY A 34 -17.21 6.04 0.18
C GLY A 34 -17.91 5.26 -0.93
N SER A 35 -18.47 5.97 -1.88
CA SER A 35 -19.19 5.33 -2.96
C SER A 35 -18.40 5.47 -4.27
N ASP A 36 -19.07 5.23 -5.40
CA ASP A 36 -18.47 5.33 -6.74
C ASP A 36 -17.40 4.26 -6.95
N LYS A 37 -17.64 3.11 -6.37
CA LYS A 37 -16.76 1.96 -6.49
C LYS A 37 -17.32 1.02 -7.55
N PRO A 38 -16.51 0.15 -8.18
CA PRO A 38 -15.05 0.01 -7.94
C PRO A 38 -14.23 1.25 -8.37
N CYS A 39 -13.03 1.43 -7.76
CA CYS A 39 -12.19 2.59 -8.06
C CYS A 39 -10.68 2.27 -7.89
N ARG A 40 -9.83 3.25 -8.23
CA ARG A 40 -8.36 3.13 -8.13
C ARG A 40 -7.87 3.61 -6.75
N ILE A 41 -6.79 2.97 -6.26
CA ILE A 41 -6.21 3.31 -4.95
C ILE A 41 -4.93 4.13 -5.09
N PRO A 42 -4.86 5.27 -4.40
CA PRO A 42 -3.64 6.09 -4.35
C PRO A 42 -2.66 5.52 -3.31
N VAL A 43 -1.55 4.98 -3.76
CA VAL A 43 -0.58 4.42 -2.83
C VAL A 43 0.84 4.95 -3.10
N ARG A 44 1.57 5.23 -2.02
CA ARG A 44 2.95 5.71 -2.09
C ARG A 44 3.66 5.37 -0.78
N ALA A 45 4.99 5.40 -0.78
CA ALA A 45 5.74 5.13 0.43
C ALA A 45 7.07 5.85 0.42
N VAL A 46 7.61 6.10 1.59
CA VAL A 46 8.93 6.74 1.70
C VAL A 46 9.82 5.94 2.62
N ALA A 47 11.10 6.15 2.48
CA ALA A 47 12.06 5.41 3.26
C ALA A 47 12.88 6.33 4.11
N HIS A 48 13.27 5.84 5.26
CA HIS A 48 14.14 6.57 6.15
C HIS A 48 15.43 6.98 5.42
N GLY A 49 15.59 8.28 5.24
CA GLY A 49 16.76 8.79 4.54
C GLY A 49 16.46 9.18 3.10
N VAL A 50 15.38 8.60 2.54
CA VAL A 50 15.00 8.88 1.15
C VAL A 50 13.49 9.16 1.05
N PRO A 51 13.10 10.43 1.25
CA PRO A 51 11.70 10.85 1.22
C PRO A 51 11.23 11.26 -0.16
N THR A 52 12.13 11.30 -1.11
CA THR A 52 11.83 11.82 -2.41
C THR A 52 11.83 10.76 -3.53
N ILE A 53 12.17 9.54 -3.18
CA ILE A 53 12.18 8.45 -4.14
C ILE A 53 11.13 7.40 -3.77
N ASN A 54 10.42 6.89 -4.77
CA ASN A 54 9.39 5.89 -4.54
C ASN A 54 10.03 4.58 -4.10
N VAL A 55 10.05 4.36 -2.80
CA VAL A 55 10.63 3.17 -2.19
C VAL A 55 9.75 1.94 -2.40
N ALA A 56 8.44 2.16 -2.43
CA ALA A 56 7.49 1.08 -2.58
C ALA A 56 7.57 0.47 -3.96
N MET A 57 8.18 -0.70 -4.07
CA MET A 57 8.23 -1.41 -5.29
C MET A 57 6.95 -2.21 -5.40
N LEU A 58 6.04 -1.70 -6.19
CA LEU A 58 4.69 -2.20 -6.25
C LEU A 58 4.58 -3.42 -7.15
N ILE A 59 4.21 -4.55 -6.54
CA ILE A 59 3.99 -5.79 -7.26
C ILE A 59 2.75 -5.68 -8.13
N THR A 60 1.72 -5.08 -7.58
CA THR A 60 0.47 -4.88 -8.29
C THR A 60 0.46 -3.48 -8.91
N PRO A 61 0.67 -3.38 -10.23
CA PRO A 61 0.89 -2.08 -10.92
C PRO A 61 -0.27 -1.10 -10.81
N ASN A 62 -1.39 -1.58 -10.40
CA ASN A 62 -2.58 -0.74 -10.25
C ASN A 62 -3.55 -1.29 -9.21
N PRO A 63 -3.37 -0.89 -7.94
CA PRO A 63 -4.26 -1.32 -6.88
C PRO A 63 -5.67 -0.77 -7.08
N THR A 64 -6.67 -1.61 -6.88
CA THR A 64 -8.04 -1.21 -7.08
C THR A 64 -8.92 -1.56 -5.90
N ILE A 65 -10.00 -0.81 -5.77
CA ILE A 65 -11.01 -1.04 -4.79
C ILE A 65 -12.21 -1.60 -5.50
N GLU A 66 -12.67 -2.76 -5.08
CA GLU A 66 -13.85 -3.33 -5.70
C GLU A 66 -15.12 -2.64 -5.25
N THR A 67 -16.25 -3.14 -5.68
CA THR A 67 -17.52 -2.50 -5.46
C THR A 67 -17.83 -2.31 -3.97
N SER A 68 -17.55 -3.32 -3.16
CA SER A 68 -17.80 -3.20 -1.71
C SER A 68 -16.89 -2.16 -1.08
N GLY A 69 -15.69 -2.09 -1.57
CA GLY A 69 -14.71 -1.24 -0.96
C GLY A 69 -13.65 -2.09 -0.31
N GLY A 70 -12.84 -2.73 -1.14
CA GLY A 70 -11.82 -3.61 -0.67
C GLY A 70 -10.79 -3.79 -1.73
N GLY A 71 -9.57 -3.48 -1.38
CA GLY A 71 -8.50 -3.57 -2.32
C GLY A 71 -7.27 -4.20 -1.73
N PHE A 72 -6.82 -5.24 -2.36
CA PHE A 72 -5.61 -5.93 -1.95
C PHE A 72 -4.40 -5.29 -2.62
N ILE A 73 -3.41 -4.91 -1.83
CA ILE A 73 -2.21 -4.26 -2.34
C ILE A 73 -0.99 -5.10 -2.00
N GLU A 74 -0.10 -5.29 -2.96
CA GLU A 74 1.12 -6.04 -2.74
C GLU A 74 2.35 -5.27 -3.21
N MET A 75 3.30 -5.06 -2.30
CA MET A 75 4.53 -4.37 -2.60
C MET A 75 5.66 -4.89 -1.74
N GLN A 76 6.87 -4.63 -2.17
CA GLN A 76 8.05 -4.96 -1.39
C GLN A 76 8.98 -3.77 -1.35
N LEU A 77 9.61 -3.58 -0.23
CA LEU A 77 10.46 -2.44 0.00
C LEU A 77 11.82 -2.84 0.54
N PRO A 78 12.81 -1.94 0.39
CA PRO A 78 14.16 -2.13 0.96
C PRO A 78 14.08 -2.28 2.48
N PRO A 79 15.08 -2.92 3.10
CA PRO A 79 15.09 -3.14 4.56
C PRO A 79 15.17 -1.84 5.36
N GLY A 80 14.59 -1.86 6.55
CA GLY A 80 14.63 -0.71 7.39
C GLY A 80 13.27 -0.14 7.70
N ASP A 81 13.26 1.07 8.26
CA ASP A 81 12.03 1.74 8.64
C ASP A 81 11.43 2.55 7.48
N ASN A 82 10.46 1.96 6.82
CA ASN A 82 9.78 2.61 5.70
C ASN A 82 8.37 3.02 6.10
N ILE A 83 7.88 4.12 5.54
CA ILE A 83 6.52 4.57 5.83
C ILE A 83 5.64 4.40 4.59
N ILE A 84 4.61 3.60 4.72
CA ILE A 84 3.70 3.32 3.61
C ILE A 84 2.42 4.15 3.76
N TYR A 85 2.01 4.80 2.68
CA TYR A 85 0.80 5.61 2.70
C TYR A 85 -0.20 5.13 1.66
N VAL A 86 -1.43 4.99 2.09
CA VAL A 86 -2.53 4.64 1.22
C VAL A 86 -3.59 5.71 1.36
N GLY A 87 -3.72 6.55 0.35
CA GLY A 87 -4.59 7.69 0.47
C GLY A 87 -4.13 8.63 1.57
N ASP A 88 -4.81 8.60 2.69
CA ASP A 88 -4.47 9.42 3.84
C ASP A 88 -3.93 8.53 4.99
N LEU A 89 -3.85 7.24 4.73
CA LEU A 89 -3.43 6.28 5.74
C LEU A 89 -1.93 6.15 5.78
N SER A 90 -1.37 6.16 6.98
CA SER A 90 0.05 6.00 7.16
C SER A 90 0.33 4.80 8.03
N GLN A 91 1.22 3.97 7.57
CA GLN A 91 1.58 2.77 8.28
C GLN A 91 3.08 2.50 8.20
N GLN A 92 3.70 2.39 9.37
CA GLN A 92 5.13 2.12 9.47
C GLN A 92 5.42 0.66 9.19
N TRP A 93 6.47 0.41 8.44
CA TRP A 93 6.87 -0.93 8.13
C TRP A 93 8.37 -1.11 8.31
N PHE A 94 8.75 -2.08 9.11
CA PHE A 94 10.15 -2.38 9.29
C PHE A 94 10.49 -3.63 8.47
N GLN A 95 11.09 -3.40 7.32
CA GLN A 95 11.45 -4.48 6.43
C GLN A 95 12.77 -5.11 6.82
N LYS A 96 12.86 -6.41 6.70
CA LYS A 96 14.06 -7.14 7.04
C LYS A 96 14.85 -7.49 5.79
N GLY A 97 16.09 -7.89 5.97
CA GLY A 97 16.91 -8.27 4.85
C GLY A 97 18.05 -9.17 5.26
N SER A 98 18.49 -10.00 4.35
CA SER A 98 19.60 -10.88 4.61
C SER A 98 20.90 -10.14 4.40
N THR A 99 21.95 -10.59 5.08
CA THR A 99 23.29 -9.98 5.01
C THR A 99 23.23 -8.45 5.06
N ILE A 100 23.11 -7.91 6.26
CA ILE A 100 23.03 -6.49 6.46
C ILE A 100 24.42 -5.93 6.69
N GLY A 101 24.90 -5.16 5.74
CA GLY A 101 26.23 -4.60 5.83
C GLY A 101 26.26 -3.34 6.64
N ARG A 102 26.98 -3.37 7.74
CA ARG A 102 27.14 -2.23 8.59
C ARG A 102 28.59 -2.10 9.03
N SER A 1 -12.08 0.65 -19.95
CA SER A 1 -12.08 2.09 -19.69
C SER A 1 -13.30 2.47 -18.89
N ASN A 2 -13.20 3.58 -18.14
CA ASN A 2 -14.27 4.07 -17.27
C ASN A 2 -14.49 3.10 -16.11
N THR A 3 -15.60 3.26 -15.37
CA THR A 3 -15.90 2.44 -14.18
C THR A 3 -14.96 2.78 -13.03
N TYR A 4 -13.67 2.60 -13.23
CA TYR A 4 -12.69 2.92 -12.22
C TYR A 4 -12.18 4.33 -12.40
N SER A 5 -12.00 5.01 -11.30
CA SER A 5 -11.51 6.37 -11.29
C SER A 5 -10.52 6.49 -10.15
N MET A 6 -10.02 7.68 -9.89
CA MET A 6 -9.12 7.87 -8.76
C MET A 6 -9.91 8.15 -7.51
N CYS A 7 -9.61 7.41 -6.47
CA CYS A 7 -10.31 7.53 -5.21
C CYS A 7 -9.78 8.67 -4.41
N ASP A 8 -10.66 9.34 -3.69
CA ASP A 8 -10.24 10.37 -2.78
C ASP A 8 -9.52 9.70 -1.64
N LYS A 9 -8.50 10.35 -1.14
CA LYS A 9 -7.68 9.78 -0.09
C LYS A 9 -8.44 9.68 1.23
N THR A 10 -9.59 10.29 1.26
CA THR A 10 -10.42 10.30 2.45
C THR A 10 -11.42 9.13 2.45
N LYS A 11 -11.31 8.24 1.45
CA LYS A 11 -12.26 7.13 1.32
C LYS A 11 -11.63 5.78 1.71
N PHE A 12 -10.43 5.80 2.28
CA PHE A 12 -9.74 4.56 2.61
C PHE A 12 -9.63 4.31 4.10
N LYS A 13 -9.69 3.04 4.47
CA LYS A 13 -9.49 2.60 5.83
C LYS A 13 -8.71 1.28 5.82
N TRP A 14 -7.98 1.02 6.88
CA TRP A 14 -7.17 -0.18 6.95
C TRP A 14 -7.97 -1.40 7.35
N LYS A 15 -8.01 -2.39 6.47
CA LYS A 15 -8.63 -3.67 6.75
C LYS A 15 -7.58 -4.59 7.34
N ARG A 16 -6.55 -4.82 6.56
CA ARG A 16 -5.45 -5.66 6.97
C ARG A 16 -4.15 -4.93 6.75
N VAL A 17 -3.37 -4.82 7.80
CA VAL A 17 -2.13 -4.10 7.78
C VAL A 17 -1.04 -4.85 6.99
N PRO A 18 -0.09 -4.08 6.41
CA PRO A 18 1.03 -4.64 5.67
C PRO A 18 1.73 -5.76 6.43
N VAL A 19 1.85 -6.91 5.78
CA VAL A 19 2.52 -8.05 6.36
C VAL A 19 2.98 -9.01 5.24
N ASP A 20 4.07 -9.71 5.47
CA ASP A 20 4.56 -10.69 4.51
C ASP A 20 4.02 -12.07 4.89
N SER A 21 3.47 -12.76 3.92
CA SER A 21 2.91 -14.09 4.13
C SER A 21 4.00 -15.15 4.09
N GLY A 22 5.22 -14.72 3.84
CA GLY A 22 6.33 -15.64 3.75
C GLY A 22 6.85 -15.73 2.34
N HIS A 23 6.48 -14.76 1.53
CA HIS A 23 6.89 -14.73 0.14
C HIS A 23 7.78 -13.51 -0.18
N ASP A 24 8.28 -12.88 0.89
CA ASP A 24 9.24 -11.77 0.80
C ASP A 24 8.62 -10.49 0.25
N THR A 25 7.30 -10.43 0.20
CA THR A 25 6.62 -9.23 -0.25
C THR A 25 5.50 -8.88 0.71
N VAL A 26 5.21 -7.61 0.81
CA VAL A 26 4.25 -7.12 1.77
C VAL A 26 2.86 -7.02 1.18
N VAL A 27 1.88 -7.59 1.86
CA VAL A 27 0.50 -7.52 1.43
C VAL A 27 -0.32 -6.75 2.44
N MET A 28 -1.35 -6.08 1.98
CA MET A 28 -2.22 -5.29 2.83
C MET A 28 -3.56 -5.13 2.15
N GLU A 29 -4.60 -4.88 2.92
CA GLU A 29 -5.92 -4.65 2.39
C GLU A 29 -6.55 -3.42 2.99
N VAL A 30 -7.17 -2.62 2.16
CA VAL A 30 -7.87 -1.45 2.63
C VAL A 30 -9.33 -1.54 2.21
N SER A 31 -10.21 -1.15 3.10
CA SER A 31 -11.62 -1.17 2.84
C SER A 31 -12.07 0.22 2.39
N TYR A 32 -13.23 0.33 1.78
CA TYR A 32 -13.69 1.63 1.33
C TYR A 32 -14.59 2.25 2.41
N THR A 33 -14.58 3.56 2.54
CA THR A 33 -15.42 4.22 3.54
C THR A 33 -16.52 5.06 2.91
N GLY A 34 -16.19 5.77 1.84
CA GLY A 34 -17.16 6.63 1.20
C GLY A 34 -17.55 6.16 -0.18
N SER A 35 -18.14 7.05 -0.96
CA SER A 35 -18.57 6.73 -2.30
C SER A 35 -17.38 6.73 -3.27
N ASP A 36 -17.69 6.54 -4.56
CA ASP A 36 -16.68 6.45 -5.62
C ASP A 36 -16.02 5.09 -5.58
N LYS A 37 -16.84 4.08 -5.75
CA LYS A 37 -16.42 2.70 -5.65
C LYS A 37 -17.34 1.84 -6.54
N PRO A 38 -16.79 0.88 -7.36
CA PRO A 38 -15.34 0.57 -7.45
C PRO A 38 -14.48 1.73 -7.95
N CYS A 39 -13.17 1.64 -7.70
CA CYS A 39 -12.26 2.73 -7.99
C CYS A 39 -10.77 2.27 -7.87
N ARG A 40 -9.82 3.14 -8.26
CA ARG A 40 -8.37 2.83 -8.21
C ARG A 40 -7.66 3.50 -7.00
N ILE A 41 -6.81 2.72 -6.31
CA ILE A 41 -6.14 3.17 -5.09
C ILE A 41 -4.83 3.91 -5.36
N PRO A 42 -4.65 5.06 -4.71
CA PRO A 42 -3.36 5.78 -4.71
C PRO A 42 -2.41 5.20 -3.65
N VAL A 43 -1.34 4.54 -4.08
CA VAL A 43 -0.37 3.98 -3.15
C VAL A 43 1.06 4.46 -3.42
N ARG A 44 1.76 4.82 -2.35
CA ARG A 44 3.15 5.24 -2.43
C ARG A 44 3.85 4.89 -1.13
N ALA A 45 5.16 4.80 -1.14
CA ALA A 45 5.90 4.49 0.08
C ALA A 45 7.25 5.17 0.07
N VAL A 46 7.73 5.49 1.25
CA VAL A 46 9.00 6.15 1.41
C VAL A 46 9.81 5.44 2.50
N ALA A 47 11.09 5.70 2.53
CA ALA A 47 11.96 5.07 3.50
C ALA A 47 12.68 6.11 4.32
N HIS A 48 13.28 5.69 5.42
CA HIS A 48 14.04 6.61 6.26
C HIS A 48 15.25 7.11 5.49
N GLY A 49 15.25 8.39 5.17
CA GLY A 49 16.33 8.97 4.39
C GLY A 49 15.93 9.17 2.94
N VAL A 50 14.78 8.59 2.56
CA VAL A 50 14.26 8.72 1.20
C VAL A 50 12.79 9.19 1.25
N PRO A 51 12.57 10.49 1.52
CA PRO A 51 11.23 11.08 1.67
C PRO A 51 10.52 11.42 0.36
N THR A 52 11.28 11.77 -0.67
CA THR A 52 10.66 12.25 -1.91
C THR A 52 10.69 11.23 -3.04
N ILE A 53 11.40 10.15 -2.85
CA ILE A 53 11.47 9.12 -3.86
C ILE A 53 10.55 7.97 -3.49
N ASN A 54 9.74 7.53 -4.44
CA ASN A 54 8.81 6.44 -4.18
C ASN A 54 9.58 5.14 -4.14
N VAL A 55 9.90 4.71 -2.94
CA VAL A 55 10.67 3.51 -2.72
C VAL A 55 9.84 2.24 -3.01
N ALA A 56 8.51 2.39 -2.90
CA ALA A 56 7.59 1.27 -3.04
C ALA A 56 7.83 0.44 -4.29
N MET A 57 8.23 -0.80 -4.09
CA MET A 57 8.34 -1.73 -5.18
C MET A 57 7.00 -2.39 -5.33
N LEU A 58 6.14 -1.75 -6.08
CA LEU A 58 4.76 -2.17 -6.19
C LEU A 58 4.61 -3.33 -7.15
N ILE A 59 4.34 -4.49 -6.57
CA ILE A 59 4.11 -5.71 -7.32
C ILE A 59 2.79 -5.60 -8.09
N THR A 60 1.78 -5.06 -7.41
CA THR A 60 0.47 -4.89 -8.00
C THR A 60 0.23 -3.41 -8.34
N PRO A 61 0.51 -2.99 -9.60
CA PRO A 61 0.35 -1.60 -10.00
C PRO A 61 -1.12 -1.22 -10.10
N ASN A 62 -1.38 0.07 -9.96
CA ASN A 62 -2.75 0.63 -9.92
C ASN A 62 -3.75 -0.31 -9.24
N PRO A 63 -3.70 -0.34 -7.89
CA PRO A 63 -4.56 -1.20 -7.09
C PRO A 63 -6.02 -0.78 -7.21
N THR A 64 -6.94 -1.70 -7.02
CA THR A 64 -8.33 -1.38 -7.21
C THR A 64 -9.20 -1.64 -6.00
N ILE A 65 -10.27 -0.90 -5.93
CA ILE A 65 -11.30 -1.04 -4.94
C ILE A 65 -12.52 -1.62 -5.62
N GLU A 66 -13.01 -2.72 -5.09
CA GLU A 66 -14.14 -3.40 -5.64
C GLU A 66 -15.40 -2.97 -4.89
N THR A 67 -16.51 -3.67 -5.12
CA THR A 67 -17.79 -3.31 -4.52
C THR A 67 -17.76 -3.20 -2.98
N SER A 68 -16.95 -4.00 -2.32
CA SER A 68 -16.87 -3.92 -0.85
C SER A 68 -15.52 -3.36 -0.41
N GLY A 69 -14.69 -3.00 -1.36
CA GLY A 69 -13.37 -2.56 -1.04
C GLY A 69 -12.36 -3.56 -1.55
N GLY A 70 -11.78 -4.33 -0.64
CA GLY A 70 -10.84 -5.35 -1.02
C GLY A 70 -9.60 -4.78 -1.67
N GLY A 71 -9.10 -3.71 -1.12
CA GLY A 71 -7.93 -3.08 -1.67
C GLY A 71 -6.69 -3.85 -1.31
N PHE A 72 -6.48 -4.96 -1.99
CA PHE A 72 -5.33 -5.80 -1.76
C PHE A 72 -4.14 -5.27 -2.54
N ILE A 73 -3.12 -4.86 -1.81
CA ILE A 73 -1.94 -4.30 -2.40
C ILE A 73 -0.72 -5.11 -2.00
N GLU A 74 0.08 -5.51 -2.98
CA GLU A 74 1.32 -6.20 -2.70
C GLU A 74 2.50 -5.40 -3.19
N MET A 75 3.41 -5.10 -2.29
CA MET A 75 4.56 -4.29 -2.57
C MET A 75 5.75 -4.71 -1.73
N GLN A 76 6.94 -4.41 -2.20
CA GLN A 76 8.14 -4.76 -1.48
C GLN A 76 8.89 -3.50 -1.06
N LEU A 77 9.31 -3.48 0.18
CA LEU A 77 10.02 -2.35 0.74
C LEU A 77 11.46 -2.71 1.07
N PRO A 78 12.35 -1.71 1.12
CA PRO A 78 13.75 -1.91 1.49
C PRO A 78 13.87 -2.12 3.01
N PRO A 79 14.95 -2.75 3.48
CA PRO A 79 15.14 -3.01 4.91
C PRO A 79 15.16 -1.73 5.73
N GLY A 80 14.58 -1.80 6.92
CA GLY A 80 14.49 -0.64 7.78
C GLY A 80 13.06 -0.20 7.97
N ASP A 81 12.87 1.01 8.48
CA ASP A 81 11.52 1.53 8.70
C ASP A 81 11.03 2.26 7.47
N ASN A 82 9.95 1.76 6.90
CA ASN A 82 9.37 2.36 5.72
C ASN A 82 7.98 2.86 6.02
N ILE A 83 7.61 3.91 5.34
CA ILE A 83 6.31 4.49 5.54
C ILE A 83 5.48 4.37 4.27
N ILE A 84 4.39 3.66 4.38
CA ILE A 84 3.53 3.41 3.26
C ILE A 84 2.26 4.25 3.36
N TYR A 85 1.93 4.94 2.28
CA TYR A 85 0.75 5.77 2.26
C TYR A 85 -0.25 5.20 1.27
N VAL A 86 -1.44 4.94 1.74
CA VAL A 86 -2.51 4.45 0.90
C VAL A 86 -3.72 5.33 1.08
N GLY A 87 -3.94 6.24 0.16
CA GLY A 87 -5.04 7.17 0.26
C GLY A 87 -5.10 7.86 1.62
N ASP A 88 -4.20 8.82 1.82
CA ASP A 88 -4.12 9.62 3.08
C ASP A 88 -3.71 8.77 4.31
N LEU A 89 -3.80 7.45 4.20
CA LEU A 89 -3.45 6.57 5.30
C LEU A 89 -1.95 6.40 5.41
N SER A 90 -1.47 6.32 6.62
CA SER A 90 -0.06 6.14 6.87
C SER A 90 0.17 4.90 7.71
N GLN A 91 1.12 4.09 7.30
CA GLN A 91 1.44 2.89 8.03
C GLN A 91 2.93 2.59 7.89
N GLN A 92 3.55 2.20 8.98
CA GLN A 92 4.97 1.91 8.99
C GLN A 92 5.25 0.43 8.84
N TRP A 93 6.25 0.13 8.05
CA TRP A 93 6.69 -1.24 7.84
C TRP A 93 8.16 -1.37 8.16
N PHE A 94 8.50 -2.32 9.00
CA PHE A 94 9.89 -2.58 9.28
C PHE A 94 10.33 -3.80 8.50
N GLN A 95 11.07 -3.57 7.45
CA GLN A 95 11.52 -4.65 6.60
C GLN A 95 12.79 -5.26 7.14
N LYS A 96 12.84 -6.58 7.11
CA LYS A 96 13.98 -7.34 7.58
C LYS A 96 15.12 -7.22 6.59
N GLY A 97 16.33 -7.17 7.11
CA GLY A 97 17.48 -7.09 6.26
C GLY A 97 18.57 -6.22 6.84
N SER A 98 19.61 -6.00 6.07
CA SER A 98 20.71 -5.19 6.49
C SER A 98 21.34 -4.52 5.27
N THR A 99 22.32 -3.66 5.51
CA THR A 99 23.01 -2.94 4.44
C THR A 99 23.74 -3.91 3.49
N ILE A 100 24.34 -4.95 4.06
CA ILE A 100 25.08 -5.97 3.30
C ILE A 100 26.46 -5.46 2.88
N GLY A 101 26.47 -4.37 2.15
CA GLY A 101 27.71 -3.79 1.68
C GLY A 101 27.49 -2.88 0.51
N ARG A 102 26.97 -1.70 0.79
CA ARG A 102 26.65 -0.73 -0.25
C ARG A 102 26.57 0.68 0.34
N SER A 1 -16.06 10.16 -17.16
CA SER A 1 -16.48 9.11 -16.22
C SER A 1 -15.83 7.78 -16.56
N ASN A 2 -15.05 7.26 -15.64
CA ASN A 2 -14.38 5.99 -15.82
C ASN A 2 -14.95 4.97 -14.85
N THR A 3 -14.85 3.69 -15.19
CA THR A 3 -15.36 2.64 -14.33
C THR A 3 -14.65 2.64 -12.99
N TYR A 4 -13.34 2.71 -13.04
CA TYR A 4 -12.55 2.70 -11.84
C TYR A 4 -12.17 4.09 -11.43
N SER A 5 -11.28 4.66 -12.19
CA SER A 5 -10.74 5.98 -11.91
C SER A 5 -9.94 5.93 -10.61
N MET A 6 -9.57 7.07 -10.10
CA MET A 6 -8.81 7.11 -8.87
C MET A 6 -9.68 7.52 -7.71
N CYS A 7 -9.57 6.79 -6.63
CA CYS A 7 -10.34 7.06 -5.43
C CYS A 7 -9.60 8.06 -4.55
N ASP A 8 -10.35 8.88 -3.83
CA ASP A 8 -9.76 9.92 -3.01
C ASP A 8 -9.04 9.33 -1.81
N LYS A 9 -7.82 9.80 -1.58
CA LYS A 9 -6.95 9.29 -0.54
C LYS A 9 -7.51 9.49 0.87
N THR A 10 -8.37 10.48 1.04
CA THR A 10 -8.90 10.81 2.35
C THR A 10 -9.97 9.82 2.81
N LYS A 11 -10.50 9.03 1.87
CA LYS A 11 -11.63 8.14 2.18
C LYS A 11 -11.20 6.68 2.31
N PHE A 12 -9.93 6.45 2.57
CA PHE A 12 -9.42 5.10 2.74
C PHE A 12 -9.30 4.75 4.21
N LYS A 13 -9.56 3.49 4.52
CA LYS A 13 -9.47 2.98 5.88
C LYS A 13 -8.80 1.62 5.88
N TRP A 14 -8.06 1.32 6.93
CA TRP A 14 -7.31 0.08 6.99
C TRP A 14 -8.21 -1.12 7.30
N LYS A 15 -8.14 -2.11 6.43
CA LYS A 15 -8.86 -3.35 6.63
C LYS A 15 -7.93 -4.36 7.27
N ARG A 16 -6.80 -4.57 6.63
CA ARG A 16 -5.79 -5.48 7.10
C ARG A 16 -4.43 -4.83 7.03
N VAL A 17 -3.64 -4.98 8.06
CA VAL A 17 -2.32 -4.40 8.08
C VAL A 17 -1.35 -5.20 7.19
N PRO A 18 -0.38 -4.50 6.58
CA PRO A 18 0.63 -5.11 5.70
C PRO A 18 1.40 -6.26 6.38
N VAL A 19 1.54 -7.35 5.65
CA VAL A 19 2.29 -8.49 6.13
C VAL A 19 2.74 -9.38 4.96
N ASP A 20 3.88 -10.02 5.10
CA ASP A 20 4.36 -10.96 4.10
C ASP A 20 3.86 -12.35 4.43
N SER A 21 3.21 -12.98 3.48
CA SER A 21 2.67 -14.32 3.66
C SER A 21 3.81 -15.33 3.82
N GLY A 22 4.98 -14.93 3.38
CA GLY A 22 6.12 -15.81 3.40
C GLY A 22 6.72 -15.94 2.01
N HIS A 23 6.36 -15.03 1.12
CA HIS A 23 6.86 -15.05 -0.25
C HIS A 23 7.64 -13.76 -0.59
N ASP A 24 8.13 -13.08 0.43
CA ASP A 24 8.99 -11.89 0.29
C ASP A 24 8.27 -10.67 -0.30
N THR A 25 6.96 -10.60 -0.16
CA THR A 25 6.22 -9.42 -0.61
C THR A 25 5.19 -9.03 0.43
N VAL A 26 4.96 -7.74 0.58
CA VAL A 26 4.06 -7.24 1.59
C VAL A 26 2.65 -7.07 1.03
N VAL A 27 1.68 -7.68 1.69
CA VAL A 27 0.28 -7.59 1.28
C VAL A 27 -0.58 -6.97 2.38
N MET A 28 -1.42 -6.03 2.00
CA MET A 28 -2.34 -5.39 2.91
C MET A 28 -3.71 -5.27 2.26
N GLU A 29 -4.71 -4.90 3.05
CA GLU A 29 -6.05 -4.70 2.53
C GLU A 29 -6.62 -3.39 3.04
N VAL A 30 -7.32 -2.71 2.17
CA VAL A 30 -7.92 -1.44 2.51
C VAL A 30 -9.38 -1.41 2.08
N SER A 31 -10.17 -0.74 2.86
CA SER A 31 -11.58 -0.57 2.58
C SER A 31 -11.86 0.89 2.30
N TYR A 32 -12.90 1.17 1.55
CA TYR A 32 -13.16 2.55 1.16
C TYR A 32 -14.49 3.00 1.76
N THR A 33 -14.45 4.13 2.46
CA THR A 33 -15.64 4.61 3.14
C THR A 33 -16.36 5.67 2.31
N GLY A 34 -15.81 5.96 1.17
CA GLY A 34 -16.42 6.92 0.29
C GLY A 34 -17.30 6.25 -0.75
N SER A 35 -17.92 7.04 -1.59
CA SER A 35 -18.80 6.52 -2.62
C SER A 35 -18.05 6.40 -3.94
N ASP A 36 -18.77 5.97 -4.99
CA ASP A 36 -18.22 5.86 -6.35
C ASP A 36 -17.19 4.73 -6.46
N LYS A 37 -17.65 3.52 -6.20
CA LYS A 37 -16.84 2.30 -6.30
C LYS A 37 -17.53 1.34 -7.28
N PRO A 38 -16.81 0.37 -7.90
CA PRO A 38 -15.35 0.14 -7.74
C PRO A 38 -14.47 1.30 -8.24
N CYS A 39 -13.19 1.28 -7.82
CA CYS A 39 -12.21 2.30 -8.21
C CYS A 39 -10.76 1.78 -8.02
N ARG A 40 -9.77 2.64 -8.25
CA ARG A 40 -8.36 2.28 -8.09
C ARG A 40 -7.70 2.98 -6.89
N ILE A 41 -6.71 2.29 -6.30
CA ILE A 41 -6.05 2.75 -5.07
C ILE A 41 -4.75 3.51 -5.34
N PRO A 42 -4.60 4.70 -4.73
CA PRO A 42 -3.34 5.45 -4.76
C PRO A 42 -2.37 4.94 -3.69
N VAL A 43 -1.30 4.29 -4.10
CA VAL A 43 -0.33 3.79 -3.14
C VAL A 43 1.06 4.43 -3.33
N ARG A 44 1.67 4.80 -2.22
CA ARG A 44 3.00 5.39 -2.21
C ARG A 44 3.66 5.05 -0.89
N ALA A 45 4.96 5.28 -0.75
CA ALA A 45 5.63 5.04 0.51
C ALA A 45 6.85 5.90 0.61
N VAL A 46 7.29 6.14 1.84
CA VAL A 46 8.50 6.90 2.09
C VAL A 46 9.34 6.16 3.12
N ALA A 47 10.61 6.48 3.18
CA ALA A 47 11.49 5.86 4.15
C ALA A 47 12.11 6.93 5.00
N HIS A 48 12.45 6.56 6.24
CA HIS A 48 13.07 7.51 7.16
C HIS A 48 14.33 8.16 6.59
N GLY A 49 14.25 9.46 6.35
CA GLY A 49 15.37 10.19 5.82
C GLY A 49 15.23 10.50 4.34
N VAL A 50 14.38 9.76 3.65
CA VAL A 50 14.19 9.97 2.23
C VAL A 50 12.70 10.09 1.85
N PRO A 51 12.13 11.30 2.03
CA PRO A 51 10.72 11.56 1.71
C PRO A 51 10.45 11.67 0.21
N THR A 52 11.50 11.89 -0.55
CA THR A 52 11.36 12.16 -1.97
C THR A 52 11.68 10.93 -2.84
N ILE A 53 12.34 9.96 -2.26
CA ILE A 53 12.70 8.75 -2.99
C ILE A 53 11.55 7.75 -2.99
N ASN A 54 11.24 7.20 -4.17
CA ASN A 54 10.18 6.22 -4.29
C ASN A 54 10.65 4.88 -3.73
N VAL A 55 10.28 4.63 -2.50
CA VAL A 55 10.66 3.41 -1.80
C VAL A 55 9.62 2.31 -2.04
N ALA A 56 8.49 2.70 -2.59
CA ALA A 56 7.43 1.77 -2.88
C ALA A 56 7.52 1.24 -4.30
N MET A 57 7.79 -0.05 -4.43
CA MET A 57 7.76 -0.69 -5.72
C MET A 57 6.53 -1.57 -5.74
N LEU A 58 5.69 -1.37 -6.71
CA LEU A 58 4.39 -1.99 -6.68
C LEU A 58 4.38 -3.31 -7.42
N ILE A 59 4.18 -4.38 -6.66
CA ILE A 59 4.10 -5.73 -7.20
C ILE A 59 2.83 -5.85 -8.03
N THR A 60 1.75 -5.30 -7.51
CA THR A 60 0.47 -5.27 -8.20
C THR A 60 0.23 -3.86 -8.76
N PRO A 61 0.51 -3.66 -10.06
CA PRO A 61 0.52 -2.32 -10.70
C PRO A 61 -0.74 -1.50 -10.49
N ASN A 62 -1.85 -2.15 -10.46
CA ASN A 62 -3.13 -1.45 -10.31
C ASN A 62 -3.97 -2.03 -9.18
N PRO A 63 -3.72 -1.60 -7.93
CA PRO A 63 -4.55 -1.99 -6.80
C PRO A 63 -5.95 -1.39 -6.95
N THR A 64 -6.98 -2.15 -6.63
CA THR A 64 -8.34 -1.68 -6.84
C THR A 64 -9.22 -1.82 -5.61
N ILE A 65 -10.26 -1.00 -5.57
CA ILE A 65 -11.25 -1.03 -4.54
C ILE A 65 -12.53 -1.58 -5.12
N GLU A 66 -13.07 -2.60 -4.48
CA GLU A 66 -14.28 -3.24 -4.93
C GLU A 66 -15.49 -2.41 -4.53
N THR A 67 -16.66 -3.01 -4.63
CA THR A 67 -17.89 -2.34 -4.25
C THR A 67 -17.93 -1.93 -2.77
N SER A 68 -17.12 -2.58 -1.95
CA SER A 68 -17.02 -2.22 -0.53
C SER A 68 -15.58 -1.93 -0.13
N GLY A 69 -14.66 -2.66 -0.71
CA GLY A 69 -13.28 -2.49 -0.38
C GLY A 69 -12.54 -3.78 -0.50
N GLY A 70 -11.84 -4.18 0.56
CA GLY A 70 -11.08 -5.41 0.51
C GLY A 70 -9.98 -5.33 -0.51
N GLY A 71 -9.41 -4.15 -0.64
CA GLY A 71 -8.39 -3.91 -1.60
C GLY A 71 -7.11 -4.57 -1.25
N PHE A 72 -6.84 -5.64 -1.94
CA PHE A 72 -5.64 -6.41 -1.71
C PHE A 72 -4.50 -5.76 -2.47
N ILE A 73 -3.57 -5.21 -1.73
CA ILE A 73 -2.44 -4.52 -2.30
C ILE A 73 -1.17 -5.31 -2.02
N GLU A 74 -0.37 -5.50 -3.05
CA GLU A 74 0.88 -6.18 -2.88
C GLU A 74 2.02 -5.29 -3.40
N MET A 75 2.87 -4.86 -2.50
CA MET A 75 3.98 -4.00 -2.82
C MET A 75 5.22 -4.44 -2.07
N GLN A 76 6.36 -4.00 -2.50
CA GLN A 76 7.58 -4.39 -1.86
C GLN A 76 8.44 -3.18 -1.57
N LEU A 77 9.14 -3.21 -0.48
CA LEU A 77 9.97 -2.10 -0.07
C LEU A 77 11.37 -2.57 0.34
N PRO A 78 12.36 -1.70 0.15
CA PRO A 78 13.75 -1.96 0.57
C PRO A 78 13.84 -2.02 2.10
N PRO A 79 14.89 -2.65 2.64
CA PRO A 79 15.07 -2.79 4.09
C PRO A 79 15.21 -1.45 4.80
N GLY A 80 14.69 -1.37 6.01
CA GLY A 80 14.76 -0.15 6.78
C GLY A 80 13.42 0.29 7.32
N ASP A 81 13.39 1.45 7.96
CA ASP A 81 12.16 1.99 8.51
C ASP A 81 11.33 2.65 7.42
N ASN A 82 10.35 1.92 6.91
CA ASN A 82 9.51 2.40 5.83
C ASN A 82 8.14 2.83 6.32
N ILE A 83 7.60 3.84 5.67
CA ILE A 83 6.27 4.33 5.95
C ILE A 83 5.41 4.08 4.71
N ILE A 84 4.44 3.20 4.82
CA ILE A 84 3.59 2.86 3.69
C ILE A 84 2.34 3.70 3.70
N TYR A 85 2.03 4.32 2.56
CA TYR A 85 0.84 5.13 2.44
C TYR A 85 -0.14 4.56 1.43
N VAL A 86 -1.34 4.41 1.88
CA VAL A 86 -2.42 4.00 1.03
C VAL A 86 -3.42 5.13 1.09
N GLY A 87 -3.44 5.96 0.07
CA GLY A 87 -4.18 7.17 0.17
C GLY A 87 -3.54 8.05 1.24
N ASP A 88 -4.29 8.40 2.25
CA ASP A 88 -3.75 9.15 3.38
C ASP A 88 -3.40 8.25 4.55
N LEU A 89 -3.54 6.95 4.36
CA LEU A 89 -3.24 6.00 5.42
C LEU A 89 -1.75 5.84 5.58
N SER A 90 -1.29 5.79 6.80
CA SER A 90 0.13 5.62 7.08
C SER A 90 0.34 4.40 7.96
N GLN A 91 1.36 3.64 7.63
CA GLN A 91 1.70 2.44 8.37
C GLN A 91 3.21 2.31 8.43
N GLN A 92 3.73 1.84 9.55
CA GLN A 92 5.16 1.70 9.73
C GLN A 92 5.60 0.27 9.52
N TRP A 93 6.32 0.03 8.46
CA TRP A 93 6.79 -1.29 8.15
C TRP A 93 8.31 -1.32 8.15
N PHE A 94 8.89 -2.05 9.07
CA PHE A 94 10.32 -2.19 9.10
C PHE A 94 10.70 -3.41 8.30
N GLN A 95 11.20 -3.17 7.11
CA GLN A 95 11.66 -4.23 6.26
C GLN A 95 13.03 -4.66 6.70
N LYS A 96 13.22 -5.96 6.83
CA LYS A 96 14.46 -6.52 7.32
C LYS A 96 15.51 -6.58 6.23
N GLY A 97 16.78 -6.54 6.65
CA GLY A 97 17.91 -6.49 5.71
C GLY A 97 17.83 -7.47 4.57
N SER A 98 17.85 -8.75 4.87
CA SER A 98 17.76 -9.76 3.83
C SER A 98 16.45 -10.52 3.94
N THR A 99 15.66 -10.20 4.97
CA THR A 99 14.39 -10.86 5.24
C THR A 99 14.62 -12.31 5.72
N ILE A 100 15.89 -12.68 5.84
CA ILE A 100 16.28 -14.02 6.24
C ILE A 100 16.51 -14.06 7.75
N GLY A 101 15.91 -15.06 8.40
CA GLY A 101 16.06 -15.21 9.83
C GLY A 101 17.50 -15.50 10.25
N ARG A 102 18.19 -16.33 9.44
CA ARG A 102 19.59 -16.70 9.71
C ARG A 102 19.70 -17.58 10.95
N SER A 1 -12.92 -2.46 -16.51
CA SER A 1 -11.74 -1.59 -16.61
C SER A 1 -12.13 -0.13 -16.37
N ASN A 2 -13.07 0.39 -17.15
CA ASN A 2 -13.51 1.79 -17.03
C ASN A 2 -14.29 2.00 -15.74
N THR A 3 -14.71 0.91 -15.14
CA THR A 3 -15.49 0.93 -13.91
C THR A 3 -14.68 1.55 -12.76
N TYR A 4 -13.37 1.50 -12.87
CA TYR A 4 -12.51 2.02 -11.84
C TYR A 4 -12.23 3.51 -12.05
N SER A 5 -12.31 4.26 -10.98
CA SER A 5 -12.07 5.69 -10.98
C SER A 5 -10.98 6.00 -9.94
N MET A 6 -10.73 7.27 -9.68
CA MET A 6 -9.73 7.63 -8.68
C MET A 6 -10.38 7.87 -7.32
N CYS A 7 -9.88 7.16 -6.33
CA CYS A 7 -10.39 7.24 -4.97
C CYS A 7 -9.86 8.47 -4.25
N ASP A 8 -10.67 9.00 -3.33
CA ASP A 8 -10.24 10.10 -2.48
C ASP A 8 -9.30 9.57 -1.41
N LYS A 9 -8.17 10.21 -1.25
CA LYS A 9 -7.12 9.75 -0.34
C LYS A 9 -7.53 9.78 1.14
N THR A 10 -8.49 10.59 1.48
CA THR A 10 -8.88 10.72 2.88
C THR A 10 -10.04 9.78 3.26
N LYS A 11 -10.51 8.99 2.31
CA LYS A 11 -11.65 8.10 2.58
C LYS A 11 -11.21 6.64 2.67
N PHE A 12 -9.95 6.43 2.95
CA PHE A 12 -9.40 5.08 3.06
C PHE A 12 -9.30 4.64 4.52
N LYS A 13 -9.47 3.35 4.76
CA LYS A 13 -9.34 2.76 6.09
C LYS A 13 -8.52 1.51 6.06
N TRP A 14 -7.86 1.23 7.17
CA TRP A 14 -6.99 0.07 7.23
C TRP A 14 -7.77 -1.19 7.51
N LYS A 15 -8.05 -1.93 6.45
CA LYS A 15 -8.70 -3.22 6.59
C LYS A 15 -7.71 -4.21 7.18
N ARG A 16 -6.55 -4.28 6.56
CA ARG A 16 -5.46 -5.09 7.07
C ARG A 16 -4.15 -4.35 6.87
N VAL A 17 -3.37 -4.24 7.93
CA VAL A 17 -2.09 -3.56 7.85
C VAL A 17 -1.09 -4.37 7.00
N PRO A 18 -0.10 -3.69 6.40
CA PRO A 18 0.95 -4.32 5.61
C PRO A 18 1.59 -5.49 6.35
N VAL A 19 1.67 -6.61 5.67
CA VAL A 19 2.28 -7.79 6.24
C VAL A 19 2.76 -8.72 5.12
N ASP A 20 3.84 -9.42 5.37
CA ASP A 20 4.34 -10.40 4.42
C ASP A 20 3.57 -11.68 4.60
N SER A 21 2.95 -12.12 3.52
CA SER A 21 2.14 -13.33 3.53
C SER A 21 3.04 -14.59 3.61
N GLY A 22 4.34 -14.38 3.56
CA GLY A 22 5.27 -15.50 3.63
C GLY A 22 5.94 -15.75 2.31
N HIS A 23 6.05 -14.71 1.52
CA HIS A 23 6.65 -14.83 0.19
C HIS A 23 7.42 -13.57 -0.21
N ASP A 24 7.94 -12.86 0.80
CA ASP A 24 8.78 -11.66 0.62
C ASP A 24 8.05 -10.52 -0.08
N THR A 25 6.75 -10.45 0.08
CA THR A 25 6.02 -9.32 -0.44
C THR A 25 5.12 -8.77 0.63
N VAL A 26 5.07 -7.47 0.73
CA VAL A 26 4.28 -6.81 1.73
C VAL A 26 2.90 -6.54 1.17
N VAL A 27 1.91 -7.19 1.74
CA VAL A 27 0.56 -7.07 1.26
C VAL A 27 -0.36 -6.48 2.32
N MET A 28 -1.17 -5.54 1.92
CA MET A 28 -2.10 -4.88 2.80
C MET A 28 -3.47 -4.78 2.15
N GLU A 29 -4.49 -4.59 2.96
CA GLU A 29 -5.84 -4.39 2.46
C GLU A 29 -6.43 -3.12 2.99
N VAL A 30 -7.05 -2.37 2.14
CA VAL A 30 -7.65 -1.13 2.52
C VAL A 30 -9.10 -1.08 2.12
N SER A 31 -9.88 -0.49 2.97
CA SER A 31 -11.31 -0.35 2.75
C SER A 31 -11.61 1.07 2.33
N TYR A 32 -12.65 1.25 1.53
CA TYR A 32 -12.95 2.57 1.05
C TYR A 32 -14.41 2.93 1.35
N THR A 33 -14.61 4.02 2.06
CA THR A 33 -15.94 4.42 2.50
C THR A 33 -16.60 5.38 1.52
N GLY A 34 -15.82 5.85 0.57
CA GLY A 34 -16.33 6.77 -0.43
C GLY A 34 -17.13 6.07 -1.51
N SER A 35 -17.74 6.84 -2.38
CA SER A 35 -18.54 6.29 -3.46
C SER A 35 -17.66 5.94 -4.67
N ASP A 36 -18.32 5.53 -5.77
CA ASP A 36 -17.66 5.16 -7.03
C ASP A 36 -16.82 3.89 -6.92
N LYS A 37 -17.26 2.96 -6.08
CA LYS A 37 -16.59 1.68 -5.96
C LYS A 37 -17.21 0.70 -6.95
N PRO A 38 -16.41 -0.20 -7.57
CA PRO A 38 -14.94 -0.30 -7.38
C PRO A 38 -14.15 0.90 -7.92
N CYS A 39 -12.96 1.11 -7.37
CA CYS A 39 -12.15 2.28 -7.67
C CYS A 39 -10.61 1.99 -7.54
N ARG A 40 -9.76 2.92 -8.01
CA ARG A 40 -8.28 2.77 -7.98
C ARG A 40 -7.65 3.43 -6.74
N ILE A 41 -6.67 2.72 -6.17
CA ILE A 41 -6.02 3.13 -4.92
C ILE A 41 -4.68 3.85 -5.17
N PRO A 42 -4.54 5.04 -4.60
CA PRO A 42 -3.26 5.75 -4.59
C PRO A 42 -2.35 5.20 -3.47
N VAL A 43 -1.26 4.53 -3.84
CA VAL A 43 -0.37 3.96 -2.81
C VAL A 43 1.11 4.22 -3.14
N ARG A 44 1.88 4.55 -2.11
CA ARG A 44 3.30 4.82 -2.24
C ARG A 44 4.02 4.54 -0.93
N ALA A 45 5.34 4.45 -0.97
CA ALA A 45 6.13 4.18 0.24
C ALA A 45 7.45 4.92 0.18
N VAL A 46 7.94 5.34 1.36
CA VAL A 46 9.18 6.11 1.48
C VAL A 46 10.02 5.62 2.65
N ALA A 47 11.20 6.20 2.82
CA ALA A 47 12.09 5.85 3.93
C ALA A 47 12.06 6.96 4.99
N HIS A 48 12.59 6.68 6.18
CA HIS A 48 12.66 7.70 7.24
C HIS A 48 13.65 8.78 6.86
N GLY A 49 13.20 10.03 6.90
CA GLY A 49 14.07 11.13 6.58
C GLY A 49 13.86 11.66 5.17
N VAL A 50 13.41 10.79 4.27
CA VAL A 50 13.19 11.19 2.89
C VAL A 50 11.77 10.81 2.45
N PRO A 51 10.85 11.78 2.52
CA PRO A 51 9.45 11.58 2.14
C PRO A 51 9.21 11.69 0.64
N THR A 52 10.27 11.98 -0.09
CA THR A 52 10.15 12.24 -1.51
C THR A 52 10.75 11.12 -2.37
N ILE A 53 11.12 10.04 -1.73
CA ILE A 53 11.70 8.92 -2.44
C ILE A 53 10.66 7.82 -2.69
N ASN A 54 10.55 7.39 -3.92
CA ASN A 54 9.66 6.31 -4.26
C ASN A 54 10.36 4.99 -4.05
N VAL A 55 10.08 4.35 -2.94
CA VAL A 55 10.72 3.09 -2.63
C VAL A 55 9.71 1.94 -2.78
N ALA A 56 8.45 2.29 -2.99
CA ALA A 56 7.39 1.31 -3.12
C ALA A 56 7.53 0.51 -4.39
N MET A 57 7.98 -0.73 -4.27
CA MET A 57 8.05 -1.62 -5.41
C MET A 57 6.68 -2.21 -5.64
N LEU A 58 5.88 -1.51 -6.41
CA LEU A 58 4.52 -1.93 -6.63
C LEU A 58 4.46 -3.07 -7.63
N ILE A 59 4.32 -4.26 -7.09
CA ILE A 59 4.21 -5.45 -7.89
C ILE A 59 2.86 -5.46 -8.61
N THR A 60 1.83 -5.05 -7.90
CA THR A 60 0.48 -4.98 -8.44
C THR A 60 0.18 -3.54 -8.87
N PRO A 61 0.28 -3.23 -10.19
CA PRO A 61 0.08 -1.87 -10.68
C PRO A 61 -1.39 -1.48 -10.62
N ASN A 62 -1.60 -0.19 -10.40
CA ASN A 62 -2.95 0.39 -10.22
C ASN A 62 -3.82 -0.49 -9.33
N PRO A 63 -3.57 -0.44 -8.02
CA PRO A 63 -4.33 -1.25 -7.06
C PRO A 63 -5.80 -0.84 -7.05
N THR A 64 -6.69 -1.79 -6.83
CA THR A 64 -8.09 -1.49 -6.94
C THR A 64 -8.92 -1.89 -5.71
N ILE A 65 -9.88 -1.05 -5.41
CA ILE A 65 -10.87 -1.27 -4.37
C ILE A 65 -12.05 -2.00 -4.99
N GLU A 66 -12.53 -3.04 -4.33
CA GLU A 66 -13.68 -3.75 -4.83
C GLU A 66 -14.99 -3.05 -4.45
N THR A 67 -16.11 -3.74 -4.54
CA THR A 67 -17.41 -3.13 -4.29
C THR A 67 -17.54 -2.55 -2.87
N SER A 68 -16.89 -3.15 -1.87
CA SER A 68 -16.95 -2.61 -0.51
C SER A 68 -15.57 -2.12 -0.07
N GLY A 69 -14.56 -2.83 -0.48
CA GLY A 69 -13.21 -2.51 -0.11
C GLY A 69 -12.29 -3.62 -0.47
N GLY A 70 -11.54 -4.10 0.51
CA GLY A 70 -10.65 -5.22 0.28
C GLY A 70 -9.58 -4.91 -0.74
N GLY A 71 -9.06 -3.70 -0.72
CA GLY A 71 -8.03 -3.30 -1.63
C GLY A 71 -6.73 -3.99 -1.30
N PHE A 72 -6.50 -5.11 -1.94
CA PHE A 72 -5.31 -5.90 -1.72
C PHE A 72 -4.17 -5.37 -2.56
N ILE A 73 -3.10 -4.95 -1.92
CA ILE A 73 -1.95 -4.39 -2.60
C ILE A 73 -0.71 -5.22 -2.32
N GLU A 74 0.02 -5.58 -3.37
CA GLU A 74 1.26 -6.31 -3.23
C GLU A 74 2.45 -5.48 -3.68
N MET A 75 3.35 -5.22 -2.75
CA MET A 75 4.54 -4.49 -3.03
C MET A 75 5.71 -5.03 -2.24
N GLN A 76 6.89 -4.60 -2.59
CA GLN A 76 8.08 -5.00 -1.88
C GLN A 76 8.82 -3.79 -1.38
N LEU A 77 9.20 -3.83 -0.13
CA LEU A 77 9.93 -2.78 0.48
C LEU A 77 11.34 -3.24 0.83
N PRO A 78 12.32 -2.33 0.69
CA PRO A 78 13.70 -2.60 1.06
C PRO A 78 13.83 -2.83 2.57
N PRO A 79 14.90 -3.50 3.00
CA PRO A 79 15.11 -3.78 4.42
C PRO A 79 15.23 -2.50 5.24
N GLY A 80 14.67 -2.49 6.43
CA GLY A 80 14.72 -1.32 7.26
C GLY A 80 13.38 -0.62 7.39
N ASP A 81 13.43 0.68 7.61
CA ASP A 81 12.24 1.51 7.80
C ASP A 81 11.60 1.95 6.50
N ASN A 82 10.33 1.61 6.35
CA ASN A 82 9.56 2.02 5.20
C ASN A 82 8.25 2.63 5.65
N ILE A 83 7.88 3.74 5.07
CA ILE A 83 6.62 4.37 5.38
C ILE A 83 5.68 4.19 4.22
N ILE A 84 4.64 3.45 4.42
CA ILE A 84 3.69 3.17 3.37
C ILE A 84 2.46 4.05 3.51
N TYR A 85 2.13 4.76 2.44
CA TYR A 85 0.98 5.62 2.41
C TYR A 85 -0.06 5.09 1.44
N VAL A 86 -1.26 4.97 1.93
CA VAL A 86 -2.40 4.57 1.13
C VAL A 86 -3.40 5.70 1.17
N GLY A 87 -3.49 6.43 0.08
CA GLY A 87 -4.25 7.63 0.11
C GLY A 87 -3.58 8.65 0.99
N ASP A 88 -4.16 8.93 2.13
CA ASP A 88 -3.54 9.80 3.12
C ASP A 88 -3.15 8.99 4.35
N LEU A 89 -3.38 7.68 4.30
CA LEU A 89 -3.07 6.80 5.44
C LEU A 89 -1.59 6.54 5.50
N SER A 90 -1.08 6.36 6.69
CA SER A 90 0.31 6.08 6.87
C SER A 90 0.51 4.90 7.79
N GLN A 91 1.36 3.99 7.38
CA GLN A 91 1.73 2.85 8.18
C GLN A 91 3.15 2.44 7.85
N GLN A 92 3.93 2.19 8.87
CA GLN A 92 5.33 1.89 8.68
C GLN A 92 5.58 0.38 8.63
N TRP A 93 6.56 0.00 7.83
CA TRP A 93 6.94 -1.39 7.68
C TRP A 93 8.43 -1.57 7.93
N PHE A 94 8.78 -2.60 8.66
CA PHE A 94 10.17 -2.93 8.88
C PHE A 94 10.46 -4.26 8.19
N GLN A 95 11.30 -4.21 7.18
CA GLN A 95 11.64 -5.40 6.42
C GLN A 95 12.99 -5.95 6.86
N LYS A 96 13.04 -7.25 7.11
CA LYS A 96 14.25 -7.91 7.57
C LYS A 96 15.34 -7.88 6.52
N GLY A 97 15.00 -8.36 5.35
CA GLY A 97 15.93 -8.37 4.23
C GLY A 97 17.00 -9.44 4.32
N SER A 98 17.82 -9.38 5.38
CA SER A 98 18.93 -10.30 5.57
C SER A 98 18.47 -11.76 5.62
N THR A 99 18.57 -12.41 4.47
CA THR A 99 18.18 -13.80 4.35
C THR A 99 19.22 -14.71 4.99
N ILE A 100 20.49 -14.46 4.70
CA ILE A 100 21.60 -15.25 5.22
C ILE A 100 21.76 -15.09 6.73
N GLY A 101 21.66 -13.85 7.19
CA GLY A 101 21.84 -13.58 8.59
C GLY A 101 23.30 -13.62 8.99
N ARG A 102 23.69 -14.67 9.69
CA ARG A 102 25.06 -14.84 10.10
C ARG A 102 25.51 -16.27 9.82
N SER A 1 -19.12 8.01 -17.43
CA SER A 1 -18.17 7.91 -16.32
C SER A 1 -17.51 6.53 -16.32
N ASN A 2 -16.21 6.50 -16.06
CA ASN A 2 -15.47 5.26 -16.02
C ASN A 2 -15.74 4.52 -14.73
N THR A 3 -15.61 3.20 -14.77
CA THR A 3 -15.86 2.37 -13.61
C THR A 3 -14.88 2.68 -12.48
N TYR A 4 -13.61 2.79 -12.82
CA TYR A 4 -12.59 3.06 -11.84
C TYR A 4 -11.94 4.41 -12.07
N SER A 5 -12.26 5.34 -11.22
CA SER A 5 -11.66 6.66 -11.23
C SER A 5 -10.77 6.73 -10.00
N MET A 6 -10.15 7.86 -9.72
CA MET A 6 -9.27 7.94 -8.56
C MET A 6 -10.06 7.98 -7.25
N CYS A 7 -9.63 7.18 -6.28
CA CYS A 7 -10.30 7.09 -4.99
C CYS A 7 -10.00 8.30 -4.12
N ASP A 8 -10.96 8.66 -3.28
CA ASP A 8 -10.76 9.74 -2.34
C ASP A 8 -9.79 9.29 -1.28
N LYS A 9 -8.81 10.11 -1.00
CA LYS A 9 -7.73 9.75 -0.09
C LYS A 9 -8.24 9.46 1.32
N THR A 10 -9.19 10.26 1.76
CA THR A 10 -9.71 10.18 3.12
C THR A 10 -10.81 9.13 3.28
N LYS A 11 -11.05 8.34 2.25
CA LYS A 11 -12.10 7.33 2.33
C LYS A 11 -11.50 5.92 2.43
N PHE A 12 -10.22 5.84 2.79
CA PHE A 12 -9.55 4.55 2.93
C PHE A 12 -9.45 4.13 4.40
N LYS A 13 -9.59 2.82 4.64
CA LYS A 13 -9.46 2.22 5.98
C LYS A 13 -8.63 0.96 5.91
N TRP A 14 -7.82 0.72 6.94
CA TRP A 14 -6.98 -0.45 6.97
C TRP A 14 -7.76 -1.71 7.29
N LYS A 15 -8.13 -2.44 6.25
CA LYS A 15 -8.81 -3.72 6.40
C LYS A 15 -7.84 -4.71 7.02
N ARG A 16 -6.68 -4.76 6.42
CA ARG A 16 -5.59 -5.59 6.88
C ARG A 16 -4.31 -4.80 6.82
N VAL A 17 -3.64 -4.70 7.94
CA VAL A 17 -2.39 -3.97 8.00
C VAL A 17 -1.32 -4.70 7.19
N PRO A 18 -0.38 -3.95 6.59
CA PRO A 18 0.73 -4.54 5.84
C PRO A 18 1.40 -5.68 6.60
N VAL A 19 1.37 -6.86 6.01
CA VAL A 19 1.98 -8.04 6.60
C VAL A 19 2.75 -8.82 5.55
N ASP A 20 3.68 -9.62 5.99
CA ASP A 20 4.41 -10.50 5.10
C ASP A 20 3.86 -11.90 5.26
N SER A 21 3.52 -12.51 4.14
CA SER A 21 2.97 -13.86 4.15
C SER A 21 4.10 -14.89 4.31
N GLY A 22 5.32 -14.40 4.36
CA GLY A 22 6.46 -15.27 4.48
C GLY A 22 7.26 -15.33 3.22
N HIS A 23 7.05 -14.34 2.36
CA HIS A 23 7.73 -14.27 1.07
C HIS A 23 8.49 -12.94 0.88
N ASP A 24 8.63 -12.20 1.98
CA ASP A 24 9.38 -10.93 2.02
C ASP A 24 8.78 -9.86 1.10
N THR A 25 7.49 -9.96 0.85
CA THR A 25 6.79 -8.93 0.13
C THR A 25 5.59 -8.51 0.96
N VAL A 26 5.37 -7.24 1.06
CA VAL A 26 4.36 -6.72 1.93
C VAL A 26 3.00 -6.73 1.26
N VAL A 27 2.04 -7.33 1.94
CA VAL A 27 0.68 -7.40 1.43
C VAL A 27 -0.29 -6.75 2.44
N MET A 28 -1.15 -5.89 1.95
CA MET A 28 -2.15 -5.25 2.78
C MET A 28 -3.49 -5.21 2.06
N GLU A 29 -4.57 -5.04 2.80
CA GLU A 29 -5.89 -4.85 2.23
C GLU A 29 -6.53 -3.62 2.77
N VAL A 30 -7.19 -2.89 1.91
CA VAL A 30 -7.82 -1.65 2.31
C VAL A 30 -9.30 -1.62 1.94
N SER A 31 -10.05 -1.07 2.85
CA SER A 31 -11.50 -0.93 2.69
C SER A 31 -11.80 0.49 2.21
N TYR A 32 -12.89 0.67 1.49
CA TYR A 32 -13.18 1.99 0.95
C TYR A 32 -14.61 2.42 1.26
N THR A 33 -14.74 3.55 1.93
CA THR A 33 -16.03 4.06 2.34
C THR A 33 -16.53 5.14 1.39
N GLY A 34 -15.82 5.32 0.28
CA GLY A 34 -16.21 6.32 -0.71
C GLY A 34 -17.56 6.03 -1.32
N SER A 35 -18.17 7.05 -1.88
CA SER A 35 -19.52 6.94 -2.39
C SER A 35 -19.64 6.15 -3.70
N ASP A 36 -20.62 5.28 -3.67
CA ASP A 36 -21.12 4.44 -4.78
C ASP A 36 -20.10 3.50 -5.43
N LYS A 37 -18.81 3.68 -5.13
CA LYS A 37 -17.69 2.82 -5.63
C LYS A 37 -17.86 2.34 -7.13
N PRO A 38 -16.86 1.60 -7.72
CA PRO A 38 -15.51 1.37 -7.19
C PRO A 38 -14.52 2.47 -7.65
N CYS A 39 -13.21 2.23 -7.51
CA CYS A 39 -12.21 3.25 -7.92
C CYS A 39 -10.76 2.69 -7.90
N ARG A 40 -9.80 3.55 -8.25
CA ARG A 40 -8.37 3.22 -8.33
C ARG A 40 -7.62 3.70 -7.07
N ILE A 41 -6.80 2.84 -6.51
CA ILE A 41 -6.10 3.12 -5.25
C ILE A 41 -4.80 3.92 -5.45
N PRO A 42 -4.70 5.09 -4.81
CA PRO A 42 -3.46 5.84 -4.76
C PRO A 42 -2.52 5.27 -3.70
N VAL A 43 -1.43 4.64 -4.11
CA VAL A 43 -0.50 4.05 -3.16
C VAL A 43 0.96 4.46 -3.43
N ARG A 44 1.68 4.80 -2.36
CA ARG A 44 3.10 5.17 -2.44
C ARG A 44 3.77 4.90 -1.09
N ALA A 45 5.10 4.92 -1.05
CA ALA A 45 5.81 4.70 0.20
C ALA A 45 7.12 5.46 0.22
N VAL A 46 7.61 5.77 1.42
CA VAL A 46 8.89 6.46 1.59
C VAL A 46 9.72 5.77 2.66
N ALA A 47 11.01 5.99 2.64
CA ALA A 47 11.88 5.42 3.64
C ALA A 47 12.22 6.46 4.67
N HIS A 48 12.43 6.03 5.92
CA HIS A 48 12.75 6.96 6.99
C HIS A 48 14.06 7.66 6.69
N GLY A 49 13.97 8.95 6.40
CA GLY A 49 15.14 9.73 6.09
C GLY A 49 15.31 9.91 4.59
N VAL A 50 14.56 9.16 3.79
CA VAL A 50 14.66 9.27 2.34
C VAL A 50 13.27 9.43 1.69
N PRO A 51 12.62 10.60 1.91
CA PRO A 51 11.30 10.91 1.33
C PRO A 51 11.36 11.14 -0.18
N THR A 52 12.53 11.52 -0.63
CA THR A 52 12.73 11.96 -1.99
C THR A 52 12.94 10.82 -2.99
N ILE A 53 13.19 9.62 -2.51
CA ILE A 53 13.38 8.48 -3.40
C ILE A 53 12.22 7.50 -3.28
N ASN A 54 11.70 7.08 -4.43
CA ASN A 54 10.59 6.16 -4.47
C ASN A 54 11.04 4.77 -4.03
N VAL A 55 10.53 4.33 -2.91
CA VAL A 55 10.92 3.06 -2.32
C VAL A 55 9.84 1.98 -2.51
N ALA A 56 8.68 2.40 -2.96
CA ALA A 56 7.56 1.49 -3.14
C ALA A 56 7.66 0.71 -4.44
N MET A 57 8.12 -0.54 -4.36
CA MET A 57 8.14 -1.39 -5.53
C MET A 57 6.84 -2.15 -5.57
N LEU A 58 5.93 -1.69 -6.38
CA LEU A 58 4.60 -2.24 -6.43
C LEU A 58 4.55 -3.51 -7.28
N ILE A 59 4.36 -4.62 -6.61
CA ILE A 59 4.23 -5.91 -7.26
C ILE A 59 2.92 -5.97 -8.04
N THR A 60 1.84 -5.49 -7.43
CA THR A 60 0.53 -5.49 -8.05
C THR A 60 0.19 -4.10 -8.60
N PRO A 61 0.37 -3.87 -9.92
CA PRO A 61 0.14 -2.56 -10.53
C PRO A 61 -1.34 -2.23 -10.64
N ASN A 62 -1.61 -0.93 -10.78
CA ASN A 62 -2.97 -0.36 -10.81
C ASN A 62 -3.92 -1.02 -9.81
N PRO A 63 -3.68 -0.84 -8.50
CA PRO A 63 -4.53 -1.40 -7.48
C PRO A 63 -5.91 -0.74 -7.51
N THR A 64 -6.95 -1.53 -7.37
CA THR A 64 -8.29 -0.97 -7.44
C THR A 64 -9.14 -1.37 -6.25
N ILE A 65 -10.05 -0.49 -5.93
CA ILE A 65 -11.03 -0.69 -4.90
C ILE A 65 -12.27 -1.24 -5.53
N GLU A 66 -12.81 -2.29 -4.97
CA GLU A 66 -14.00 -2.87 -5.50
C GLU A 66 -15.23 -2.35 -4.74
N THR A 67 -16.38 -2.94 -5.03
CA THR A 67 -17.65 -2.60 -4.39
C THR A 67 -17.57 -2.48 -2.84
N SER A 68 -16.70 -3.24 -2.21
CA SER A 68 -16.54 -3.14 -0.75
C SER A 68 -15.11 -2.82 -0.35
N GLY A 69 -14.32 -2.47 -1.32
CA GLY A 69 -12.93 -2.25 -1.05
C GLY A 69 -12.14 -3.48 -1.37
N GLY A 70 -11.64 -4.15 -0.33
CA GLY A 70 -10.89 -5.37 -0.54
C GLY A 70 -9.68 -5.17 -1.40
N GLY A 71 -9.05 -4.01 -1.25
CA GLY A 71 -7.90 -3.70 -2.04
C GLY A 71 -6.68 -4.42 -1.58
N PHE A 72 -6.42 -5.55 -2.19
CA PHE A 72 -5.25 -6.35 -1.87
C PHE A 72 -4.07 -5.82 -2.65
N ILE A 73 -3.08 -5.35 -1.93
CA ILE A 73 -1.92 -4.76 -2.55
C ILE A 73 -0.66 -5.49 -2.12
N GLU A 74 0.18 -5.84 -3.08
CA GLU A 74 1.46 -6.45 -2.79
C GLU A 74 2.59 -5.56 -3.30
N MET A 75 3.52 -5.28 -2.41
CA MET A 75 4.66 -4.45 -2.75
C MET A 75 5.90 -5.00 -2.08
N GLN A 76 7.04 -4.58 -2.56
CA GLN A 76 8.28 -4.99 -1.98
C GLN A 76 9.15 -3.77 -1.74
N LEU A 77 9.74 -3.70 -0.58
CA LEU A 77 10.54 -2.57 -0.19
C LEU A 77 11.89 -3.00 0.32
N PRO A 78 12.91 -2.13 0.17
CA PRO A 78 14.23 -2.33 0.74
C PRO A 78 14.15 -2.45 2.26
N PRO A 79 15.10 -3.15 2.89
CA PRO A 79 15.09 -3.35 4.34
C PRO A 79 15.19 -2.04 5.09
N GLY A 80 14.42 -1.94 6.16
CA GLY A 80 14.41 -0.75 6.96
C GLY A 80 13.01 -0.33 7.32
N ASP A 81 12.89 0.74 8.07
CA ASP A 81 11.59 1.24 8.45
C ASP A 81 11.08 2.17 7.36
N ASN A 82 10.02 1.76 6.71
CA ASN A 82 9.44 2.53 5.62
C ASN A 82 8.03 2.98 5.97
N ILE A 83 7.61 4.09 5.38
CA ILE A 83 6.27 4.60 5.59
C ILE A 83 5.45 4.39 4.34
N ILE A 84 4.40 3.61 4.45
CA ILE A 84 3.56 3.31 3.31
C ILE A 84 2.28 4.14 3.40
N TYR A 85 1.96 4.83 2.31
CA TYR A 85 0.78 5.66 2.29
C TYR A 85 -0.23 5.12 1.30
N VAL A 86 -1.44 4.98 1.75
CA VAL A 86 -2.56 4.57 0.92
C VAL A 86 -3.64 5.62 1.07
N GLY A 87 -3.82 6.44 0.06
CA GLY A 87 -4.73 7.56 0.19
C GLY A 87 -4.23 8.53 1.25
N ASP A 88 -5.03 8.72 2.30
CA ASP A 88 -4.65 9.58 3.40
C ASP A 88 -4.10 8.77 4.58
N LEU A 89 -3.93 7.47 4.37
CA LEU A 89 -3.47 6.57 5.44
C LEU A 89 -1.97 6.42 5.42
N SER A 90 -1.38 6.53 6.58
CA SER A 90 0.05 6.36 6.72
C SER A 90 0.32 5.17 7.63
N GLN A 91 1.14 4.25 7.16
CA GLN A 91 1.45 3.06 7.93
C GLN A 91 2.94 2.79 7.91
N GLN A 92 3.46 2.30 9.01
CA GLN A 92 4.87 2.06 9.14
C GLN A 92 5.20 0.57 9.02
N TRP A 93 6.24 0.26 8.26
CA TRP A 93 6.65 -1.11 8.07
C TRP A 93 8.13 -1.27 8.34
N PHE A 94 8.48 -2.28 9.10
CA PHE A 94 9.87 -2.60 9.32
C PHE A 94 10.26 -3.74 8.42
N GLN A 95 10.89 -3.41 7.33
CA GLN A 95 11.29 -4.37 6.34
C GLN A 95 12.63 -5.01 6.76
N LYS A 96 12.81 -6.29 6.46
CA LYS A 96 14.01 -7.00 6.87
C LYS A 96 14.80 -7.49 5.66
N GLY A 97 16.09 -7.62 5.83
CA GLY A 97 16.95 -8.07 4.76
C GLY A 97 18.31 -7.41 4.84
N SER A 98 19.13 -7.61 3.82
CA SER A 98 20.48 -7.03 3.78
C SER A 98 21.34 -7.58 4.92
N THR A 99 22.52 -7.01 5.11
CA THR A 99 23.41 -7.43 6.16
C THR A 99 23.07 -6.74 7.46
N ILE A 100 22.23 -7.38 8.25
CA ILE A 100 21.87 -6.85 9.55
C ILE A 100 22.82 -7.37 10.59
N GLY A 101 23.02 -8.68 10.60
CA GLY A 101 23.93 -9.31 11.52
C GLY A 101 23.50 -9.12 12.96
N ARG A 102 24.41 -8.61 13.76
CA ARG A 102 24.17 -8.40 15.18
C ARG A 102 23.95 -6.93 15.46
N SER A 1 -10.74 5.50 -18.37
CA SER A 1 -11.15 5.21 -17.00
C SER A 1 -12.57 5.73 -16.74
N ASN A 2 -13.54 4.83 -16.81
CA ASN A 2 -14.93 5.20 -16.57
C ASN A 2 -15.39 4.64 -15.23
N THR A 3 -15.46 3.32 -15.14
CA THR A 3 -15.84 2.67 -13.91
C THR A 3 -14.80 2.90 -12.83
N TYR A 4 -13.55 2.76 -13.18
CA TYR A 4 -12.48 2.95 -12.22
C TYR A 4 -11.88 4.32 -12.37
N SER A 5 -11.82 5.00 -11.27
CA SER A 5 -11.26 6.32 -11.19
C SER A 5 -10.43 6.39 -9.93
N MET A 6 -9.71 7.46 -9.73
CA MET A 6 -8.94 7.58 -8.54
C MET A 6 -9.81 8.05 -7.41
N CYS A 7 -9.91 7.23 -6.41
CA CYS A 7 -10.75 7.51 -5.25
C CYS A 7 -10.09 8.48 -4.31
N ASP A 8 -10.92 9.26 -3.63
CA ASP A 8 -10.43 10.27 -2.70
C ASP A 8 -9.65 9.62 -1.57
N LYS A 9 -8.49 10.16 -1.31
CA LYS A 9 -7.53 9.63 -0.37
C LYS A 9 -8.10 9.55 1.04
N THR A 10 -8.90 10.54 1.40
CA THR A 10 -9.39 10.67 2.77
C THR A 10 -10.50 9.68 3.14
N LYS A 11 -10.96 8.88 2.20
CA LYS A 11 -12.05 7.95 2.50
C LYS A 11 -11.59 6.49 2.56
N PHE A 12 -10.30 6.29 2.81
CA PHE A 12 -9.75 4.95 2.93
C PHE A 12 -9.62 4.56 4.39
N LYS A 13 -9.83 3.30 4.68
CA LYS A 13 -9.69 2.79 6.03
C LYS A 13 -8.97 1.45 6.02
N TRP A 14 -8.15 1.21 7.03
CA TRP A 14 -7.38 0.00 7.09
C TRP A 14 -8.23 -1.20 7.45
N LYS A 15 -8.13 -2.24 6.65
CA LYS A 15 -8.80 -3.49 6.96
C LYS A 15 -7.78 -4.48 7.46
N ARG A 16 -6.77 -4.69 6.65
CA ARG A 16 -5.71 -5.63 6.96
C ARG A 16 -4.38 -4.91 6.92
N VAL A 17 -3.60 -5.06 7.96
CA VAL A 17 -2.31 -4.42 8.03
C VAL A 17 -1.29 -5.16 7.17
N PRO A 18 -0.25 -4.44 6.69
CA PRO A 18 0.81 -5.04 5.87
C PRO A 18 1.46 -6.26 6.52
N VAL A 19 1.51 -7.33 5.77
CA VAL A 19 2.15 -8.57 6.21
C VAL A 19 2.71 -9.33 5.00
N ASP A 20 3.86 -9.96 5.17
CA ASP A 20 4.44 -10.76 4.09
C ASP A 20 3.78 -12.13 4.09
N SER A 21 3.64 -12.70 2.92
CA SER A 21 3.00 -14.01 2.80
C SER A 21 4.05 -15.11 2.60
N GLY A 22 5.24 -14.89 3.13
CA GLY A 22 6.30 -15.88 3.02
C GLY A 22 7.00 -15.86 1.67
N HIS A 23 6.48 -15.08 0.75
CA HIS A 23 7.06 -15.00 -0.59
C HIS A 23 7.75 -13.66 -0.85
N ASP A 24 8.27 -13.07 0.23
CA ASP A 24 9.05 -11.82 0.17
C ASP A 24 8.29 -10.63 -0.39
N THR A 25 6.99 -10.60 -0.20
CA THR A 25 6.20 -9.45 -0.61
C THR A 25 5.28 -9.07 0.54
N VAL A 26 5.04 -7.78 0.68
CA VAL A 26 4.22 -7.27 1.74
C VAL A 26 2.84 -6.95 1.20
N VAL A 27 1.82 -7.50 1.83
CA VAL A 27 0.45 -7.30 1.38
C VAL A 27 -0.43 -6.71 2.48
N MET A 28 -1.21 -5.72 2.11
CA MET A 28 -2.14 -5.09 2.99
C MET A 28 -3.48 -4.96 2.28
N GLU A 29 -4.56 -4.78 3.03
CA GLU A 29 -5.87 -4.61 2.44
C GLU A 29 -6.57 -3.40 3.01
N VAL A 30 -7.19 -2.63 2.15
CA VAL A 30 -7.87 -1.43 2.55
C VAL A 30 -9.32 -1.43 2.08
N SER A 31 -10.15 -0.86 2.89
CA SER A 31 -11.56 -0.73 2.58
C SER A 31 -11.86 0.75 2.31
N TYR A 32 -12.87 1.01 1.49
CA TYR A 32 -13.16 2.39 1.13
C TYR A 32 -14.58 2.75 1.54
N THR A 33 -14.73 3.84 2.29
CA THR A 33 -16.01 4.23 2.85
C THR A 33 -16.73 5.28 2.01
N GLY A 34 -16.15 5.62 0.87
CA GLY A 34 -16.75 6.61 0.00
C GLY A 34 -17.49 5.99 -1.16
N SER A 35 -17.80 6.81 -2.16
CA SER A 35 -18.48 6.35 -3.35
C SER A 35 -17.47 6.08 -4.47
N ASP A 36 -17.99 5.94 -5.70
CA ASP A 36 -17.17 5.76 -6.91
C ASP A 36 -16.51 4.39 -6.95
N LYS A 37 -17.05 3.46 -6.19
CA LYS A 37 -16.53 2.10 -6.14
C LYS A 37 -17.26 1.21 -7.15
N PRO A 38 -16.56 0.25 -7.80
CA PRO A 38 -15.10 0.03 -7.63
C PRO A 38 -14.25 1.14 -8.26
N CYS A 39 -13.04 1.29 -7.75
CA CYS A 39 -12.14 2.37 -8.22
C CYS A 39 -10.66 2.03 -7.99
N ARG A 40 -9.79 2.98 -8.31
CA ARG A 40 -8.33 2.85 -8.13
C ARG A 40 -7.86 3.45 -6.78
N ILE A 41 -6.79 2.86 -6.23
CA ILE A 41 -6.25 3.28 -4.93
C ILE A 41 -4.93 4.06 -5.07
N PRO A 42 -4.83 5.24 -4.43
CA PRO A 42 -3.57 5.99 -4.35
C PRO A 42 -2.65 5.41 -3.26
N VAL A 43 -1.55 4.79 -3.67
CA VAL A 43 -0.64 4.15 -2.73
C VAL A 43 0.82 4.56 -2.98
N ARG A 44 1.53 4.85 -1.89
CA ARG A 44 2.95 5.21 -1.97
C ARG A 44 3.66 4.83 -0.67
N ALA A 45 4.98 4.69 -0.71
CA ALA A 45 5.75 4.37 0.48
C ALA A 45 7.09 5.07 0.41
N VAL A 46 7.60 5.44 1.57
CA VAL A 46 8.88 6.14 1.66
C VAL A 46 9.75 5.50 2.73
N ALA A 47 11.02 5.82 2.70
CA ALA A 47 11.94 5.29 3.67
C ALA A 47 12.62 6.44 4.40
N HIS A 48 13.25 6.15 5.52
CA HIS A 48 13.94 7.19 6.29
C HIS A 48 15.13 7.69 5.48
N GLY A 49 15.08 8.97 5.11
CA GLY A 49 16.12 9.54 4.28
C GLY A 49 15.72 9.55 2.82
N VAL A 50 14.53 9.03 2.55
CA VAL A 50 13.98 8.96 1.20
C VAL A 50 12.55 9.53 1.20
N PRO A 51 12.39 10.86 1.01
CA PRO A 51 11.10 11.53 1.08
C PRO A 51 10.30 11.52 -0.24
N THR A 52 10.91 11.98 -1.32
CA THR A 52 10.20 12.15 -2.58
C THR A 52 10.43 11.03 -3.57
N ILE A 53 11.03 9.97 -3.11
CA ILE A 53 11.26 8.83 -3.97
C ILE A 53 10.35 7.69 -3.53
N ASN A 54 9.61 7.12 -4.47
CA ASN A 54 8.71 6.02 -4.16
C ASN A 54 9.54 4.76 -3.98
N VAL A 55 9.79 4.41 -2.74
CA VAL A 55 10.64 3.28 -2.43
C VAL A 55 9.96 1.93 -2.71
N ALA A 56 8.65 1.89 -2.52
CA ALA A 56 7.89 0.65 -2.65
C ALA A 56 7.95 0.08 -4.05
N MET A 57 8.36 -1.17 -4.14
CA MET A 57 8.35 -1.87 -5.40
C MET A 57 7.01 -2.55 -5.52
N LEU A 58 6.10 -1.87 -6.18
CA LEU A 58 4.74 -2.35 -6.30
C LEU A 58 4.66 -3.57 -7.19
N ILE A 59 4.15 -4.65 -6.63
CA ILE A 59 4.01 -5.89 -7.36
C ILE A 59 2.67 -5.88 -8.10
N THR A 60 1.65 -5.34 -7.44
CA THR A 60 0.33 -5.23 -8.02
C THR A 60 0.08 -3.81 -8.52
N PRO A 61 0.22 -3.57 -9.83
CA PRO A 61 0.09 -2.23 -10.39
C PRO A 61 -1.36 -1.77 -10.40
N ASN A 62 -1.52 -0.47 -10.28
CA ASN A 62 -2.84 0.21 -10.18
C ASN A 62 -3.80 -0.56 -9.27
N PRO A 63 -3.59 -0.48 -7.94
CA PRO A 63 -4.44 -1.17 -6.97
C PRO A 63 -5.88 -0.68 -7.06
N THR A 64 -6.83 -1.57 -6.82
CA THR A 64 -8.23 -1.24 -6.98
C THR A 64 -9.08 -1.58 -5.76
N ILE A 65 -10.19 -0.87 -5.65
CA ILE A 65 -11.18 -1.09 -4.62
C ILE A 65 -12.41 -1.71 -5.23
N GLU A 66 -12.91 -2.74 -4.61
CA GLU A 66 -14.12 -3.42 -5.01
C GLU A 66 -15.35 -2.61 -4.61
N THR A 67 -16.50 -3.25 -4.62
CA THR A 67 -17.74 -2.60 -4.23
C THR A 67 -17.70 -2.05 -2.79
N SER A 68 -16.92 -2.68 -1.91
CA SER A 68 -16.79 -2.18 -0.54
C SER A 68 -15.32 -1.93 -0.17
N GLY A 69 -14.44 -2.79 -0.63
CA GLY A 69 -13.04 -2.66 -0.30
C GLY A 69 -12.19 -3.53 -1.17
N GLY A 70 -11.79 -4.68 -0.66
CA GLY A 70 -11.00 -5.62 -1.45
C GLY A 70 -9.72 -5.01 -2.00
N GLY A 71 -9.16 -4.05 -1.28
CA GLY A 71 -7.98 -3.40 -1.74
C GLY A 71 -6.74 -4.15 -1.36
N PHE A 72 -6.46 -5.23 -2.08
CA PHE A 72 -5.31 -6.05 -1.80
C PHE A 72 -4.11 -5.48 -2.54
N ILE A 73 -3.17 -4.97 -1.77
CA ILE A 73 -1.98 -4.34 -2.33
C ILE A 73 -0.75 -5.17 -2.00
N GLU A 74 0.06 -5.46 -3.02
CA GLU A 74 1.28 -6.22 -2.81
C GLU A 74 2.49 -5.42 -3.29
N MET A 75 3.47 -5.23 -2.40
CA MET A 75 4.67 -4.49 -2.70
C MET A 75 5.87 -5.04 -1.96
N GLN A 76 7.05 -4.71 -2.43
CA GLN A 76 8.28 -5.10 -1.78
C GLN A 76 9.00 -3.86 -1.26
N LEU A 77 9.43 -3.93 -0.02
CA LEU A 77 10.09 -2.81 0.63
C LEU A 77 11.54 -3.14 1.01
N PRO A 78 12.38 -2.09 1.11
CA PRO A 78 13.77 -2.23 1.48
C PRO A 78 13.94 -2.30 3.00
N PRO A 79 15.07 -2.83 3.48
CA PRO A 79 15.33 -2.95 4.92
C PRO A 79 15.35 -1.60 5.60
N GLY A 80 14.85 -1.56 6.82
CA GLY A 80 14.80 -0.32 7.56
C GLY A 80 13.39 0.07 7.90
N ASP A 81 13.22 1.31 8.32
CA ASP A 81 11.91 1.82 8.70
C ASP A 81 11.27 2.53 7.51
N ASN A 82 10.19 1.99 7.01
CA ASN A 82 9.49 2.55 5.87
C ASN A 82 8.12 3.05 6.26
N ILE A 83 7.64 4.06 5.56
CA ILE A 83 6.31 4.62 5.82
C ILE A 83 5.42 4.40 4.60
N ILE A 84 4.36 3.66 4.77
CA ILE A 84 3.44 3.38 3.67
C ILE A 84 2.20 4.25 3.80
N TYR A 85 1.83 4.93 2.73
CA TYR A 85 0.64 5.76 2.74
C TYR A 85 -0.36 5.23 1.73
N VAL A 86 -1.57 5.06 2.18
CA VAL A 86 -2.68 4.66 1.34
C VAL A 86 -3.77 5.68 1.50
N GLY A 87 -3.97 6.51 0.49
CA GLY A 87 -4.89 7.60 0.65
C GLY A 87 -4.36 8.60 1.67
N ASP A 88 -5.12 8.84 2.73
CA ASP A 88 -4.65 9.69 3.81
C ASP A 88 -4.17 8.84 4.99
N LEU A 89 -4.09 7.53 4.77
CA LEU A 89 -3.68 6.58 5.80
C LEU A 89 -2.18 6.42 5.82
N SER A 90 -1.63 6.13 6.98
CA SER A 90 -0.21 5.89 7.12
C SER A 90 0.03 4.60 7.91
N GLN A 91 1.13 3.94 7.61
CA GLN A 91 1.50 2.71 8.28
C GLN A 91 2.99 2.43 8.08
N GLN A 92 3.72 2.32 9.18
CA GLN A 92 5.14 2.06 9.10
C GLN A 92 5.46 0.58 9.01
N TRP A 93 6.42 0.26 8.16
CA TRP A 93 6.87 -1.10 7.98
C TRP A 93 8.36 -1.19 8.22
N PHE A 94 8.76 -2.04 9.13
CA PHE A 94 10.15 -2.25 9.39
C PHE A 94 10.59 -3.54 8.71
N GLN A 95 11.46 -3.41 7.73
CA GLN A 95 11.92 -4.55 6.99
C GLN A 95 13.31 -4.97 7.48
N LYS A 96 13.52 -6.27 7.56
CA LYS A 96 14.79 -6.82 8.04
C LYS A 96 15.91 -6.59 7.02
N GLY A 97 17.13 -6.67 7.48
CA GLY A 97 18.27 -6.55 6.61
C GLY A 97 18.74 -7.90 6.14
N SER A 98 19.89 -7.95 5.50
CA SER A 98 20.44 -9.20 5.03
C SER A 98 21.23 -9.89 6.14
N THR A 99 22.40 -9.36 6.44
CA THR A 99 23.25 -9.89 7.49
C THR A 99 24.33 -8.85 7.87
N ILE A 100 24.17 -8.26 9.04
CA ILE A 100 25.11 -7.25 9.52
C ILE A 100 25.67 -7.60 10.88
N GLY A 101 25.51 -8.86 11.29
CA GLY A 101 26.00 -9.29 12.58
C GLY A 101 25.11 -8.79 13.71
N ARG A 102 23.83 -8.68 13.43
CA ARG A 102 22.87 -8.20 14.41
C ARG A 102 21.92 -9.33 14.81
#